data_2X24
#
_entry.id   2X24
#
_cell.length_a   225.193
_cell.length_b   104.867
_cell.length_c   85.078
_cell.angle_alpha   90.00
_cell.angle_beta   95.67
_cell.angle_gamma   90.00
#
_symmetry.space_group_name_H-M   'C 1 2 1'
#
loop_
_entity.id
_entity.type
_entity.pdbx_description
1 polymer 'ACETYL-COA CARBOXYLASE'
2 non-polymer 'TERT-BUTYL [(TRANS-4-{[({2-[4-(AMINOMETHYL)PHENYL]QUINOLIN-4-YL}CARBONYL)AMINO]METHYL}CYCLOHEXYL)METHYL]CARBAMATE'
3 water water
#
_entity_poly.entity_id   1
_entity_poly.type   'polypeptide(L)'
_entity_poly.pdbx_seq_one_letter_code
;MGSSHHHHHHSSGLVPRGSGPQHGMLINTPYVTKDLLQAKRFQAQSLGTTYVYDFPEMFRQALFKMWPSPDKYPKDILTY
TELVLDPQGQLVEMNRLPGGNEVGMVAFKMTLKTLEYPEGRDIILISNDITFRIGSFGPGEDLLYLRASELARAEGIPRV
YLAANSGARIGLAEEIKHMFQVAWVDPEDPHKGIKYLYLTPQDYTRISSLNSVHCKHVEEDGESRYVITDIIGKEEGLGV
ENLRGSGMIAGETSQDYDEIVTISMVSCRALGIGAYLVRLGQRVIQVENSHIILTGATALNKVLGRDVYTSNNQLGGVQI
MHHNGVSHVTVPDDFEGVCTILEWLSYMPKDNRSPVPVVTPKDPIDREIEFQPSRGPYDPRWLLAGRPHPTLKGSWQSGF
FDQGSFKEIMVPWAQTVVTGRARLGGIPVGVIAAETRTVELVVPADPANLDSEAKIIQQAGQVWFPDSAYKTAQAIKDFN
REKLPLMIFANWRGFSGGMKDMYDQVLKFGAYIVDGLRKYRQPVLIYIPPYAEVRGGSWAVMDTSINPLCIEMYADRESR
ASVLEPEGTVEIKYQKKDLVKTIRRLDPISKKLVEQLGVSELSDTDRKELEGQLKAREDLLLPMYHQVALHFADLHDTAG
RMLEKGVIYDILEWKTARSFLYWRLRRLLLESQVKQEVLRACPELSHMHVQSMLRRWFVETEGAVKAYLWDNNQTVVQWL
EAHGQASDVLHSTIRENITCLRRDSALKTIQGLVQENPELAMDSLVYVSQHISPAERAQVIHLLSTTDGPAST
;
_entity_poly.pdbx_strand_id   A,B
#
# COMPACT_ATOMS: atom_id res chain seq x y z
N LEU A 37 -2.10 -5.73 45.55
CA LEU A 37 -3.30 -5.60 44.72
C LEU A 37 -3.74 -4.15 44.49
N GLN A 38 -3.87 -3.36 45.58
CA GLN A 38 -4.30 -1.95 45.53
C GLN A 38 -3.12 -1.03 45.23
N ALA A 39 -1.88 -1.55 45.33
CA ALA A 39 -0.66 -0.80 45.03
C ALA A 39 -0.53 -0.68 43.51
N LYS A 40 -0.71 -1.81 42.79
CA LYS A 40 -0.70 -1.89 41.32
C LYS A 40 -1.93 -1.16 40.75
N ARG A 41 -3.09 -1.29 41.45
CA ARG A 41 -4.36 -0.62 41.10
C ARG A 41 -4.29 0.91 41.23
N PHE A 42 -3.33 1.43 42.02
CA PHE A 42 -3.12 2.87 42.21
C PHE A 42 -2.16 3.41 41.16
N GLN A 43 -1.05 2.66 40.89
CA GLN A 43 -0.04 3.01 39.90
C GLN A 43 -0.64 3.18 38.48
N ALA A 44 -1.66 2.37 38.14
CA ALA A 44 -2.37 2.40 36.87
C ALA A 44 -3.30 3.62 36.76
N GLN A 45 -4.19 3.82 37.77
CA GLN A 45 -5.10 4.96 37.82
C GLN A 45 -4.36 6.30 37.89
N SER A 46 -3.13 6.33 38.47
CA SER A 46 -2.31 7.53 38.55
C SER A 46 -1.71 7.86 37.17
N LEU A 47 -1.57 6.81 36.30
CA LEU A 47 -1.10 6.90 34.92
C LEU A 47 -2.29 7.09 33.96
N GLY A 48 -3.50 7.15 34.52
CA GLY A 48 -4.76 7.36 33.80
C GLY A 48 -5.40 6.15 33.15
N THR A 49 -4.69 5.00 33.17
CA THR A 49 -5.11 3.74 32.55
C THR A 49 -5.91 2.83 33.50
N THR A 50 -6.23 1.59 33.03
CA THR A 50 -6.92 0.51 33.77
C THR A 50 -5.89 -0.60 34.07
N TYR A 51 -5.79 -1.03 35.36
CA TYR A 51 -4.88 -2.11 35.74
C TYR A 51 -5.34 -3.38 35.06
N VAL A 52 -4.42 -3.98 34.30
CA VAL A 52 -4.55 -5.17 33.46
C VAL A 52 -5.46 -6.31 33.97
N TYR A 53 -5.36 -6.67 35.27
CA TYR A 53 -6.19 -7.73 35.86
C TYR A 53 -7.62 -7.33 36.18
N ASP A 54 -7.93 -6.03 36.02
CA ASP A 54 -9.27 -5.50 36.19
C ASP A 54 -10.04 -5.45 34.86
N PHE A 55 -9.32 -5.55 33.72
CA PHE A 55 -9.90 -5.52 32.38
C PHE A 55 -11.01 -6.57 32.10
N PRO A 56 -10.89 -7.87 32.49
CA PRO A 56 -11.98 -8.82 32.20
C PRO A 56 -13.31 -8.49 32.89
N GLU A 57 -13.26 -7.77 34.03
CA GLU A 57 -14.47 -7.31 34.70
C GLU A 57 -15.13 -6.14 33.93
N MET A 58 -14.36 -5.41 33.08
CA MET A 58 -14.87 -4.34 32.20
C MET A 58 -15.62 -5.02 31.05
N PHE A 59 -15.11 -6.19 30.60
CA PHE A 59 -15.70 -6.98 29.53
C PHE A 59 -17.01 -7.62 30.00
N ARG A 60 -17.03 -8.23 31.22
CA ARG A 60 -18.23 -8.84 31.83
C ARG A 60 -19.35 -7.80 32.00
N GLN A 61 -18.98 -6.57 32.47
CA GLN A 61 -19.88 -5.43 32.69
C GLN A 61 -20.44 -4.75 31.42
N ALA A 62 -19.61 -4.68 30.35
CA ALA A 62 -20.04 -4.07 29.10
C ALA A 62 -20.95 -5.03 28.33
N LEU A 63 -20.84 -6.35 28.62
CA LEU A 63 -21.68 -7.39 28.02
C LEU A 63 -23.12 -7.30 28.55
N PHE A 64 -23.28 -6.83 29.81
CA PHE A 64 -24.58 -6.59 30.45
C PHE A 64 -25.28 -5.43 29.75
N LYS A 65 -24.49 -4.37 29.40
CA LYS A 65 -24.93 -3.14 28.72
C LYS A 65 -25.43 -3.45 27.30
N MET A 66 -24.62 -4.19 26.54
CA MET A 66 -24.88 -4.61 25.16
C MET A 66 -26.05 -5.61 25.06
N TRP A 67 -26.33 -6.35 26.15
CA TRP A 67 -27.39 -7.35 26.22
C TRP A 67 -28.80 -6.73 26.20
N PRO A 68 -29.75 -7.29 25.40
CA PRO A 68 -31.11 -6.72 25.36
C PRO A 68 -32.14 -7.33 26.32
N SER A 69 -32.84 -6.45 27.07
CA SER A 69 -33.97 -6.72 27.99
C SER A 69 -33.79 -7.58 29.28
N PRO A 70 -33.51 -6.94 30.46
CA PRO A 70 -33.49 -7.70 31.74
C PRO A 70 -34.87 -7.66 32.44
N ASP A 71 -35.30 -8.72 33.19
CA ASP A 71 -34.58 -9.96 33.44
C ASP A 71 -34.78 -11.04 32.38
N LYS A 72 -33.63 -11.59 31.91
CA LYS A 72 -33.37 -12.66 30.95
C LYS A 72 -31.89 -12.61 30.50
N TYR A 73 -31.03 -12.03 31.38
CA TYR A 73 -29.57 -11.95 31.23
C TYR A 73 -29.05 -13.39 31.23
N PRO A 74 -28.07 -13.75 30.39
CA PRO A 74 -27.62 -15.15 30.38
C PRO A 74 -26.70 -15.51 31.55
N LYS A 75 -26.69 -16.80 31.87
CA LYS A 75 -25.83 -17.41 32.87
C LYS A 75 -24.46 -17.56 32.21
N ASP A 76 -23.39 -17.09 32.89
CA ASP A 76 -21.99 -17.10 32.43
C ASP A 76 -21.80 -16.26 31.18
N ILE A 77 -22.23 -14.97 31.23
CA ILE A 77 -22.07 -14.03 30.12
C ILE A 77 -20.57 -13.93 29.69
N LEU A 78 -19.64 -14.00 30.67
CA LEU A 78 -18.20 -13.97 30.42
C LEU A 78 -17.44 -15.04 31.17
N THR A 79 -16.80 -15.92 30.40
CA THR A 79 -15.96 -17.00 30.87
C THR A 79 -14.58 -16.83 30.22
N TYR A 80 -13.47 -17.02 30.98
CA TYR A 80 -12.09 -16.90 30.51
C TYR A 80 -11.06 -17.74 31.28
N THR A 81 -9.88 -17.95 30.66
CA THR A 81 -8.74 -18.68 31.23
C THR A 81 -7.47 -17.89 30.90
N GLU A 82 -6.73 -17.42 31.93
CA GLU A 82 -5.49 -16.65 31.78
C GLU A 82 -4.42 -17.43 31.06
N LEU A 83 -3.82 -16.82 30.03
CA LEU A 83 -2.75 -17.46 29.24
C LEU A 83 -1.40 -17.00 29.75
N VAL A 84 -0.61 -17.99 30.17
CA VAL A 84 0.71 -17.86 30.79
C VAL A 84 1.66 -18.77 30.03
N LEU A 85 2.98 -18.51 30.11
CA LEU A 85 3.97 -19.37 29.47
C LEU A 85 4.66 -20.23 30.52
N ASP A 86 4.94 -21.50 30.19
CA ASP A 86 5.64 -22.42 31.09
C ASP A 86 7.18 -22.30 30.89
N PRO A 87 8.04 -22.77 31.85
CA PRO A 87 9.50 -22.68 31.64
C PRO A 87 10.02 -23.28 30.32
N GLN A 88 9.18 -24.09 29.64
CA GLN A 88 9.49 -24.72 28.36
C GLN A 88 9.28 -23.73 27.18
N GLY A 89 8.84 -22.52 27.50
CA GLY A 89 8.58 -21.46 26.53
C GLY A 89 7.31 -21.68 25.75
N GLN A 90 6.38 -22.46 26.31
CA GLN A 90 5.09 -22.77 25.68
C GLN A 90 3.91 -22.23 26.48
N LEU A 91 2.84 -21.87 25.79
CA LEU A 91 1.62 -21.30 26.37
C LEU A 91 0.81 -22.36 27.14
N VAL A 92 0.15 -21.95 28.26
CA VAL A 92 -0.71 -22.80 29.08
C VAL A 92 -1.91 -22.03 29.69
N GLU A 93 -3.11 -22.62 29.61
CA GLU A 93 -4.38 -22.04 30.03
C GLU A 93 -4.62 -21.95 31.55
N MET A 94 -3.55 -22.00 32.36
CA MET A 94 -3.59 -21.97 33.83
C MET A 94 -4.25 -20.73 34.43
N ASN A 95 -5.16 -20.94 35.41
CA ASN A 95 -5.89 -19.88 36.12
C ASN A 95 -5.33 -19.67 37.53
N ARG A 96 -4.81 -18.46 37.81
CA ARG A 96 -4.21 -18.04 39.09
C ARG A 96 -4.91 -16.81 39.68
N LEU A 97 -4.32 -16.22 40.75
CA LEU A 97 -4.84 -15.01 41.39
C LEU A 97 -4.22 -13.74 40.80
N PRO A 98 -5.03 -12.66 40.59
CA PRO A 98 -4.48 -11.42 39.98
C PRO A 98 -3.30 -10.80 40.71
N GLY A 99 -2.31 -10.34 39.94
CA GLY A 99 -1.11 -9.70 40.45
C GLY A 99 0.15 -10.55 40.35
N GLY A 100 -0.03 -11.87 40.30
CA GLY A 100 1.05 -12.84 40.25
C GLY A 100 1.68 -13.02 38.89
N ASN A 101 2.13 -11.92 38.27
CA ASN A 101 2.76 -11.91 36.96
C ASN A 101 4.28 -11.79 37.06
N GLU A 102 4.99 -12.63 36.30
CA GLU A 102 6.45 -12.65 36.24
C GLU A 102 6.97 -11.94 34.99
N VAL A 103 6.07 -11.54 34.06
CA VAL A 103 6.35 -10.76 32.85
C VAL A 103 5.31 -9.63 32.72
N GLY A 104 5.68 -8.53 32.06
CA GLY A 104 4.84 -7.35 31.90
C GLY A 104 3.91 -7.35 30.69
N MET A 105 3.20 -8.44 30.49
CA MET A 105 2.26 -8.69 29.40
C MET A 105 1.29 -9.76 29.93
N VAL A 106 -0.01 -9.55 29.73
CA VAL A 106 -1.06 -10.48 30.18
C VAL A 106 -1.94 -10.82 28.99
N ALA A 107 -2.18 -12.11 28.80
CA ALA A 107 -3.08 -12.61 27.77
C ALA A 107 -4.16 -13.46 28.47
N PHE A 108 -5.34 -13.52 27.85
CA PHE A 108 -6.52 -14.26 28.30
C PHE A 108 -7.26 -14.79 27.08
N LYS A 109 -7.71 -16.05 27.16
CA LYS A 109 -8.61 -16.63 26.16
C LYS A 109 -9.93 -16.44 26.87
N MET A 110 -10.90 -15.79 26.22
CA MET A 110 -12.20 -15.55 26.79
C MET A 110 -13.28 -16.10 25.88
N THR A 111 -14.49 -16.31 26.45
CA THR A 111 -15.74 -16.72 25.78
C THR A 111 -16.73 -15.65 26.20
N LEU A 112 -17.30 -14.94 25.22
CA LEU A 112 -18.23 -13.83 25.43
C LEU A 112 -19.59 -14.23 24.98
N LYS A 113 -20.63 -13.76 25.68
CA LYS A 113 -22.01 -14.04 25.28
C LYS A 113 -22.61 -12.74 24.75
N THR A 114 -23.14 -12.79 23.52
CA THR A 114 -23.63 -11.62 22.79
C THR A 114 -24.96 -11.95 22.12
N LEU A 115 -25.70 -10.92 21.67
CA LEU A 115 -26.96 -11.08 20.93
C LEU A 115 -26.71 -11.85 19.62
N GLU A 116 -25.49 -11.70 19.06
CA GLU A 116 -25.01 -12.34 17.82
C GLU A 116 -24.68 -13.81 18.06
N TYR A 117 -24.05 -14.11 19.21
CA TYR A 117 -23.64 -15.45 19.63
C TYR A 117 -24.02 -15.71 21.11
N PRO A 118 -25.33 -15.98 21.39
CA PRO A 118 -25.77 -16.20 22.79
C PRO A 118 -25.20 -17.42 23.55
N GLU A 119 -24.63 -18.39 22.84
CA GLU A 119 -23.94 -19.56 23.41
C GLU A 119 -22.44 -19.25 23.69
N GLY A 120 -21.94 -18.21 23.05
CA GLY A 120 -20.57 -17.74 23.22
C GLY A 120 -19.75 -17.62 21.95
N ARG A 121 -18.85 -16.63 21.96
CA ARG A 121 -17.86 -16.32 20.93
C ARG A 121 -16.50 -16.18 21.59
N ASP A 122 -15.45 -16.74 20.98
CA ASP A 122 -14.09 -16.71 21.51
C ASP A 122 -13.23 -15.61 20.91
N ILE A 123 -12.34 -15.04 21.76
CA ILE A 123 -11.33 -14.03 21.46
C ILE A 123 -10.08 -14.28 22.30
N ILE A 124 -8.94 -13.72 21.86
CA ILE A 124 -7.69 -13.71 22.61
C ILE A 124 -7.48 -12.26 23.02
N LEU A 125 -7.36 -12.03 24.33
CA LEU A 125 -7.17 -10.70 24.91
C LEU A 125 -5.76 -10.54 25.44
N ILE A 126 -4.86 -9.90 24.65
CA ILE A 126 -3.46 -9.61 25.05
C ILE A 126 -3.46 -8.18 25.61
N SER A 127 -2.63 -7.91 26.62
CA SER A 127 -2.56 -6.57 27.22
C SER A 127 -1.21 -6.31 27.88
N ASN A 128 -0.74 -5.06 27.81
CA ASN A 128 0.54 -4.67 28.41
C ASN A 128 0.33 -4.34 29.90
N ASP A 129 1.25 -4.83 30.74
CA ASP A 129 1.22 -4.49 32.16
C ASP A 129 2.07 -3.23 32.31
N ILE A 130 1.39 -2.09 32.54
CA ILE A 130 1.95 -0.75 32.68
C ILE A 130 2.68 -0.53 34.04
N THR A 131 2.47 -1.47 34.99
CA THR A 131 3.10 -1.45 36.31
C THR A 131 4.50 -2.11 36.24
N PHE A 132 4.56 -3.30 35.65
CA PHE A 132 5.77 -4.12 35.51
C PHE A 132 6.73 -3.48 34.53
N ARG A 133 7.84 -2.94 35.07
CA ARG A 133 8.93 -2.31 34.32
C ARG A 133 8.43 -1.24 33.32
N ILE A 134 7.37 -0.49 33.74
CA ILE A 134 6.67 0.58 33.03
C ILE A 134 6.11 0.20 31.64
N GLY A 135 5.68 -1.04 31.50
CA GLY A 135 5.14 -1.55 30.25
C GLY A 135 6.14 -1.75 29.13
N SER A 136 7.43 -1.91 29.45
CA SER A 136 8.43 -2.14 28.41
C SER A 136 8.30 -3.54 27.80
N PHE A 137 8.94 -3.77 26.65
CA PHE A 137 8.94 -5.05 25.98
C PHE A 137 10.31 -5.70 26.15
N GLY A 138 10.35 -6.81 26.87
CA GLY A 138 11.53 -7.63 27.05
C GLY A 138 11.34 -8.94 26.30
N PRO A 139 12.22 -9.95 26.46
CA PRO A 139 12.00 -11.22 25.74
C PRO A 139 10.70 -11.92 26.14
N GLY A 140 10.43 -11.97 27.46
CA GLY A 140 9.26 -12.61 28.07
C GLY A 140 7.94 -11.96 27.75
N GLU A 141 7.97 -10.66 27.38
CA GLU A 141 6.79 -9.87 26.99
C GLU A 141 6.51 -10.08 25.50
N ASP A 142 7.58 -10.09 24.67
CA ASP A 142 7.54 -10.35 23.22
C ASP A 142 7.01 -11.74 22.95
N LEU A 143 7.57 -12.74 23.65
CA LEU A 143 7.25 -14.16 23.54
C LEU A 143 5.80 -14.48 23.90
N LEU A 144 5.25 -13.90 24.98
CA LEU A 144 3.84 -14.11 25.35
C LEU A 144 2.92 -13.56 24.25
N TYR A 145 3.21 -12.31 23.80
CA TYR A 145 2.46 -11.65 22.73
C TYR A 145 2.47 -12.55 21.51
N LEU A 146 3.63 -13.12 21.15
CA LEU A 146 3.80 -14.02 19.99
C LEU A 146 2.98 -15.30 20.11
N ARG A 147 3.13 -16.04 21.24
CA ARG A 147 2.44 -17.33 21.52
C ARG A 147 0.93 -17.20 21.66
N ALA A 148 0.45 -16.04 22.14
CA ALA A 148 -0.99 -15.85 22.26
C ALA A 148 -1.57 -15.48 20.88
N SER A 149 -0.84 -14.63 20.12
CA SER A 149 -1.16 -14.21 18.75
C SER A 149 -1.15 -15.42 17.79
N GLU A 150 -0.16 -16.34 17.94
CA GLU A 150 -0.09 -17.59 17.17
C GLU A 150 -1.26 -18.55 17.52
N LEU A 151 -1.71 -18.54 18.78
CA LEU A 151 -2.86 -19.33 19.22
C LEU A 151 -4.17 -18.78 18.60
N ALA A 152 -4.33 -17.46 18.53
CA ALA A 152 -5.51 -16.88 17.91
C ALA A 152 -5.48 -17.19 16.42
N ARG A 153 -4.32 -17.07 15.77
CA ARG A 153 -4.15 -17.38 14.35
C ARG A 153 -4.52 -18.82 13.97
N ALA A 154 -4.22 -19.78 14.86
CA ALA A 154 -4.46 -21.21 14.68
C ALA A 154 -5.96 -21.50 14.78
N GLU A 155 -6.63 -20.89 15.77
CA GLU A 155 -8.07 -21.02 15.95
C GLU A 155 -8.84 -20.18 14.94
N GLY A 156 -8.28 -19.05 14.56
CA GLY A 156 -8.91 -18.11 13.64
C GLY A 156 -9.88 -17.15 14.30
N ILE A 157 -9.75 -17.00 15.61
CA ILE A 157 -10.63 -16.17 16.44
C ILE A 157 -10.04 -14.75 16.63
N PRO A 158 -10.87 -13.71 16.85
CA PRO A 158 -10.32 -12.35 17.04
C PRO A 158 -9.20 -12.14 18.09
N ARG A 159 -8.18 -11.37 17.69
CA ARG A 159 -7.07 -10.99 18.54
C ARG A 159 -7.27 -9.54 18.94
N VAL A 160 -7.60 -9.30 20.22
CA VAL A 160 -7.80 -7.97 20.79
C VAL A 160 -6.59 -7.62 21.66
N TYR A 161 -5.91 -6.53 21.30
CA TYR A 161 -4.68 -6.09 21.97
C TYR A 161 -4.87 -4.78 22.74
N LEU A 162 -4.43 -4.78 24.01
CA LEU A 162 -4.52 -3.59 24.86
C LEU A 162 -3.14 -2.98 25.10
N ALA A 163 -2.90 -1.83 24.43
CA ALA A 163 -1.63 -1.12 24.47
C ALA A 163 -1.50 -0.04 25.57
N ALA A 164 -0.40 -0.12 26.35
CA ALA A 164 0.02 0.79 27.43
C ALA A 164 1.49 0.42 27.67
N ASN A 165 2.37 0.91 26.77
CA ASN A 165 3.76 0.51 26.79
C ASN A 165 4.82 1.55 26.58
N SER A 166 6.08 1.17 26.90
CA SER A 166 7.28 2.00 26.80
C SER A 166 8.26 1.51 25.72
N GLY A 167 7.81 0.60 24.85
CA GLY A 167 8.61 0.04 23.77
C GLY A 167 9.63 -0.98 24.25
N ALA A 168 10.62 -1.31 23.41
CA ALA A 168 11.67 -2.31 23.74
C ALA A 168 12.49 -1.98 25.00
N ARG A 169 12.86 -3.02 25.77
CA ARG A 169 13.66 -2.87 26.99
C ARG A 169 15.08 -2.41 26.69
N ILE A 170 15.64 -1.59 27.59
CA ILE A 170 16.97 -1.00 27.46
C ILE A 170 17.80 -1.46 28.67
N GLY A 171 19.09 -1.71 28.44
CA GLY A 171 19.94 -2.19 29.53
C GLY A 171 21.42 -2.12 29.30
N LEU A 172 22.16 -1.82 30.37
CA LEU A 172 23.62 -1.81 30.40
C LEU A 172 24.10 -2.88 31.41
N ALA A 173 25.35 -3.36 31.26
CA ALA A 173 25.94 -4.35 32.17
C ALA A 173 26.28 -3.64 33.50
N GLU A 174 25.48 -3.90 34.56
CA GLU A 174 25.67 -3.25 35.87
C GLU A 174 26.80 -3.86 36.69
N GLU A 175 27.10 -5.12 36.41
CA GLU A 175 28.20 -5.87 37.00
C GLU A 175 29.53 -5.23 36.53
N ILE A 176 29.67 -5.00 35.20
CA ILE A 176 30.81 -4.36 34.53
C ILE A 176 30.89 -2.86 34.84
N LYS A 177 29.77 -2.23 35.17
CA LYS A 177 29.69 -0.80 35.50
C LYS A 177 30.45 -0.43 36.79
N HIS A 178 30.29 -1.24 37.83
CA HIS A 178 30.92 -1.04 39.14
C HIS A 178 32.32 -1.65 39.25
N MET A 179 32.90 -2.14 38.12
CA MET A 179 34.25 -2.73 38.11
C MET A 179 35.25 -2.18 37.09
N PHE A 180 34.77 -1.78 35.88
CA PHE A 180 35.56 -1.29 34.74
C PHE A 180 36.53 -0.15 35.08
N GLN A 181 37.69 -0.10 34.39
CA GLN A 181 38.73 0.92 34.60
C GLN A 181 38.94 1.76 33.34
N VAL A 182 39.43 3.01 33.50
CA VAL A 182 39.71 3.94 32.39
C VAL A 182 41.22 4.20 32.22
N ALA A 183 41.70 4.12 30.95
CA ALA A 183 43.05 4.45 30.47
C ALA A 183 42.94 5.76 29.67
N TRP A 184 43.40 6.86 30.28
CA TRP A 184 43.33 8.21 29.75
C TRP A 184 44.48 8.53 28.81
N VAL A 185 44.22 9.32 27.73
CA VAL A 185 45.26 9.77 26.77
C VAL A 185 46.35 10.59 27.49
N ASP A 186 45.96 11.26 28.57
CA ASP A 186 46.87 11.96 29.47
C ASP A 186 46.39 11.70 30.91
N PRO A 187 47.19 11.01 31.76
CA PRO A 187 46.72 10.77 33.15
C PRO A 187 46.89 11.99 34.07
N GLU A 188 46.29 13.16 33.70
CA GLU A 188 46.41 14.38 34.49
C GLU A 188 45.12 15.21 34.82
N ASP A 189 44.29 15.78 33.88
CA ASP A 189 44.14 15.84 32.39
C ASP A 189 43.08 14.91 31.75
N PRO A 190 41.77 15.01 32.12
CA PRO A 190 40.76 14.12 31.49
C PRO A 190 40.51 14.43 30.01
N HIS A 191 40.83 15.66 29.61
CA HIS A 191 40.72 16.16 28.23
C HIS A 191 41.90 15.60 27.43
N LYS A 192 41.75 15.59 26.08
CA LYS A 192 42.63 15.00 25.06
C LYS A 192 42.08 13.62 24.60
N GLY A 193 41.20 13.02 25.43
CA GLY A 193 40.51 11.77 25.17
C GLY A 193 40.70 10.58 26.10
N ILE A 194 40.30 9.41 25.59
CA ILE A 194 40.39 8.09 26.21
C ILE A 194 40.99 7.11 25.17
N LYS A 195 41.89 6.23 25.63
CA LYS A 195 42.55 5.23 24.81
C LYS A 195 41.64 4.03 24.60
N TYR A 196 41.04 3.54 25.70
CA TYR A 196 40.16 2.38 25.80
C TYR A 196 39.70 2.24 27.25
N LEU A 197 38.85 1.22 27.51
CA LEU A 197 38.40 0.86 28.86
C LEU A 197 39.00 -0.51 29.18
N TYR A 198 39.30 -0.79 30.47
CA TYR A 198 39.88 -2.07 30.87
C TYR A 198 39.33 -2.69 32.15
N LEU A 199 39.72 -3.95 32.37
CA LEU A 199 39.41 -4.73 33.57
C LEU A 199 40.72 -5.23 34.14
N THR A 200 40.86 -5.16 35.46
CA THR A 200 42.04 -5.65 36.19
C THR A 200 42.03 -7.19 36.04
N PRO A 201 43.19 -7.85 35.79
CA PRO A 201 43.18 -9.33 35.67
C PRO A 201 42.43 -10.10 36.77
N GLN A 202 42.35 -9.56 38.02
CA GLN A 202 41.59 -10.17 39.11
C GLN A 202 40.11 -10.22 38.72
N ASP A 203 39.59 -9.08 38.22
CA ASP A 203 38.19 -8.92 37.81
C ASP A 203 37.81 -9.65 36.55
N TYR A 204 38.71 -9.73 35.55
CA TYR A 204 38.42 -10.46 34.32
C TYR A 204 38.21 -11.95 34.64
N THR A 205 39.07 -12.48 35.52
CA THR A 205 39.07 -13.85 36.00
C THR A 205 37.86 -14.11 36.89
N ARG A 206 37.46 -13.12 37.72
CA ARG A 206 36.32 -13.26 38.61
C ARG A 206 35.01 -13.47 37.83
N ILE A 207 34.75 -12.64 36.81
CA ILE A 207 33.55 -12.81 35.97
C ILE A 207 33.71 -13.93 34.91
N SER A 208 34.50 -14.97 35.28
CA SER A 208 34.83 -16.19 34.53
C SER A 208 35.23 -16.00 33.02
N SER A 209 34.74 -16.73 31.95
CA SER A 209 33.80 -17.85 31.68
C SER A 209 32.27 -17.61 31.78
N LEU A 210 31.83 -16.44 32.31
CA LEU A 210 30.41 -16.08 32.37
C LEU A 210 29.91 -15.51 31.00
N ASN A 211 30.86 -15.21 30.06
CA ASN A 211 30.68 -14.68 28.69
C ASN A 211 30.21 -13.21 28.62
N SER A 212 30.20 -12.48 29.76
CA SER A 212 29.75 -11.09 29.88
C SER A 212 30.60 -10.00 29.17
N VAL A 213 31.90 -10.28 28.94
CA VAL A 213 32.82 -9.38 28.23
C VAL A 213 33.74 -10.12 27.27
N HIS A 214 34.16 -9.44 26.21
CA HIS A 214 35.14 -9.93 25.27
C HIS A 214 36.30 -9.00 25.53
N CYS A 215 37.47 -9.58 25.90
CA CYS A 215 38.70 -8.85 26.27
C CYS A 215 39.92 -9.34 25.54
N LYS A 216 40.83 -8.40 25.26
CA LYS A 216 42.13 -8.67 24.63
C LYS A 216 43.16 -8.37 25.71
N HIS A 217 44.01 -9.37 26.05
CA HIS A 217 45.03 -9.15 27.06
C HIS A 217 46.09 -8.20 26.55
N VAL A 218 46.43 -7.18 27.38
CA VAL A 218 47.42 -6.16 27.05
C VAL A 218 48.39 -5.88 28.22
N GLU A 219 49.68 -5.84 27.90
CA GLU A 219 50.75 -5.50 28.82
C GLU A 219 51.12 -4.04 28.48
N GLU A 220 50.67 -3.10 29.32
CA GLU A 220 50.91 -1.67 29.15
C GLU A 220 51.35 -0.94 30.41
N ASP A 221 52.32 -0.01 30.24
CA ASP A 221 53.06 0.71 31.27
C ASP A 221 53.97 -0.35 31.88
N GLY A 222 53.45 -1.11 32.84
CA GLY A 222 54.13 -2.24 33.48
C GLY A 222 53.14 -3.21 34.05
N GLU A 223 51.84 -2.89 33.90
CA GLU A 223 50.69 -3.65 34.41
C GLU A 223 49.97 -4.43 33.30
N SER A 224 49.47 -5.64 33.64
CA SER A 224 48.66 -6.48 32.77
C SER A 224 47.22 -5.95 32.85
N ARG A 225 46.58 -5.75 31.70
CA ARG A 225 45.20 -5.24 31.62
C ARG A 225 44.37 -5.91 30.53
N TYR A 226 43.04 -5.99 30.75
CA TYR A 226 42.14 -6.59 29.77
C TYR A 226 41.25 -5.55 29.08
N VAL A 227 41.69 -5.06 27.90
CA VAL A 227 40.98 -4.08 27.09
C VAL A 227 39.58 -4.60 26.73
N ILE A 228 38.54 -3.85 27.10
CA ILE A 228 37.18 -4.25 26.80
C ILE A 228 36.88 -3.99 25.31
N THR A 229 36.91 -5.03 24.48
CA THR A 229 36.63 -4.91 23.04
C THR A 229 35.10 -4.88 22.77
N ASP A 230 34.34 -5.69 23.54
CA ASP A 230 32.87 -5.78 23.45
C ASP A 230 32.28 -6.07 24.82
N ILE A 231 31.20 -5.38 25.18
CA ILE A 231 30.45 -5.66 26.41
C ILE A 231 29.19 -6.44 25.95
N ILE A 232 29.04 -7.66 26.49
CA ILE A 232 27.95 -8.59 26.20
C ILE A 232 26.94 -8.55 27.35
N GLY A 233 27.43 -8.84 28.57
CA GLY A 233 26.60 -8.86 29.76
C GLY A 233 25.96 -10.20 30.01
N LYS A 234 25.86 -10.58 31.30
CA LYS A 234 25.26 -11.83 31.77
C LYS A 234 23.74 -11.66 32.05
N GLU A 235 23.03 -10.96 31.15
CA GLU A 235 21.60 -10.70 31.24
C GLU A 235 20.98 -10.69 29.84
N GLU A 236 19.66 -10.95 29.77
CA GLU A 236 18.92 -10.93 28.51
C GLU A 236 18.07 -9.68 28.46
N GLY A 237 17.94 -9.11 27.26
CA GLY A 237 17.17 -7.89 27.03
C GLY A 237 17.91 -6.64 27.41
N LEU A 238 19.10 -6.44 26.83
CA LEU A 238 20.00 -5.30 27.08
C LEU A 238 20.16 -4.43 25.86
N GLY A 239 20.01 -5.04 24.68
CA GLY A 239 20.14 -4.33 23.42
C GLY A 239 19.48 -5.02 22.25
N VAL A 240 20.31 -5.28 21.23
CA VAL A 240 19.98 -5.85 19.92
C VAL A 240 18.96 -6.98 19.94
N GLU A 241 19.06 -7.93 20.90
CA GLU A 241 18.14 -9.07 21.00
C GLU A 241 16.66 -8.68 21.25
N ASN A 242 16.40 -7.46 21.77
CA ASN A 242 15.03 -6.95 21.99
C ASN A 242 14.33 -6.50 20.72
N LEU A 243 15.11 -6.34 19.64
CA LEU A 243 14.72 -5.90 18.32
C LEU A 243 14.34 -7.10 17.44
N ARG A 244 14.98 -8.24 17.71
CA ARG A 244 14.72 -9.54 17.12
C ARG A 244 13.36 -10.07 17.66
N GLY A 245 13.03 -9.73 18.91
CA GLY A 245 11.76 -10.09 19.52
C GLY A 245 10.67 -9.09 19.17
N SER A 246 11.04 -7.92 18.60
CA SER A 246 10.19 -6.83 18.10
C SER A 246 9.84 -7.13 16.66
N GLY A 247 10.83 -7.61 15.88
CA GLY A 247 10.63 -7.99 14.48
C GLY A 247 9.72 -9.20 14.39
N MET A 248 9.90 -10.13 15.35
CA MET A 248 9.14 -11.36 15.56
C MET A 248 7.64 -11.02 15.74
N ILE A 249 7.33 -10.08 16.62
CA ILE A 249 5.94 -9.70 16.88
C ILE A 249 5.29 -8.79 15.83
N ALA A 250 6.11 -8.04 15.08
CA ALA A 250 5.68 -7.22 13.96
C ALA A 250 5.24 -8.12 12.78
N GLY A 251 6.04 -9.14 12.46
CA GLY A 251 5.79 -10.15 11.44
C GLY A 251 4.54 -10.97 11.73
N GLU A 252 4.37 -11.39 13.01
CA GLU A 252 3.20 -12.10 13.46
C GLU A 252 1.96 -11.19 13.33
N THR A 253 2.05 -9.93 13.82
CA THR A 253 0.93 -9.00 13.71
C THR A 253 0.58 -8.80 12.24
N SER A 254 1.61 -8.51 11.39
CA SER A 254 1.46 -8.34 9.97
C SER A 254 0.64 -9.46 9.33
N GLN A 255 0.96 -10.71 9.70
CA GLN A 255 0.31 -11.90 9.16
C GLN A 255 -1.11 -12.11 9.70
N ASP A 256 -1.37 -11.77 11.01
CA ASP A 256 -2.69 -11.93 11.68
C ASP A 256 -3.79 -11.12 11.03
N TYR A 257 -3.51 -9.85 10.70
CA TYR A 257 -4.40 -8.93 10.01
C TYR A 257 -4.89 -9.55 8.68
N ASP A 258 -4.06 -10.39 8.07
CA ASP A 258 -4.37 -11.04 6.80
C ASP A 258 -5.22 -12.35 6.89
N GLU A 259 -5.30 -12.99 8.10
CA GLU A 259 -5.98 -14.27 8.36
C GLU A 259 -7.01 -14.23 9.49
N ILE A 260 -6.88 -13.30 10.46
CA ILE A 260 -7.86 -13.16 11.56
C ILE A 260 -8.35 -11.72 11.73
N VAL A 261 -9.29 -11.48 12.65
CA VAL A 261 -9.78 -10.14 12.97
C VAL A 261 -8.84 -9.64 14.07
N THR A 262 -8.20 -8.49 13.83
CA THR A 262 -7.30 -7.85 14.80
C THR A 262 -7.92 -6.53 15.16
N ILE A 263 -7.90 -6.20 16.44
CA ILE A 263 -8.39 -4.96 17.04
C ILE A 263 -7.31 -4.57 18.05
N SER A 264 -6.98 -3.27 18.13
CA SER A 264 -6.02 -2.74 19.11
C SER A 264 -6.64 -1.54 19.77
N MET A 265 -6.38 -1.40 21.10
CA MET A 265 -6.81 -0.27 21.91
C MET A 265 -5.57 0.38 22.51
N VAL A 266 -5.42 1.71 22.31
CA VAL A 266 -4.31 2.48 22.87
C VAL A 266 -4.83 3.17 24.13
N SER A 267 -4.23 2.83 25.27
CA SER A 267 -4.53 3.41 26.57
C SER A 267 -3.20 3.94 27.12
N CYS A 268 -3.21 5.17 27.65
CA CYS A 268 -2.00 5.83 28.15
C CYS A 268 -1.02 6.13 26.99
N ARG A 269 -0.21 5.11 26.52
CA ARG A 269 0.72 5.25 25.38
C ARG A 269 1.11 3.98 24.61
N ALA A 270 1.59 4.18 23.38
CA ALA A 270 2.06 3.16 22.46
C ALA A 270 3.32 3.78 21.86
N LEU A 271 4.50 3.20 22.20
CA LEU A 271 5.84 3.68 21.87
C LEU A 271 6.61 2.66 21.06
N GLY A 272 7.29 3.15 20.01
CA GLY A 272 8.14 2.37 19.12
C GLY A 272 7.46 1.13 18.61
N ILE A 273 7.85 -0.03 19.18
CA ILE A 273 7.25 -1.33 18.86
C ILE A 273 5.75 -1.39 19.18
N GLY A 274 5.31 -0.78 20.29
CA GLY A 274 3.90 -0.72 20.69
C GLY A 274 3.02 0.03 19.69
N ALA A 275 3.55 1.12 19.07
CA ALA A 275 2.88 1.92 18.03
C ALA A 275 2.78 1.13 16.70
N TYR A 276 3.86 0.40 16.33
CA TYR A 276 3.87 -0.40 15.12
C TYR A 276 2.91 -1.60 15.20
N LEU A 277 2.76 -2.18 16.42
CA LEU A 277 1.83 -3.27 16.68
C LEU A 277 0.36 -2.88 16.46
N VAL A 278 -0.01 -1.65 16.86
CA VAL A 278 -1.36 -1.17 16.71
C VAL A 278 -1.72 -0.92 15.25
N ARG A 279 -0.76 -0.38 14.51
CA ARG A 279 -0.85 -0.09 13.09
C ARG A 279 -1.02 -1.37 12.27
N LEU A 280 -0.10 -2.36 12.41
CA LEU A 280 -0.13 -3.64 11.69
C LEU A 280 -1.45 -4.41 11.88
N GLY A 281 -2.11 -4.21 13.04
CA GLY A 281 -3.44 -4.71 13.34
C GLY A 281 -4.55 -3.85 12.72
N GLN A 282 -4.19 -2.67 12.15
CA GLN A 282 -5.07 -1.73 11.42
C GLN A 282 -6.25 -1.06 12.15
N ARG A 283 -7.06 -1.82 12.93
CA ARG A 283 -8.24 -1.30 13.64
C ARG A 283 -7.84 -0.87 15.04
N VAL A 284 -7.58 0.43 15.18
CA VAL A 284 -7.13 1.13 16.38
C VAL A 284 -8.26 2.03 16.97
N ILE A 285 -8.43 1.93 18.32
CA ILE A 285 -9.32 2.74 19.16
C ILE A 285 -8.35 3.51 20.05
N GLN A 286 -8.34 4.83 19.91
CA GLN A 286 -7.50 5.68 20.73
C GLN A 286 -8.31 6.37 21.83
N VAL A 287 -7.93 6.14 23.11
CA VAL A 287 -8.58 6.82 24.24
C VAL A 287 -8.04 8.26 24.26
N GLU A 288 -8.87 9.26 24.65
CA GLU A 288 -8.46 10.68 24.79
C GLU A 288 -7.32 10.76 25.76
N ASN A 289 -6.45 11.76 25.60
CA ASN A 289 -5.28 11.99 26.47
C ASN A 289 -4.25 10.84 26.41
N SER A 290 -4.23 10.08 25.27
CA SER A 290 -3.25 9.04 25.00
C SER A 290 -2.44 9.41 23.75
N HIS A 291 -1.27 8.78 23.58
CA HIS A 291 -0.37 9.06 22.47
C HIS A 291 0.17 7.81 21.81
N ILE A 292 0.33 7.85 20.47
CA ILE A 292 0.91 6.80 19.63
C ILE A 292 2.14 7.50 19.09
N ILE A 293 3.31 7.17 19.66
CA ILE A 293 4.58 7.81 19.33
C ILE A 293 5.62 6.83 18.82
N LEU A 294 6.67 7.32 18.17
CA LEU A 294 7.81 6.49 17.80
C LEU A 294 9.00 6.82 18.71
N THR A 295 9.18 8.12 18.99
CA THR A 295 10.20 8.74 19.83
C THR A 295 9.48 9.79 20.65
N GLY A 296 9.96 10.05 21.84
CA GLY A 296 9.36 11.03 22.75
C GLY A 296 9.75 12.46 22.50
N ALA A 297 9.01 13.39 23.11
CA ALA A 297 9.24 14.82 22.98
C ALA A 297 10.61 15.22 23.48
N THR A 298 10.99 14.80 24.71
CA THR A 298 12.31 15.15 25.26
C THR A 298 13.44 14.59 24.41
N ALA A 299 13.29 13.31 23.97
CA ALA A 299 14.27 12.63 23.12
C ALA A 299 14.53 13.35 21.81
N LEU A 300 13.46 13.81 21.11
CA LEU A 300 13.50 14.55 19.84
C LEU A 300 14.10 15.95 20.01
N ASN A 301 13.86 16.61 21.16
CA ASN A 301 14.42 17.96 21.45
C ASN A 301 15.91 17.77 21.71
N LYS A 302 16.27 16.74 22.50
CA LYS A 302 17.65 16.42 22.76
C LYS A 302 18.46 16.17 21.49
N VAL A 303 17.89 15.50 20.46
CA VAL A 303 18.59 15.22 19.20
C VAL A 303 18.70 16.47 18.36
N LEU A 304 17.54 17.13 18.07
CA LEU A 304 17.43 18.37 17.30
C LEU A 304 18.10 19.55 17.95
N GLY A 305 18.28 19.50 19.25
CA GLY A 305 18.96 20.55 20.02
C GLY A 305 17.99 21.42 20.77
N ARG A 306 17.26 22.26 20.03
CA ARG A 306 16.27 23.19 20.58
C ARG A 306 15.00 22.50 21.06
N ASP A 307 14.23 23.20 21.94
CA ASP A 307 12.94 22.72 22.46
C ASP A 307 11.86 22.95 21.42
N VAL A 308 11.62 21.94 20.60
CA VAL A 308 10.62 22.01 19.55
C VAL A 308 9.25 21.60 20.11
N TYR A 309 9.17 20.40 20.67
CA TYR A 309 7.95 19.78 21.18
C TYR A 309 7.72 19.98 22.67
N THR A 310 6.45 20.20 23.03
CA THR A 310 5.96 20.42 24.38
C THR A 310 5.57 19.10 25.05
N SER A 311 4.82 18.25 24.34
CA SER A 311 4.31 16.99 24.88
C SER A 311 4.30 15.87 23.87
N ASN A 312 4.18 14.64 24.38
CA ASN A 312 4.08 13.41 23.62
C ASN A 312 2.70 13.34 22.95
N ASN A 313 1.66 13.97 23.56
CA ASN A 313 0.29 14.03 23.00
C ASN A 313 0.28 14.88 21.76
N GLN A 314 1.17 15.87 21.70
CA GLN A 314 1.36 16.79 20.57
C GLN A 314 1.75 15.98 19.33
N LEU A 315 2.82 15.17 19.47
CA LEU A 315 3.42 14.26 18.46
C LEU A 315 2.54 13.12 17.97
N GLY A 316 1.62 12.62 18.81
CA GLY A 316 0.81 11.45 18.46
C GLY A 316 -0.49 11.24 19.20
N GLY A 317 -1.12 12.34 19.62
CA GLY A 317 -2.43 12.33 20.25
C GLY A 317 -3.51 12.29 19.19
N VAL A 318 -4.77 12.26 19.67
CA VAL A 318 -6.00 12.16 18.91
C VAL A 318 -6.08 13.16 17.77
N GLN A 319 -5.57 14.37 17.98
CA GLN A 319 -5.54 15.46 16.99
C GLN A 319 -4.67 15.14 15.78
N ILE A 320 -3.74 14.18 15.92
CA ILE A 320 -2.84 13.72 14.86
C ILE A 320 -3.35 12.41 14.32
N MET A 321 -3.49 11.40 15.20
CA MET A 321 -3.85 10.04 14.80
C MET A 321 -5.31 9.80 14.40
N HIS A 322 -6.28 10.53 15.01
CA HIS A 322 -7.70 10.41 14.61
C HIS A 322 -7.93 11.14 13.31
N HIS A 323 -7.06 12.10 13.01
CA HIS A 323 -7.10 13.00 11.85
C HIS A 323 -6.39 12.48 10.61
N ASN A 324 -5.30 11.68 10.76
CA ASN A 324 -4.57 11.12 9.60
C ASN A 324 -4.99 9.69 9.21
N GLY A 325 -5.94 9.11 9.96
CA GLY A 325 -6.47 7.78 9.68
C GLY A 325 -5.78 6.61 10.35
N VAL A 326 -4.75 6.86 11.18
CA VAL A 326 -4.08 5.77 11.90
C VAL A 326 -5.07 5.20 12.98
N SER A 327 -5.81 6.13 13.67
CA SER A 327 -6.85 5.82 14.67
C SER A 327 -8.28 5.81 14.07
N HIS A 328 -8.95 4.67 14.14
CA HIS A 328 -10.29 4.42 13.59
C HIS A 328 -11.40 5.19 14.32
N VAL A 329 -11.35 5.19 15.69
CA VAL A 329 -12.27 5.90 16.58
C VAL A 329 -11.59 6.37 17.88
N THR A 330 -12.15 7.45 18.49
CA THR A 330 -11.73 7.99 19.79
C THR A 330 -12.78 7.57 20.83
N VAL A 331 -12.37 7.48 22.13
CA VAL A 331 -13.21 7.13 23.30
C VAL A 331 -12.80 7.97 24.52
N PRO A 332 -13.74 8.37 25.44
CA PRO A 332 -13.32 9.19 26.60
C PRO A 332 -12.51 8.40 27.63
N ASP A 333 -12.92 7.16 27.93
CA ASP A 333 -12.26 6.31 28.90
C ASP A 333 -12.03 4.89 28.39
N ASP A 334 -11.28 4.08 29.17
CA ASP A 334 -10.97 2.70 28.82
C ASP A 334 -12.24 1.86 28.71
N PHE A 335 -13.26 2.12 29.58
CA PHE A 335 -14.55 1.41 29.55
C PHE A 335 -15.24 1.53 28.21
N GLU A 336 -15.30 2.75 27.67
CA GLU A 336 -15.92 3.09 26.38
C GLU A 336 -15.22 2.39 25.21
N GLY A 337 -13.92 2.19 25.35
CA GLY A 337 -13.10 1.48 24.37
C GLY A 337 -13.45 0.02 24.37
N VAL A 338 -13.69 -0.56 25.57
CA VAL A 338 -14.12 -1.96 25.73
C VAL A 338 -15.48 -2.16 25.02
N CYS A 339 -16.38 -1.14 25.09
CA CYS A 339 -17.70 -1.13 24.44
C CYS A 339 -17.59 -1.06 22.92
N THR A 340 -16.74 -0.19 22.39
CA THR A 340 -16.47 -0.03 20.95
C THR A 340 -15.90 -1.36 20.35
N ILE A 341 -15.06 -2.10 21.11
CA ILE A 341 -14.50 -3.40 20.64
C ILE A 341 -15.65 -4.35 20.34
N LEU A 342 -16.53 -4.57 21.35
CA LEU A 342 -17.67 -5.48 21.29
C LEU A 342 -18.64 -5.02 20.24
N GLU A 343 -18.74 -3.69 20.06
CA GLU A 343 -19.60 -3.08 19.06
C GLU A 343 -19.14 -3.46 17.65
N TRP A 344 -17.82 -3.39 17.39
CA TRP A 344 -17.20 -3.76 16.11
C TRP A 344 -17.33 -5.23 15.86
N LEU A 345 -17.01 -6.03 16.91
CA LEU A 345 -17.10 -7.48 16.92
C LEU A 345 -18.51 -7.99 16.58
N SER A 346 -19.57 -7.23 16.97
CA SER A 346 -20.98 -7.56 16.72
C SER A 346 -21.28 -7.60 15.23
N TYR A 347 -20.43 -6.96 14.41
CA TYR A 347 -20.58 -7.00 12.96
C TYR A 347 -19.79 -8.17 12.37
N MET A 348 -18.84 -8.71 13.13
CA MET A 348 -17.92 -9.76 12.64
C MET A 348 -18.30 -11.23 12.94
N PRO A 349 -17.97 -12.19 12.00
CA PRO A 349 -18.21 -13.62 12.29
C PRO A 349 -17.35 -14.09 13.46
N LYS A 350 -17.77 -15.21 14.08
CA LYS A 350 -17.19 -15.86 15.26
C LYS A 350 -15.70 -16.10 15.08
N ASP A 351 -15.35 -16.67 13.93
CA ASP A 351 -13.98 -16.98 13.55
C ASP A 351 -13.87 -16.90 12.04
N ASN A 352 -12.67 -17.16 11.48
CA ASN A 352 -12.44 -17.12 10.03
C ASN A 352 -13.03 -18.32 9.23
N ARG A 353 -13.83 -19.19 9.87
CA ARG A 353 -14.46 -20.34 9.21
C ARG A 353 -16.00 -20.30 9.31
N SER A 354 -16.52 -19.22 9.89
CA SER A 354 -17.94 -18.95 10.15
C SER A 354 -18.50 -17.79 9.30
N PRO A 355 -19.80 -17.82 8.88
CA PRO A 355 -20.38 -16.69 8.13
C PRO A 355 -20.70 -15.48 9.04
N VAL A 356 -21.12 -14.36 8.43
CA VAL A 356 -21.49 -13.10 9.12
C VAL A 356 -22.72 -13.30 10.05
N PRO A 357 -22.69 -12.84 11.34
CA PRO A 357 -23.86 -13.06 12.22
C PRO A 357 -25.08 -12.18 11.92
N VAL A 358 -25.98 -12.76 11.12
CA VAL A 358 -27.27 -12.19 10.70
C VAL A 358 -28.23 -12.34 11.91
N VAL A 359 -28.87 -11.22 12.32
CA VAL A 359 -29.81 -11.22 13.46
C VAL A 359 -31.20 -10.87 12.99
N THR A 360 -32.23 -11.37 13.69
CA THR A 360 -33.65 -11.08 13.41
C THR A 360 -33.83 -9.56 13.39
N PRO A 361 -34.20 -8.98 12.22
CA PRO A 361 -34.35 -7.51 12.16
C PRO A 361 -35.57 -6.94 12.90
N LYS A 362 -35.35 -5.83 13.64
CA LYS A 362 -36.36 -5.08 14.38
C LYS A 362 -36.99 -4.10 13.39
N ASP A 363 -36.16 -3.57 12.45
CA ASP A 363 -36.53 -2.68 11.35
C ASP A 363 -36.94 -3.58 10.16
N PRO A 364 -38.17 -3.43 9.60
CA PRO A 364 -38.59 -4.32 8.50
C PRO A 364 -37.93 -4.09 7.13
N ILE A 365 -37.96 -5.12 6.29
CA ILE A 365 -37.43 -5.10 4.93
C ILE A 365 -38.52 -4.59 3.98
N ASP A 366 -39.80 -4.92 4.29
CA ASP A 366 -40.99 -4.51 3.53
C ASP A 366 -41.28 -2.99 3.57
N ARG A 367 -40.32 -2.18 4.04
CA ARG A 367 -40.49 -0.72 4.11
C ARG A 367 -39.82 0.00 2.98
N GLU A 368 -40.36 1.17 2.62
CA GLU A 368 -39.79 2.06 1.63
C GLU A 368 -38.75 2.94 2.36
N ILE A 369 -38.07 3.85 1.64
CA ILE A 369 -37.04 4.72 2.25
C ILE A 369 -37.58 6.14 2.29
N GLU A 370 -37.78 6.67 3.50
CA GLU A 370 -38.31 8.03 3.66
C GLU A 370 -37.40 9.10 3.03
N PHE A 371 -36.11 9.08 3.38
CA PHE A 371 -35.14 10.06 2.89
C PHE A 371 -34.96 10.01 1.38
N GLN A 372 -35.03 11.18 0.71
CA GLN A 372 -34.85 11.24 -0.74
C GLN A 372 -33.62 12.10 -1.15
N PRO A 373 -32.59 11.49 -1.79
CA PRO A 373 -31.45 12.30 -2.26
C PRO A 373 -31.87 13.47 -3.15
N SER A 374 -31.18 14.61 -3.02
CA SER A 374 -31.41 15.84 -3.79
C SER A 374 -30.38 15.94 -4.93
N ARG A 375 -30.68 16.74 -6.00
CA ARG A 375 -29.77 16.97 -7.14
C ARG A 375 -28.50 17.71 -6.68
N GLY A 376 -28.68 18.68 -5.78
CA GLY A 376 -27.58 19.43 -5.17
C GLY A 376 -26.93 18.66 -4.03
N PRO A 377 -25.98 19.28 -3.27
CA PRO A 377 -25.27 18.53 -2.21
C PRO A 377 -26.09 18.13 -0.98
N TYR A 378 -25.71 17.01 -0.34
CA TYR A 378 -26.37 16.50 0.87
C TYR A 378 -25.43 15.58 1.65
N ASP A 379 -25.70 15.40 2.94
CA ASP A 379 -24.91 14.52 3.78
C ASP A 379 -25.24 13.04 3.45
N PRO A 380 -24.25 12.27 2.91
CA PRO A 380 -24.49 10.84 2.54
C PRO A 380 -24.88 9.89 3.69
N ARG A 381 -24.55 10.25 4.93
CA ARG A 381 -24.89 9.52 6.15
C ARG A 381 -26.43 9.46 6.35
N TRP A 382 -27.19 10.48 5.81
CA TRP A 382 -28.66 10.53 5.83
C TRP A 382 -29.21 9.40 4.96
N LEU A 383 -28.55 9.20 3.83
CA LEU A 383 -28.84 8.20 2.83
C LEU A 383 -28.64 6.80 3.44
N LEU A 384 -27.73 6.69 4.45
CA LEU A 384 -27.40 5.42 5.09
C LEU A 384 -28.20 5.16 6.36
N ALA A 385 -28.12 6.08 7.33
CA ALA A 385 -28.69 6.02 8.68
C ALA A 385 -30.05 6.71 8.86
N GLY A 386 -30.50 7.43 7.85
CA GLY A 386 -31.70 8.23 7.96
C GLY A 386 -31.38 9.52 8.69
N ARG A 387 -32.39 10.12 9.34
CA ARG A 387 -32.23 11.38 10.10
C ARG A 387 -33.54 11.71 10.84
N PRO A 388 -33.51 12.53 11.93
CA PRO A 388 -34.79 12.95 12.52
C PRO A 388 -35.56 13.78 11.48
N HIS A 389 -36.88 13.58 11.35
CA HIS A 389 -37.68 14.35 10.39
C HIS A 389 -37.36 15.88 10.45
N PRO A 390 -37.18 16.57 9.29
CA PRO A 390 -36.75 17.98 9.30
C PRO A 390 -37.64 18.96 10.06
N THR A 391 -38.97 18.74 9.99
CA THR A 391 -39.97 19.62 10.58
C THR A 391 -40.62 19.01 11.83
N LEU A 392 -41.10 17.76 11.71
CA LEU A 392 -41.79 16.98 12.74
C LEU A 392 -40.87 16.41 13.84
N LYS A 393 -41.44 16.27 15.06
CA LYS A 393 -40.78 15.74 16.26
C LYS A 393 -41.75 14.91 17.15
N GLY A 394 -41.32 13.75 17.65
CA GLY A 394 -40.00 13.17 17.46
C GLY A 394 -39.96 12.04 16.45
N SER A 395 -40.28 12.38 15.19
CA SER A 395 -40.30 11.48 14.03
C SER A 395 -38.88 11.28 13.50
N TRP A 396 -38.69 10.12 12.85
CA TRP A 396 -37.44 9.70 12.21
C TRP A 396 -37.71 9.43 10.73
N GLN A 397 -36.88 10.05 9.86
CA GLN A 397 -36.97 9.92 8.39
C GLN A 397 -35.97 8.82 8.02
N SER A 398 -36.46 7.60 7.88
CA SER A 398 -35.70 6.37 7.58
C SER A 398 -34.68 6.47 6.42
N GLY A 399 -33.68 5.62 6.45
CA GLY A 399 -32.62 5.57 5.44
C GLY A 399 -32.49 4.17 4.89
N PHE A 400 -31.40 3.90 4.15
CA PHE A 400 -31.20 2.58 3.53
C PHE A 400 -31.05 1.42 4.55
N PHE A 401 -30.18 1.60 5.56
CA PHE A 401 -29.91 0.57 6.58
C PHE A 401 -30.88 0.56 7.77
N ASP A 402 -30.84 -0.52 8.61
CA ASP A 402 -31.66 -0.69 9.81
C ASP A 402 -31.29 0.39 10.82
N GLN A 403 -32.30 1.13 11.34
CA GLN A 403 -32.16 2.24 12.31
C GLN A 403 -31.16 1.95 13.43
N GLY A 404 -30.22 2.86 13.66
CA GLY A 404 -29.17 2.76 14.68
C GLY A 404 -27.97 1.87 14.39
N SER A 405 -27.95 1.22 13.19
CA SER A 405 -26.92 0.27 12.78
C SER A 405 -25.69 0.88 12.16
N PHE A 406 -25.84 2.07 11.53
CA PHE A 406 -24.71 2.73 10.86
C PHE A 406 -23.63 3.25 11.81
N LYS A 407 -22.51 2.52 11.93
CA LYS A 407 -21.36 2.90 12.76
C LYS A 407 -20.12 3.20 11.88
N GLU A 408 -19.75 4.49 11.81
CA GLU A 408 -18.67 5.08 10.99
C GLU A 408 -17.31 5.04 11.69
N ILE A 409 -16.22 4.84 10.90
CA ILE A 409 -14.79 4.80 11.29
C ILE A 409 -14.01 5.87 10.50
N MET A 410 -12.81 6.27 10.97
CA MET A 410 -11.95 7.27 10.29
C MET A 410 -12.74 8.52 9.87
N VAL A 411 -13.56 9.02 10.79
CA VAL A 411 -14.45 10.17 10.59
C VAL A 411 -13.72 11.48 10.25
N PRO A 412 -12.71 11.95 11.05
CA PRO A 412 -12.03 13.22 10.70
C PRO A 412 -11.10 13.15 9.49
N TRP A 413 -10.54 11.98 9.17
CA TRP A 413 -9.64 11.79 8.04
C TRP A 413 -10.35 11.59 6.70
N ALA A 414 -9.85 12.25 5.63
CA ALA A 414 -10.27 12.13 4.23
C ALA A 414 -11.79 12.15 4.04
N GLN A 415 -12.41 13.26 4.48
CA GLN A 415 -13.84 13.50 4.50
C GLN A 415 -14.66 13.51 3.21
N THR A 416 -14.05 13.29 2.04
CA THR A 416 -14.76 13.20 0.75
C THR A 416 -15.28 11.77 0.45
N VAL A 417 -15.04 10.87 1.40
CA VAL A 417 -15.48 9.48 1.39
C VAL A 417 -15.83 9.09 2.83
N VAL A 418 -16.98 8.41 2.99
CA VAL A 418 -17.53 7.97 4.27
C VAL A 418 -17.33 6.45 4.35
N THR A 419 -16.72 6.00 5.48
CA THR A 419 -16.44 4.59 5.72
C THR A 419 -17.07 4.14 7.04
N GLY A 420 -17.64 2.94 7.06
CA GLY A 420 -18.23 2.41 8.29
C GLY A 420 -18.89 1.05 8.17
N ARG A 421 -19.54 0.62 9.24
CA ARG A 421 -20.24 -0.66 9.27
C ARG A 421 -21.74 -0.42 9.51
N ALA A 422 -22.60 -1.29 8.97
CA ALA A 422 -24.04 -1.19 9.12
C ALA A 422 -24.69 -2.56 9.05
N ARG A 423 -26.03 -2.60 9.15
CA ARG A 423 -26.81 -3.83 9.05
C ARG A 423 -27.94 -3.63 8.06
N LEU A 424 -28.18 -4.63 7.18
CA LEU A 424 -29.24 -4.62 6.17
C LEU A 424 -30.13 -5.85 6.43
N GLY A 425 -31.28 -5.63 7.09
CA GLY A 425 -32.19 -6.71 7.49
C GLY A 425 -31.49 -7.65 8.46
N GLY A 426 -30.52 -7.10 9.20
CA GLY A 426 -29.68 -7.85 10.13
C GLY A 426 -28.33 -8.34 9.60
N ILE A 427 -28.09 -8.23 8.29
CA ILE A 427 -26.83 -8.64 7.66
C ILE A 427 -25.81 -7.54 7.86
N PRO A 428 -24.71 -7.77 8.63
CA PRO A 428 -23.74 -6.70 8.78
C PRO A 428 -22.98 -6.50 7.47
N VAL A 429 -22.84 -5.25 7.05
CA VAL A 429 -22.09 -4.96 5.82
C VAL A 429 -21.04 -3.90 6.10
N GLY A 430 -20.04 -3.89 5.22
CA GLY A 430 -19.02 -2.86 5.17
C GLY A 430 -19.59 -1.77 4.28
N VAL A 431 -19.43 -0.51 4.70
CA VAL A 431 -20.02 0.62 3.98
C VAL A 431 -19.00 1.66 3.53
N ILE A 432 -19.09 2.02 2.25
CA ILE A 432 -18.25 3.04 1.58
C ILE A 432 -19.22 3.99 0.88
N ALA A 433 -19.12 5.31 1.18
CA ALA A 433 -20.02 6.28 0.56
C ALA A 433 -19.33 7.61 0.25
N ALA A 434 -19.52 8.09 -1.00
CA ALA A 434 -19.00 9.35 -1.48
C ALA A 434 -19.75 10.52 -0.83
N GLU A 435 -18.98 11.54 -0.43
CA GLU A 435 -19.50 12.79 0.13
C GLU A 435 -19.64 13.73 -1.05
N THR A 436 -20.81 14.39 -1.17
CA THR A 436 -21.13 15.34 -2.26
C THR A 436 -20.85 16.80 -1.91
N ARG A 437 -20.88 17.15 -0.59
CA ARG A 437 -20.63 18.50 -0.08
C ARG A 437 -19.11 18.76 -0.06
N THR A 438 -18.68 20.03 -0.17
CA THR A 438 -17.28 20.45 -0.08
C THR A 438 -16.81 20.30 1.36
N VAL A 439 -15.68 19.62 1.59
CA VAL A 439 -15.17 19.42 2.97
C VAL A 439 -13.95 20.28 3.33
N GLU A 440 -13.59 20.30 4.63
CA GLU A 440 -12.49 21.08 5.17
C GLU A 440 -11.39 20.29 5.92
N LEU A 441 -10.21 20.32 5.29
CA LEU A 441 -8.96 19.72 5.73
C LEU A 441 -8.16 20.82 6.41
N VAL A 442 -7.71 20.55 7.64
CA VAL A 442 -6.96 21.47 8.47
C VAL A 442 -5.59 20.81 8.73
N VAL A 443 -4.59 21.15 7.91
CA VAL A 443 -3.24 20.64 8.08
C VAL A 443 -2.67 21.43 9.27
N PRO A 444 -2.24 20.77 10.38
CA PRO A 444 -1.73 21.55 11.51
C PRO A 444 -0.37 22.17 11.24
N ALA A 445 -0.05 23.24 11.99
CA ALA A 445 1.24 23.92 11.90
C ALA A 445 2.38 23.06 12.42
N ASP A 446 3.53 23.12 11.73
CA ASP A 446 4.77 22.40 12.07
C ASP A 446 5.49 23.15 13.22
N PRO A 447 5.48 22.59 14.43
CA PRO A 447 6.25 23.24 15.53
C PRO A 447 7.75 23.39 15.23
N ALA A 448 8.29 22.71 14.18
CA ALA A 448 9.71 22.72 13.77
C ALA A 448 10.16 23.96 12.98
N ASN A 449 9.22 24.61 12.26
CA ASN A 449 9.44 25.84 11.49
C ASN A 449 8.59 26.87 12.20
N LEU A 450 9.21 27.75 13.01
CA LEU A 450 8.51 28.76 13.82
C LEU A 450 7.70 29.78 12.98
N ASP A 451 7.89 29.73 11.65
CA ASP A 451 7.19 30.58 10.69
C ASP A 451 6.06 29.79 9.99
N SER A 452 5.79 28.56 10.48
CA SER A 452 4.70 27.72 10.00
C SER A 452 3.35 28.15 10.64
N GLU A 453 2.26 27.76 9.99
CA GLU A 453 0.87 27.99 10.41
C GLU A 453 -0.02 26.92 9.83
N ALA A 454 -1.21 26.75 10.43
CA ALA A 454 -2.18 25.77 9.96
C ALA A 454 -2.75 26.12 8.58
N LYS A 455 -2.57 25.20 7.64
CA LYS A 455 -3.07 25.29 6.28
C LYS A 455 -4.48 24.69 6.27
N ILE A 456 -5.44 25.51 5.80
CA ILE A 456 -6.84 25.18 5.63
C ILE A 456 -7.08 24.91 4.12
N ILE A 457 -7.69 23.75 3.79
CA ILE A 457 -7.94 23.34 2.40
C ILE A 457 -9.38 22.90 2.22
N GLN A 458 -9.97 23.23 1.06
CA GLN A 458 -11.32 22.82 0.69
C GLN A 458 -11.20 21.70 -0.35
N GLN A 459 -11.98 20.63 -0.15
CA GLN A 459 -11.97 19.46 -1.03
C GLN A 459 -13.37 19.29 -1.58
N ALA A 460 -13.49 19.36 -2.91
CA ALA A 460 -14.76 19.32 -3.63
C ALA A 460 -15.39 17.96 -3.47
N GLY A 461 -16.73 17.93 -3.32
CA GLY A 461 -17.48 16.70 -3.20
C GLY A 461 -17.44 15.90 -4.49
N GLN A 462 -17.63 14.57 -4.37
CA GLN A 462 -17.68 13.57 -5.47
C GLN A 462 -16.34 13.34 -6.14
N VAL A 463 -15.26 13.61 -5.41
CA VAL A 463 -13.92 13.53 -5.98
C VAL A 463 -13.08 12.65 -5.09
N TRP A 464 -12.24 11.81 -5.70
CA TRP A 464 -11.26 11.01 -4.99
C TRP A 464 -9.98 11.80 -4.99
N PHE A 465 -9.61 12.27 -3.81
CA PHE A 465 -8.39 13.01 -3.53
C PHE A 465 -7.30 11.99 -3.09
N PRO A 466 -5.99 12.32 -2.98
CA PRO A 466 -5.02 11.28 -2.61
C PRO A 466 -5.39 10.55 -1.31
N ASP A 467 -5.97 11.30 -0.36
CA ASP A 467 -6.37 10.78 0.94
C ASP A 467 -7.64 9.91 0.88
N SER A 468 -8.70 10.39 0.20
CA SER A 468 -9.97 9.65 0.02
C SER A 468 -9.82 8.35 -0.78
N ALA A 469 -8.89 8.32 -1.75
CA ALA A 469 -8.53 7.14 -2.52
C ALA A 469 -7.87 6.15 -1.59
N TYR A 470 -6.95 6.62 -0.69
CA TYR A 470 -6.27 5.80 0.34
C TYR A 470 -7.30 5.22 1.34
N LYS A 471 -8.22 6.06 1.83
CA LYS A 471 -9.29 5.66 2.77
C LYS A 471 -10.21 4.57 2.18
N THR A 472 -10.65 4.73 0.91
CA THR A 472 -11.50 3.79 0.16
C THR A 472 -10.77 2.43 -0.01
N ALA A 473 -9.47 2.46 -0.34
CA ALA A 473 -8.63 1.26 -0.48
C ALA A 473 -8.52 0.53 0.87
N GLN A 474 -8.09 1.25 1.92
CA GLN A 474 -7.96 0.80 3.30
C GLN A 474 -9.25 0.15 3.88
N ALA A 475 -10.43 0.78 3.68
CA ALA A 475 -11.70 0.22 4.17
C ALA A 475 -12.04 -1.05 3.36
N ILE A 476 -11.74 -1.08 2.02
CA ILE A 476 -11.89 -2.29 1.18
C ILE A 476 -11.08 -3.46 1.80
N LYS A 477 -9.80 -3.22 2.10
CA LYS A 477 -8.87 -4.22 2.63
C LYS A 477 -9.30 -4.73 4.01
N ASP A 478 -9.71 -3.79 4.91
CA ASP A 478 -10.14 -4.06 6.29
C ASP A 478 -11.41 -4.88 6.39
N PHE A 479 -12.41 -4.57 5.57
CA PHE A 479 -13.73 -5.21 5.51
C PHE A 479 -13.59 -6.57 4.83
N ASN A 480 -12.55 -6.73 4.01
CA ASN A 480 -12.34 -8.00 3.31
C ASN A 480 -11.74 -9.03 4.22
N ARG A 481 -10.90 -8.56 5.16
CA ARG A 481 -10.24 -9.38 6.16
C ARG A 481 -11.12 -9.59 7.40
N GLU A 482 -12.37 -9.09 7.37
CA GLU A 482 -13.35 -9.27 8.45
C GLU A 482 -14.35 -10.28 7.92
N LYS A 483 -14.17 -10.61 6.62
CA LYS A 483 -14.99 -11.52 5.83
C LYS A 483 -16.42 -10.99 5.73
N LEU A 484 -16.51 -9.65 5.55
CA LEU A 484 -17.76 -8.89 5.40
C LEU A 484 -18.06 -8.61 3.94
N PRO A 485 -19.37 -8.57 3.55
CA PRO A 485 -19.71 -8.13 2.19
C PRO A 485 -19.52 -6.60 2.13
N LEU A 486 -19.48 -6.04 0.92
CA LEU A 486 -19.25 -4.63 0.71
C LEU A 486 -20.36 -3.92 -0.07
N MET A 487 -20.79 -2.76 0.47
CA MET A 487 -21.80 -1.90 -0.11
C MET A 487 -21.20 -0.52 -0.38
N ILE A 488 -21.17 -0.13 -1.67
CA ILE A 488 -20.64 1.16 -2.11
C ILE A 488 -21.75 1.97 -2.70
N PHE A 489 -21.98 3.15 -2.17
CA PHE A 489 -22.94 4.10 -2.69
C PHE A 489 -22.16 5.13 -3.47
N ALA A 490 -22.15 4.90 -4.78
CA ALA A 490 -21.37 5.55 -5.81
C ALA A 490 -21.85 6.92 -6.28
N ASN A 491 -20.98 7.95 -6.08
CA ASN A 491 -21.19 9.33 -6.52
C ASN A 491 -19.87 10.01 -6.76
N TRP A 492 -19.25 9.69 -7.88
CA TRP A 492 -17.94 10.23 -8.20
C TRP A 492 -17.81 10.84 -9.57
N ARG A 493 -17.27 12.05 -9.64
CA ARG A 493 -16.98 12.78 -10.87
C ARG A 493 -15.60 12.32 -11.41
N GLY A 494 -14.73 11.85 -10.51
CA GLY A 494 -13.39 11.39 -10.85
C GLY A 494 -12.34 11.70 -9.81
N PHE A 495 -11.10 11.38 -10.14
CA PHE A 495 -9.97 11.60 -9.26
C PHE A 495 -9.48 13.01 -9.52
N SER A 496 -8.83 13.66 -8.51
CA SER A 496 -8.33 15.02 -8.69
C SER A 496 -7.09 15.02 -9.61
N GLY A 497 -7.18 15.75 -10.72
CA GLY A 497 -6.10 15.84 -11.68
C GLY A 497 -5.17 17.02 -11.56
N GLY A 498 -5.38 17.87 -10.55
CA GLY A 498 -4.56 19.05 -10.29
C GLY A 498 -3.11 18.74 -9.96
N MET A 499 -2.19 19.70 -10.21
CA MET A 499 -0.74 19.62 -10.00
C MET A 499 -0.36 19.14 -8.62
N LYS A 500 -0.92 19.76 -7.57
CA LYS A 500 -0.59 19.38 -6.18
C LYS A 500 -1.01 17.92 -5.91
N ASP A 501 -2.26 17.56 -6.27
CA ASP A 501 -2.77 16.23 -6.03
C ASP A 501 -2.04 15.12 -6.81
N MET A 502 -1.59 15.44 -8.05
CA MET A 502 -0.82 14.53 -8.89
C MET A 502 0.58 14.35 -8.28
N TYR A 503 1.19 15.44 -7.77
CA TYR A 503 2.48 15.41 -7.08
C TYR A 503 2.31 14.58 -5.78
N ASP A 504 1.18 14.77 -5.04
CA ASP A 504 0.82 14.06 -3.80
C ASP A 504 0.41 12.57 -3.88
N GLN A 505 0.44 11.98 -5.11
CA GLN A 505 0.28 10.56 -5.49
C GLN A 505 -1.11 9.96 -5.76
N VAL A 506 -2.09 10.79 -6.19
CA VAL A 506 -3.44 10.30 -6.55
C VAL A 506 -3.44 9.08 -7.52
N LEU A 507 -2.49 9.07 -8.49
CA LEU A 507 -2.31 7.96 -9.42
C LEU A 507 -2.03 6.65 -8.70
N LYS A 508 -1.17 6.72 -7.65
CA LYS A 508 -0.77 5.57 -6.81
C LYS A 508 -1.89 5.15 -5.92
N PHE A 509 -2.67 6.12 -5.41
CA PHE A 509 -3.72 5.75 -4.48
C PHE A 509 -4.97 5.18 -5.12
N GLY A 510 -5.28 5.68 -6.33
CA GLY A 510 -6.38 5.19 -7.15
C GLY A 510 -6.18 3.76 -7.66
N ALA A 511 -4.90 3.34 -7.87
CA ALA A 511 -4.52 2.00 -8.33
C ALA A 511 -4.77 0.94 -7.23
N TYR A 512 -4.69 1.35 -5.95
CA TYR A 512 -4.94 0.50 -4.78
C TYR A 512 -6.39 0.12 -4.62
N ILE A 513 -7.33 0.95 -5.16
CA ILE A 513 -8.78 0.68 -5.17
C ILE A 513 -9.03 -0.56 -6.07
N VAL A 514 -8.52 -0.49 -7.33
CA VAL A 514 -8.55 -1.53 -8.36
C VAL A 514 -8.06 -2.88 -7.74
N ASP A 515 -6.94 -2.90 -6.97
CA ASP A 515 -6.47 -4.16 -6.38
C ASP A 515 -7.16 -4.64 -5.13
N GLY A 516 -7.65 -3.73 -4.30
CA GLY A 516 -8.43 -4.05 -3.10
C GLY A 516 -9.70 -4.80 -3.50
N LEU A 517 -10.34 -4.31 -4.59
CA LEU A 517 -11.54 -4.86 -5.18
C LEU A 517 -11.31 -6.19 -5.91
N ARG A 518 -10.19 -6.31 -6.67
CA ARG A 518 -9.78 -7.55 -7.35
C ARG A 518 -9.57 -8.67 -6.31
N LYS A 519 -8.97 -8.33 -5.17
CA LYS A 519 -8.75 -9.32 -4.12
C LYS A 519 -9.96 -9.58 -3.18
N TYR A 520 -11.11 -8.93 -3.43
CA TYR A 520 -12.31 -9.07 -2.59
C TYR A 520 -12.90 -10.44 -2.70
N ARG A 521 -13.17 -11.07 -1.53
CA ARG A 521 -13.66 -12.45 -1.37
C ARG A 521 -15.17 -12.61 -1.06
N GLN A 522 -15.86 -11.53 -0.60
CA GLN A 522 -17.28 -11.57 -0.23
C GLN A 522 -18.11 -10.69 -1.19
N PRO A 523 -19.48 -10.72 -1.17
CA PRO A 523 -20.27 -9.91 -2.13
C PRO A 523 -20.02 -8.41 -2.07
N VAL A 524 -19.91 -7.79 -3.25
CA VAL A 524 -19.68 -6.37 -3.43
C VAL A 524 -20.90 -5.84 -4.17
N LEU A 525 -21.75 -5.03 -3.49
CA LEU A 525 -22.92 -4.40 -4.14
C LEU A 525 -22.66 -2.93 -4.37
N ILE A 526 -22.50 -2.53 -5.67
CA ILE A 526 -22.24 -1.15 -6.14
C ILE A 526 -23.53 -0.49 -6.58
N TYR A 527 -23.93 0.56 -5.86
CA TYR A 527 -25.17 1.28 -6.18
C TYR A 527 -24.99 2.78 -6.38
N ILE A 528 -25.50 3.26 -7.51
CA ILE A 528 -25.52 4.69 -7.83
C ILE A 528 -26.94 5.18 -7.40
N PRO A 529 -27.12 5.90 -6.26
CA PRO A 529 -28.48 6.35 -5.86
C PRO A 529 -29.08 7.40 -6.82
N PRO A 530 -30.35 7.90 -6.61
CA PRO A 530 -30.88 8.91 -7.54
C PRO A 530 -30.15 10.26 -7.48
N TYR A 531 -29.91 10.83 -8.67
CA TYR A 531 -29.20 12.10 -8.93
C TYR A 531 -27.70 12.04 -8.62
N ALA A 532 -27.20 10.82 -8.49
CA ALA A 532 -25.80 10.59 -8.27
C ALA A 532 -25.21 10.34 -9.65
N GLU A 533 -23.89 10.38 -9.75
CA GLU A 533 -23.21 10.12 -11.00
C GLU A 533 -21.92 9.33 -10.74
N VAL A 534 -21.46 8.61 -11.76
CA VAL A 534 -20.17 7.92 -11.79
C VAL A 534 -19.62 8.31 -13.14
N ARG A 535 -18.48 9.00 -13.17
CA ARG A 535 -17.89 9.47 -14.43
C ARG A 535 -16.51 8.89 -14.71
N GLY A 536 -16.16 8.83 -16.00
CA GLY A 536 -14.90 8.34 -16.57
C GLY A 536 -13.95 7.45 -15.78
N GLY A 537 -13.07 8.08 -15.01
CA GLY A 537 -12.01 7.43 -14.22
C GLY A 537 -12.48 6.69 -12.99
N SER A 538 -13.67 7.07 -12.43
CA SER A 538 -14.26 6.44 -11.24
C SER A 538 -14.89 5.08 -11.48
N TRP A 539 -15.55 4.89 -12.65
CA TRP A 539 -16.22 3.63 -13.05
C TRP A 539 -15.18 2.58 -13.27
N ALA A 540 -14.11 2.95 -13.99
CA ALA A 540 -12.98 2.10 -14.36
C ALA A 540 -12.32 1.40 -13.18
N VAL A 541 -12.35 2.01 -11.98
CA VAL A 541 -11.71 1.42 -10.79
C VAL A 541 -12.62 0.51 -9.98
N MET A 542 -13.95 0.55 -10.25
CA MET A 542 -14.90 -0.30 -9.54
C MET A 542 -15.82 -1.21 -10.41
N ASP A 543 -15.57 -1.31 -11.72
CA ASP A 543 -16.37 -2.12 -12.65
C ASP A 543 -16.41 -3.62 -12.31
N THR A 544 -17.53 -4.27 -12.70
CA THR A 544 -17.83 -5.71 -12.56
C THR A 544 -16.68 -6.63 -13.03
N SER A 545 -16.00 -6.25 -14.13
CA SER A 545 -14.88 -7.00 -14.72
C SER A 545 -13.60 -7.10 -13.93
N ILE A 546 -13.42 -6.27 -12.92
CA ILE A 546 -12.23 -6.36 -12.02
C ILE A 546 -12.34 -7.63 -11.14
N ASN A 547 -13.58 -8.02 -10.73
CA ASN A 547 -13.93 -9.17 -9.88
C ASN A 547 -15.43 -9.57 -10.19
N PRO A 548 -15.71 -10.32 -11.32
CA PRO A 548 -17.13 -10.63 -11.65
C PRO A 548 -17.87 -11.59 -10.73
N LEU A 549 -17.12 -12.42 -10.01
CA LEU A 549 -17.56 -13.40 -9.02
C LEU A 549 -18.19 -12.74 -7.78
N CYS A 550 -17.84 -11.46 -7.47
CA CYS A 550 -18.33 -10.68 -6.33
C CYS A 550 -19.05 -9.38 -6.71
N ILE A 551 -18.50 -8.60 -7.66
CA ILE A 551 -19.03 -7.28 -8.01
C ILE A 551 -20.31 -7.32 -8.82
N GLU A 552 -21.32 -6.54 -8.36
CA GLU A 552 -22.63 -6.38 -8.97
C GLU A 552 -22.99 -4.89 -9.02
N MET A 553 -23.33 -4.38 -10.23
CA MET A 553 -23.67 -2.97 -10.40
C MET A 553 -25.15 -2.66 -10.59
N TYR A 554 -25.65 -1.77 -9.72
CA TYR A 554 -27.02 -1.29 -9.65
C TYR A 554 -27.06 0.22 -9.79
N ALA A 555 -27.87 0.70 -10.75
CA ALA A 555 -28.02 2.11 -11.07
C ALA A 555 -29.47 2.56 -10.82
N ASP A 556 -29.65 3.74 -10.20
CA ASP A 556 -30.98 4.24 -9.97
C ASP A 556 -31.61 4.77 -11.27
N ARG A 557 -32.95 4.89 -11.32
CA ARG A 557 -33.70 5.37 -12.48
C ARG A 557 -33.27 6.79 -12.88
N GLU A 558 -32.78 7.55 -11.89
CA GLU A 558 -32.38 8.96 -11.97
C GLU A 558 -30.87 9.18 -11.92
N SER A 559 -30.09 8.09 -11.92
CA SER A 559 -28.63 8.15 -11.85
C SER A 559 -28.02 8.36 -13.25
N ARG A 560 -26.74 8.79 -13.28
CA ARG A 560 -26.03 9.07 -14.52
C ARG A 560 -24.71 8.34 -14.57
N ALA A 561 -24.14 8.23 -15.79
CA ALA A 561 -22.84 7.58 -16.03
C ALA A 561 -22.36 7.77 -17.42
N SER A 562 -21.11 8.20 -17.57
CA SER A 562 -20.46 8.39 -18.86
C SER A 562 -18.97 8.65 -18.71
N VAL A 563 -18.24 8.85 -19.83
CA VAL A 563 -16.81 9.15 -19.79
C VAL A 563 -16.63 10.57 -19.25
N LEU A 564 -17.28 11.57 -19.88
CA LEU A 564 -17.27 12.99 -19.49
C LEU A 564 -18.68 13.39 -19.06
N GLU A 565 -18.81 14.56 -18.44
CA GLU A 565 -20.10 15.14 -18.08
C GLU A 565 -20.66 15.76 -19.39
N PRO A 566 -21.96 16.15 -19.50
CA PRO A 566 -22.43 16.64 -20.80
C PRO A 566 -21.64 17.82 -21.38
N GLU A 567 -21.13 18.73 -20.52
CA GLU A 567 -20.31 19.88 -20.95
C GLU A 567 -19.08 19.45 -21.73
N GLY A 568 -18.31 18.49 -21.19
CA GLY A 568 -17.12 17.94 -21.84
C GLY A 568 -17.41 17.28 -23.17
N THR A 569 -18.49 16.46 -23.19
CA THR A 569 -19.01 15.73 -24.35
C THR A 569 -19.47 16.72 -25.46
N VAL A 570 -20.14 17.82 -25.04
CA VAL A 570 -20.63 18.88 -25.92
C VAL A 570 -19.49 19.62 -26.59
N GLU A 571 -18.44 20.00 -25.85
CA GLU A 571 -17.34 20.74 -26.47
C GLU A 571 -16.49 20.03 -27.56
N ILE A 572 -16.45 18.67 -27.56
CA ILE A 572 -15.67 17.87 -28.51
C ILE A 572 -16.51 17.35 -29.68
N LYS A 573 -17.71 16.82 -29.37
CA LYS A 573 -18.63 16.16 -30.30
C LYS A 573 -19.89 16.95 -30.71
N TYR A 574 -20.14 18.13 -30.10
CA TYR A 574 -21.29 19.02 -30.40
C TYR A 574 -20.82 20.50 -30.36
N GLN A 575 -19.91 20.82 -31.28
CA GLN A 575 -19.30 22.14 -31.46
C GLN A 575 -20.24 23.12 -32.19
N LYS A 576 -19.86 24.42 -32.22
CA LYS A 576 -20.59 25.55 -32.81
C LYS A 576 -21.16 25.31 -34.23
N LYS A 577 -20.36 24.66 -35.11
CA LYS A 577 -20.76 24.37 -36.49
C LYS A 577 -22.02 23.51 -36.49
N ASP A 578 -22.02 22.39 -35.72
CA ASP A 578 -23.14 21.48 -35.56
C ASP A 578 -24.30 22.23 -34.89
N LEU A 579 -23.99 23.13 -33.94
CA LEU A 579 -24.93 23.96 -33.20
C LEU A 579 -25.69 24.91 -34.20
N VAL A 580 -24.96 25.46 -35.20
CA VAL A 580 -25.51 26.32 -36.27
C VAL A 580 -26.34 25.46 -37.29
N LYS A 581 -25.88 24.22 -37.55
CA LYS A 581 -26.55 23.20 -38.38
C LYS A 581 -27.94 22.81 -37.76
N THR A 582 -28.07 22.92 -36.42
CA THR A 582 -29.27 22.61 -35.61
C THR A 582 -30.31 23.77 -35.62
N ILE A 583 -29.82 25.03 -35.59
CA ILE A 583 -30.65 26.24 -35.64
C ILE A 583 -31.25 26.31 -37.06
N ARG A 584 -30.41 26.09 -38.10
CA ARG A 584 -30.77 26.12 -39.53
C ARG A 584 -31.57 24.87 -39.99
N ARG A 585 -32.15 24.16 -39.01
CA ARG A 585 -32.95 22.96 -39.20
C ARG A 585 -34.24 23.09 -38.39
N LEU A 586 -34.12 23.62 -37.16
CA LEU A 586 -35.24 23.73 -36.24
C LEU A 586 -35.86 25.11 -36.13
N ASP A 587 -35.04 26.18 -36.25
CA ASP A 587 -35.57 27.55 -36.15
C ASP A 587 -36.27 27.96 -37.47
N PRO A 588 -37.60 28.20 -37.46
CA PRO A 588 -38.30 28.62 -38.70
C PRO A 588 -37.88 29.99 -39.23
N ILE A 589 -37.39 30.87 -38.35
CA ILE A 589 -36.89 32.20 -38.71
C ILE A 589 -35.54 32.07 -39.46
N SER A 590 -34.68 31.09 -39.03
CA SER A 590 -33.37 30.82 -39.65
C SER A 590 -33.51 30.15 -41.03
N LYS A 591 -34.17 30.88 -41.98
CA LYS A 591 -34.45 30.47 -43.36
C LYS A 591 -34.47 31.66 -44.34
N GLN A 613 -29.02 39.73 -39.98
CA GLN A 613 -29.76 38.89 -40.92
C GLN A 613 -29.99 37.49 -40.32
N LEU A 614 -29.09 36.53 -40.63
CA LEU A 614 -29.06 35.17 -40.10
C LEU A 614 -28.18 35.18 -38.85
N LYS A 615 -27.03 35.89 -38.94
CA LYS A 615 -26.07 36.06 -37.86
C LYS A 615 -26.69 36.75 -36.65
N ALA A 616 -27.72 37.60 -36.89
CA ALA A 616 -28.46 38.30 -35.84
C ALA A 616 -29.36 37.30 -35.09
N ARG A 617 -29.93 36.33 -35.83
CA ARG A 617 -30.79 35.31 -35.23
C ARG A 617 -29.98 34.24 -34.51
N GLU A 618 -28.85 33.76 -35.12
CA GLU A 618 -28.02 32.73 -34.49
C GLU A 618 -27.32 33.14 -33.19
N ASP A 619 -26.73 34.36 -33.13
CA ASP A 619 -26.04 34.88 -31.94
C ASP A 619 -26.95 35.05 -30.69
N LEU A 620 -28.29 35.10 -30.92
CA LEU A 620 -29.33 35.21 -29.90
C LEU A 620 -29.71 33.81 -29.40
N LEU A 621 -29.85 32.82 -30.31
CA LEU A 621 -30.19 31.43 -29.98
C LEU A 621 -28.99 30.55 -29.55
N LEU A 622 -27.73 30.99 -29.80
CA LEU A 622 -26.53 30.22 -29.45
C LEU A 622 -26.44 29.69 -28.01
N PRO A 623 -26.67 30.50 -26.94
CA PRO A 623 -26.64 29.92 -25.59
C PRO A 623 -27.84 29.02 -25.32
N MET A 624 -28.92 29.14 -26.15
CA MET A 624 -30.12 28.33 -26.02
C MET A 624 -29.99 26.97 -26.69
N TYR A 625 -29.46 26.93 -27.93
CA TYR A 625 -29.21 25.69 -28.64
C TYR A 625 -28.00 24.90 -28.04
N HIS A 626 -27.18 25.56 -27.17
CA HIS A 626 -26.07 24.93 -26.43
C HIS A 626 -26.70 24.15 -25.23
N GLN A 627 -27.75 24.73 -24.62
CA GLN A 627 -28.49 24.11 -23.52
C GLN A 627 -29.18 22.88 -24.07
N VAL A 628 -29.53 22.90 -25.39
CA VAL A 628 -30.17 21.80 -26.15
C VAL A 628 -29.16 20.63 -26.29
N ALA A 629 -27.94 20.94 -26.76
CA ALA A 629 -26.81 20.03 -26.91
C ALA A 629 -26.46 19.30 -25.59
N LEU A 630 -26.38 20.06 -24.44
CA LEU A 630 -26.14 19.55 -23.09
C LEU A 630 -27.20 18.50 -22.72
N HIS A 631 -28.51 18.84 -22.89
CA HIS A 631 -29.67 17.99 -22.61
C HIS A 631 -29.63 16.71 -23.47
N PHE A 632 -29.23 16.86 -24.75
CA PHE A 632 -29.11 15.77 -25.73
C PHE A 632 -28.05 14.78 -25.26
N ALA A 633 -26.91 15.30 -24.74
CA ALA A 633 -25.74 14.55 -24.26
C ALA A 633 -26.04 13.79 -22.98
N ASP A 634 -26.88 14.38 -22.10
CA ASP A 634 -27.32 13.80 -20.82
C ASP A 634 -28.21 12.57 -21.07
N LEU A 635 -28.90 12.56 -22.22
CA LEU A 635 -29.78 11.46 -22.60
C LEU A 635 -29.00 10.19 -23.02
N HIS A 636 -27.67 10.34 -23.25
CA HIS A 636 -26.75 9.25 -23.58
C HIS A 636 -26.12 8.66 -22.31
N ASP A 637 -26.34 9.30 -21.14
CA ASP A 637 -25.73 8.97 -19.86
C ASP A 637 -26.64 8.25 -18.89
N THR A 638 -27.79 7.75 -19.35
CA THR A 638 -28.78 7.11 -18.47
C THR A 638 -28.54 5.66 -18.13
N ALA A 639 -29.24 5.22 -17.05
CA ALA A 639 -29.31 3.84 -16.54
C ALA A 639 -29.98 2.95 -17.56
N GLY A 640 -30.84 3.54 -18.40
CA GLY A 640 -31.52 2.86 -19.50
C GLY A 640 -30.50 2.35 -20.49
N ARG A 641 -29.46 3.18 -20.76
CA ARG A 641 -28.34 2.86 -21.63
C ARG A 641 -27.35 1.89 -20.94
N MET A 642 -27.15 2.07 -19.63
CA MET A 642 -26.30 1.20 -18.81
C MET A 642 -26.84 -0.26 -18.88
N LEU A 643 -28.20 -0.41 -18.93
CA LEU A 643 -28.88 -1.71 -18.98
C LEU A 643 -28.83 -2.33 -20.35
N GLU A 644 -29.05 -1.51 -21.40
CA GLU A 644 -29.00 -1.97 -22.81
C GLU A 644 -27.61 -2.50 -23.17
N LYS A 645 -26.56 -1.93 -22.54
CA LYS A 645 -25.17 -2.31 -22.82
C LYS A 645 -24.63 -3.40 -21.90
N GLY A 646 -25.38 -3.73 -20.86
CA GLY A 646 -25.08 -4.78 -19.89
C GLY A 646 -24.05 -4.46 -18.82
N VAL A 647 -23.70 -3.16 -18.64
CA VAL A 647 -22.67 -2.75 -17.66
C VAL A 647 -23.14 -2.82 -16.21
N ILE A 648 -24.46 -2.84 -16.03
CA ILE A 648 -25.13 -2.93 -14.76
C ILE A 648 -26.05 -4.19 -14.78
N TYR A 649 -26.35 -4.75 -13.60
CA TYR A 649 -27.25 -5.88 -13.38
C TYR A 649 -28.68 -5.43 -13.57
N ASP A 650 -29.12 -4.43 -12.80
CA ASP A 650 -30.47 -3.91 -12.92
C ASP A 650 -30.65 -2.50 -12.40
N ILE A 651 -31.57 -1.75 -13.04
CA ILE A 651 -32.00 -0.41 -12.68
C ILE A 651 -32.86 -0.49 -11.42
N LEU A 652 -32.47 0.28 -10.39
CA LEU A 652 -33.20 0.32 -9.13
C LEU A 652 -34.02 1.61 -8.99
N GLU A 653 -35.01 1.57 -8.10
CA GLU A 653 -35.90 2.67 -7.69
C GLU A 653 -35.67 2.74 -6.16
N TRP A 654 -35.13 3.90 -5.69
CA TRP A 654 -34.73 4.22 -4.31
C TRP A 654 -35.62 3.75 -3.19
N LYS A 655 -36.91 4.12 -3.22
CA LYS A 655 -37.92 3.74 -2.24
C LYS A 655 -38.01 2.22 -2.07
N THR A 656 -37.73 1.42 -3.13
CA THR A 656 -37.79 -0.05 -3.03
C THR A 656 -36.40 -0.76 -3.11
N ALA A 657 -35.30 0.04 -3.11
CA ALA A 657 -33.91 -0.41 -3.22
C ALA A 657 -33.39 -1.18 -1.97
N ARG A 658 -33.89 -0.83 -0.78
CA ARG A 658 -33.59 -1.52 0.48
C ARG A 658 -34.02 -2.99 0.44
N SER A 659 -35.31 -3.26 0.08
CA SER A 659 -35.92 -4.60 -0.01
C SER A 659 -35.30 -5.42 -1.13
N PHE A 660 -34.97 -4.80 -2.28
CA PHE A 660 -34.36 -5.47 -3.41
C PHE A 660 -32.99 -5.94 -3.08
N LEU A 661 -32.11 -5.00 -2.64
CA LEU A 661 -30.73 -5.31 -2.26
C LEU A 661 -30.61 -6.28 -1.13
N TYR A 662 -31.52 -6.23 -0.12
CA TYR A 662 -31.59 -7.21 0.99
C TYR A 662 -31.71 -8.66 0.46
N TRP A 663 -32.78 -8.97 -0.33
CA TRP A 663 -33.03 -10.32 -0.86
C TRP A 663 -31.90 -10.76 -1.77
N ARG A 664 -31.34 -9.82 -2.60
CA ARG A 664 -30.20 -10.13 -3.47
C ARG A 664 -28.99 -10.47 -2.60
N LEU A 665 -28.78 -9.74 -1.50
CA LEU A 665 -27.64 -9.95 -0.57
C LEU A 665 -27.82 -11.21 0.29
N ARG A 666 -29.04 -11.45 0.79
CA ARG A 666 -29.37 -12.66 1.55
C ARG A 666 -29.11 -13.89 0.64
N ARG A 667 -29.47 -13.81 -0.67
CA ARG A 667 -29.24 -14.84 -1.69
C ARG A 667 -27.77 -15.16 -1.91
N LEU A 668 -26.96 -14.15 -2.28
CA LEU A 668 -25.53 -14.33 -2.56
C LEU A 668 -24.76 -14.98 -1.43
N LEU A 669 -25.03 -14.55 -0.18
CA LEU A 669 -24.39 -15.11 1.00
C LEU A 669 -24.84 -16.56 1.25
N LEU A 670 -26.10 -16.87 0.92
CA LEU A 670 -26.62 -18.23 1.05
C LEU A 670 -26.00 -19.15 -0.02
N GLU A 671 -26.01 -18.69 -1.28
CA GLU A 671 -25.43 -19.35 -2.46
C GLU A 671 -23.92 -19.66 -2.29
N SER A 672 -23.13 -18.75 -1.63
CA SER A 672 -21.68 -18.92 -1.39
C SER A 672 -21.33 -19.93 -0.30
N GLN A 673 -22.12 -19.96 0.81
CA GLN A 673 -21.96 -20.89 1.94
C GLN A 673 -22.15 -22.32 1.45
N VAL A 674 -23.23 -22.57 0.67
CA VAL A 674 -23.56 -23.88 0.12
C VAL A 674 -22.42 -24.36 -0.80
N LYS A 675 -21.79 -23.44 -1.53
CA LYS A 675 -20.65 -23.75 -2.40
C LYS A 675 -19.39 -24.12 -1.58
N GLN A 676 -19.28 -23.60 -0.34
CA GLN A 676 -18.18 -23.85 0.59
C GLN A 676 -18.55 -24.82 1.72
N VAL A 690 -20.74 -26.32 -10.36
CA VAL A 690 -21.13 -26.02 -8.98
C VAL A 690 -22.31 -25.02 -8.94
N GLN A 691 -22.29 -23.98 -9.81
CA GLN A 691 -23.40 -23.04 -9.87
C GLN A 691 -24.62 -23.68 -10.57
N SER A 692 -24.36 -24.41 -11.68
CA SER A 692 -25.35 -25.11 -12.51
C SER A 692 -26.03 -26.17 -11.68
N MET A 693 -25.27 -26.74 -10.72
CA MET A 693 -25.66 -27.76 -9.74
C MET A 693 -26.74 -27.16 -8.83
N LEU A 694 -26.57 -25.88 -8.44
CA LEU A 694 -27.49 -25.12 -7.59
C LEU A 694 -28.80 -24.78 -8.31
N ARG A 695 -28.69 -24.38 -9.61
CA ARG A 695 -29.81 -24.04 -10.48
C ARG A 695 -30.63 -25.31 -10.79
N ARG A 696 -29.96 -26.44 -11.10
CA ARG A 696 -30.62 -27.73 -11.37
C ARG A 696 -31.31 -28.26 -10.13
N TRP A 697 -30.73 -28.06 -8.93
CA TRP A 697 -31.37 -28.47 -7.67
C TRP A 697 -32.68 -27.67 -7.39
N PHE A 698 -32.77 -26.43 -7.91
CA PHE A 698 -33.96 -25.59 -7.80
C PHE A 698 -35.02 -26.16 -8.74
N VAL A 699 -34.63 -26.44 -9.99
CA VAL A 699 -35.50 -27.02 -11.02
C VAL A 699 -36.06 -28.36 -10.52
N GLU A 700 -35.18 -29.23 -9.96
CA GLU A 700 -35.52 -30.56 -9.42
C GLU A 700 -36.61 -30.54 -8.35
N THR A 701 -36.48 -29.63 -7.36
CA THR A 701 -37.34 -29.49 -6.20
C THR A 701 -38.60 -28.67 -6.43
N GLU A 702 -38.47 -27.57 -7.17
CA GLU A 702 -39.62 -26.68 -7.43
C GLU A 702 -40.33 -26.95 -8.74
N GLY A 703 -39.59 -27.45 -9.72
CA GLY A 703 -40.12 -27.79 -11.03
C GLY A 703 -39.64 -26.90 -12.13
N ALA A 704 -39.51 -27.49 -13.34
CA ALA A 704 -39.12 -26.88 -14.61
C ALA A 704 -40.13 -25.80 -15.05
N VAL A 705 -41.36 -25.87 -14.49
CA VAL A 705 -42.45 -24.93 -14.72
C VAL A 705 -42.25 -23.69 -13.85
N LYS A 706 -41.51 -23.85 -12.74
CA LYS A 706 -41.26 -22.78 -11.77
C LYS A 706 -39.91 -22.12 -12.01
N ALA A 707 -39.11 -22.67 -12.96
CA ALA A 707 -37.74 -22.23 -13.32
C ALA A 707 -37.51 -20.73 -13.51
N TYR A 708 -38.53 -20.00 -14.03
CA TYR A 708 -38.51 -18.55 -14.25
C TYR A 708 -38.24 -17.78 -12.93
N LEU A 709 -38.64 -18.38 -11.78
CA LEU A 709 -38.45 -17.80 -10.45
C LEU A 709 -36.97 -17.83 -9.97
N TRP A 710 -36.05 -18.39 -10.79
CA TRP A 710 -34.64 -18.44 -10.45
C TRP A 710 -34.05 -17.03 -10.63
N ASP A 711 -34.83 -16.13 -11.22
CA ASP A 711 -34.44 -14.73 -11.37
C ASP A 711 -35.05 -13.87 -10.26
N ASN A 712 -35.74 -14.52 -9.31
CA ASN A 712 -36.41 -13.91 -8.16
C ASN A 712 -35.73 -14.30 -6.84
N ASN A 713 -35.03 -13.34 -6.22
CA ASN A 713 -34.24 -13.49 -5.00
C ASN A 713 -34.99 -13.97 -3.77
N GLN A 714 -36.14 -13.36 -3.40
CA GLN A 714 -36.97 -13.80 -2.25
C GLN A 714 -37.34 -15.29 -2.37
N THR A 715 -37.73 -15.73 -3.58
CA THR A 715 -38.09 -17.13 -3.90
C THR A 715 -36.91 -18.06 -3.60
N VAL A 716 -35.74 -17.74 -4.17
CA VAL A 716 -34.47 -18.45 -4.01
C VAL A 716 -33.98 -18.41 -2.56
N VAL A 717 -34.07 -17.24 -1.88
CA VAL A 717 -33.67 -17.11 -0.46
C VAL A 717 -34.51 -18.07 0.39
N GLN A 718 -35.86 -17.95 0.33
CA GLN A 718 -36.79 -18.82 1.05
C GLN A 718 -36.59 -20.30 0.72
N TRP A 719 -36.14 -20.61 -0.52
CA TRP A 719 -35.81 -21.97 -0.96
C TRP A 719 -34.52 -22.49 -0.28
N LEU A 720 -33.40 -21.75 -0.39
CA LEU A 720 -32.10 -22.06 0.22
C LEU A 720 -32.22 -22.21 1.73
N GLU A 721 -32.99 -21.32 2.40
CA GLU A 721 -33.19 -21.40 3.85
C GLU A 721 -33.99 -22.67 4.22
N ALA A 722 -34.84 -23.16 3.31
CA ALA A 722 -35.64 -24.36 3.52
C ALA A 722 -34.85 -25.64 3.22
N HIS A 723 -34.39 -25.77 1.96
CA HIS A 723 -33.63 -26.92 1.46
C HIS A 723 -32.18 -26.87 1.95
N GLY A 724 -31.91 -27.69 2.96
CA GLY A 724 -30.60 -27.80 3.60
C GLY A 724 -30.68 -28.38 4.99
N LEU B 36 3.04 6.31 -48.92
CA LEU B 36 1.59 6.15 -48.79
C LEU B 36 1.16 6.23 -47.32
N LEU B 37 1.77 5.40 -46.45
CA LEU B 37 1.51 5.37 -45.00
C LEU B 37 2.53 6.26 -44.25
N GLN B 38 3.45 6.93 -45.01
CA GLN B 38 4.47 7.85 -44.48
C GLN B 38 3.86 9.13 -43.88
N ALA B 39 2.55 9.34 -44.12
CA ALA B 39 1.74 10.45 -43.60
C ALA B 39 1.41 10.19 -42.14
N LYS B 40 1.22 8.89 -41.77
CA LYS B 40 0.97 8.42 -40.40
C LYS B 40 2.28 8.57 -39.64
N ARG B 41 3.40 8.31 -40.33
CA ARG B 41 4.76 8.46 -39.83
C ARG B 41 5.07 9.94 -39.57
N PHE B 42 4.52 10.84 -40.42
CA PHE B 42 4.67 12.29 -40.27
C PHE B 42 3.70 12.79 -39.17
N GLN B 43 2.55 12.10 -38.99
CA GLN B 43 1.58 12.47 -37.97
C GLN B 43 2.07 12.16 -36.54
N ALA B 44 3.03 11.17 -36.41
CA ALA B 44 3.62 10.72 -35.15
C ALA B 44 4.85 11.55 -34.76
N GLN B 45 5.62 12.00 -35.76
CA GLN B 45 6.82 12.83 -35.60
C GLN B 45 6.42 14.21 -35.07
N SER B 46 5.28 14.73 -35.56
CA SER B 46 4.68 16.03 -35.20
C SER B 46 4.06 16.00 -33.78
N LEU B 47 3.77 14.80 -33.27
CA LEU B 47 3.25 14.55 -31.92
C LEU B 47 4.40 14.14 -31.00
N GLY B 48 5.64 14.21 -31.49
CA GLY B 48 6.85 13.89 -30.74
C GLY B 48 7.04 12.44 -30.35
N THR B 49 6.31 11.49 -31.01
CA THR B 49 6.38 10.05 -30.78
C THR B 49 6.78 9.27 -32.02
N THR B 50 6.99 7.96 -31.86
CA THR B 50 7.36 7.04 -32.93
C THR B 50 6.09 6.37 -33.49
N TYR B 51 6.04 6.17 -34.80
CA TYR B 51 4.91 5.44 -35.40
C TYR B 51 5.02 3.99 -34.89
N VAL B 52 3.92 3.42 -34.42
CA VAL B 52 3.85 2.09 -33.84
C VAL B 52 4.53 0.91 -34.65
N TYR B 53 4.47 0.90 -36.00
CA TYR B 53 5.09 -0.18 -36.76
C TYR B 53 6.60 0.00 -36.94
N ASP B 54 7.16 1.07 -36.36
CA ASP B 54 8.59 1.34 -36.40
C ASP B 54 9.24 0.91 -35.08
N PHE B 55 8.43 0.74 -33.99
CA PHE B 55 8.93 0.27 -32.68
C PHE B 55 9.68 -1.10 -32.78
N PRO B 56 9.16 -2.15 -33.50
CA PRO B 56 9.91 -3.41 -33.63
C PRO B 56 11.35 -3.29 -34.16
N GLU B 57 11.57 -2.45 -35.19
CA GLU B 57 12.92 -2.20 -35.72
C GLU B 57 13.82 -1.47 -34.71
N MET B 58 13.24 -0.71 -33.74
CA MET B 58 14.00 -0.03 -32.68
C MET B 58 14.53 -1.07 -31.77
N PHE B 59 13.72 -2.12 -31.47
CA PHE B 59 14.13 -3.22 -30.62
C PHE B 59 15.36 -3.89 -31.24
N ARG B 60 15.28 -4.25 -32.55
CA ARG B 60 16.34 -4.92 -33.29
C ARG B 60 17.62 -4.14 -33.15
N GLN B 61 17.59 -2.84 -33.46
CA GLN B 61 18.75 -1.95 -33.35
C GLN B 61 19.29 -1.87 -31.95
N ALA B 62 18.41 -1.70 -30.92
CA ALA B 62 18.83 -1.68 -29.50
C ALA B 62 19.54 -2.98 -29.04
N LEU B 63 19.14 -4.15 -29.59
CA LEU B 63 19.76 -5.45 -29.32
C LEU B 63 21.18 -5.50 -29.93
N PHE B 64 21.41 -4.82 -31.08
CA PHE B 64 22.73 -4.73 -31.74
C PHE B 64 23.67 -3.88 -30.89
N LYS B 65 23.16 -2.76 -30.30
CA LYS B 65 23.89 -1.85 -29.41
C LYS B 65 24.31 -2.61 -28.15
N MET B 66 23.36 -3.34 -27.53
CA MET B 66 23.54 -4.14 -26.33
C MET B 66 24.22 -5.50 -26.56
N TRP B 67 24.74 -5.73 -27.79
CA TRP B 67 25.44 -6.98 -28.07
C TRP B 67 26.96 -6.77 -28.05
N PRO B 68 27.69 -7.54 -27.18
CA PRO B 68 29.15 -7.38 -27.08
C PRO B 68 29.96 -7.85 -28.29
N SER B 69 31.03 -7.08 -28.62
CA SER B 69 32.00 -7.28 -29.71
C SER B 69 31.56 -7.87 -31.08
N PRO B 70 31.41 -7.05 -32.15
CA PRO B 70 31.10 -7.61 -33.48
C PRO B 70 32.39 -8.12 -34.16
N ASP B 71 32.31 -9.05 -35.15
CA ASP B 71 31.10 -9.66 -35.68
C ASP B 71 30.84 -11.06 -35.16
N LYS B 72 30.30 -11.10 -33.94
CA LYS B 72 29.88 -12.31 -33.24
C LYS B 72 28.35 -12.20 -33.02
N TYR B 73 27.71 -11.31 -33.82
CA TYR B 73 26.26 -11.01 -33.85
C TYR B 73 25.48 -12.29 -34.13
N PRO B 74 24.45 -12.61 -33.30
CA PRO B 74 23.71 -13.84 -33.50
C PRO B 74 22.68 -13.78 -34.62
N LYS B 75 22.57 -14.89 -35.35
CA LYS B 75 21.60 -15.11 -36.43
C LYS B 75 20.17 -14.85 -35.90
N ASP B 76 19.45 -13.92 -36.54
CA ASP B 76 18.09 -13.47 -36.19
C ASP B 76 17.99 -13.03 -34.74
N ILE B 77 18.63 -11.87 -34.45
CA ILE B 77 18.68 -11.21 -33.13
C ILE B 77 17.25 -10.89 -32.62
N LEU B 78 16.32 -10.59 -33.54
CA LEU B 78 14.92 -10.36 -33.24
C LEU B 78 14.01 -11.03 -34.26
N THR B 79 13.08 -11.84 -33.76
CA THR B 79 12.04 -12.53 -34.54
C THR B 79 10.70 -12.25 -33.83
N TYR B 80 9.71 -11.74 -34.57
CA TYR B 80 8.41 -11.42 -34.02
C TYR B 80 7.24 -11.69 -34.93
N THR B 81 6.08 -11.86 -34.33
CA THR B 81 4.81 -12.02 -35.00
C THR B 81 3.93 -10.92 -34.45
N GLU B 82 2.92 -10.49 -35.25
CA GLU B 82 1.93 -9.50 -34.84
C GLU B 82 0.73 -10.24 -34.29
N LEU B 83 0.23 -9.78 -33.16
CA LEU B 83 -0.95 -10.35 -32.52
C LEU B 83 -2.14 -9.48 -32.91
N VAL B 84 -3.10 -10.10 -33.60
CA VAL B 84 -4.30 -9.49 -34.19
C VAL B 84 -5.50 -10.27 -33.68
N LEU B 85 -6.64 -9.60 -33.41
CA LEU B 85 -7.86 -10.29 -32.98
C LEU B 85 -8.67 -10.80 -34.18
N ASP B 86 -9.18 -12.06 -34.12
CA ASP B 86 -10.06 -12.65 -35.12
C ASP B 86 -11.51 -12.15 -34.91
N PRO B 87 -12.45 -12.29 -35.90
CA PRO B 87 -13.83 -11.79 -35.70
C PRO B 87 -14.63 -12.42 -34.54
N GLN B 88 -14.16 -13.54 -33.98
CA GLN B 88 -14.77 -14.20 -32.81
C GLN B 88 -14.21 -13.59 -31.50
N GLY B 89 -13.28 -12.64 -31.65
CA GLY B 89 -12.67 -11.93 -30.53
C GLY B 89 -11.45 -12.60 -29.92
N GLN B 90 -10.83 -13.52 -30.69
CA GLN B 90 -9.65 -14.29 -30.28
C GLN B 90 -8.33 -13.84 -30.97
N LEU B 91 -7.24 -13.85 -30.20
CA LEU B 91 -5.92 -13.45 -30.64
C LEU B 91 -5.33 -14.53 -31.53
N VAL B 92 -4.78 -14.12 -32.69
CA VAL B 92 -4.16 -14.99 -33.68
C VAL B 92 -2.77 -14.42 -34.07
N GLU B 93 -1.80 -15.32 -34.31
CA GLU B 93 -0.44 -14.91 -34.71
C GLU B 93 -0.45 -14.62 -36.19
N MET B 94 0.00 -13.41 -36.57
CA MET B 94 0.02 -13.03 -37.97
C MET B 94 1.36 -12.49 -38.42
N ASN B 95 1.73 -12.89 -39.63
CA ASN B 95 2.91 -12.44 -40.32
C ASN B 95 2.32 -11.63 -41.45
N ARG B 96 2.37 -10.29 -41.30
CA ARG B 96 1.79 -9.35 -42.26
C ARG B 96 2.57 -8.03 -42.42
N LEU B 97 2.20 -7.24 -43.44
CA LEU B 97 2.83 -5.95 -43.76
C LEU B 97 2.43 -4.85 -42.78
N PRO B 98 3.29 -3.82 -42.54
CA PRO B 98 2.92 -2.76 -41.58
C PRO B 98 1.73 -1.90 -41.98
N GLY B 99 1.26 -1.12 -41.02
CA GLY B 99 0.19 -0.12 -41.17
C GLY B 99 -1.19 -0.61 -41.54
N GLY B 100 -1.49 -1.87 -41.21
CA GLY B 100 -2.78 -2.43 -41.54
C GLY B 100 -3.60 -2.93 -40.38
N ASN B 101 -3.84 -2.06 -39.38
CA ASN B 101 -4.67 -2.42 -38.22
C ASN B 101 -6.02 -1.70 -38.26
N GLU B 102 -7.10 -2.40 -37.87
CA GLU B 102 -8.42 -1.78 -37.83
C GLU B 102 -8.95 -1.47 -36.41
N VAL B 103 -7.99 -1.36 -35.46
CA VAL B 103 -8.13 -0.95 -34.06
C VAL B 103 -6.87 -0.16 -33.69
N GLY B 104 -7.04 0.96 -32.97
CA GLY B 104 -5.95 1.84 -32.52
C GLY B 104 -5.02 1.29 -31.45
N MET B 105 -4.70 0.00 -31.53
CA MET B 105 -3.81 -0.73 -30.62
C MET B 105 -3.11 -1.76 -31.47
N VAL B 106 -1.83 -2.06 -31.16
CA VAL B 106 -1.04 -3.07 -31.89
C VAL B 106 -0.32 -3.98 -30.89
N ALA B 107 -0.25 -5.29 -31.18
CA ALA B 107 0.43 -6.24 -30.29
C ALA B 107 1.41 -7.12 -31.05
N PHE B 108 2.54 -7.43 -30.39
CA PHE B 108 3.64 -8.24 -30.94
C PHE B 108 4.12 -9.27 -29.93
N LYS B 109 4.35 -10.52 -30.42
CA LYS B 109 4.92 -11.63 -29.66
C LYS B 109 6.38 -11.74 -30.14
N MET B 110 7.29 -11.13 -29.38
CA MET B 110 8.70 -10.98 -29.74
C MET B 110 9.70 -11.96 -29.13
N THR B 111 10.60 -12.48 -29.97
CA THR B 111 11.69 -13.37 -29.53
C THR B 111 12.99 -12.60 -29.71
N LEU B 112 13.66 -12.35 -28.58
CA LEU B 112 14.86 -11.51 -28.53
C LEU B 112 16.09 -12.29 -28.09
N LYS B 113 17.19 -12.08 -28.80
CA LYS B 113 18.46 -12.75 -28.49
C LYS B 113 19.33 -11.74 -27.80
N THR B 114 19.61 -12.00 -26.49
CA THR B 114 20.32 -11.13 -25.54
C THR B 114 21.53 -11.86 -24.89
N LEU B 115 22.41 -11.13 -24.17
CA LEU B 115 23.56 -11.73 -23.48
C LEU B 115 23.13 -12.77 -22.42
N GLU B 116 22.00 -12.49 -21.76
CA GLU B 116 21.49 -13.34 -20.69
C GLU B 116 20.85 -14.62 -21.20
N TYR B 117 20.27 -14.56 -22.44
CA TYR B 117 19.62 -15.67 -23.16
C TYR B 117 20.01 -15.56 -24.63
N PRO B 118 21.17 -16.16 -25.01
CA PRO B 118 21.65 -16.03 -26.40
C PRO B 118 20.82 -16.80 -27.43
N GLU B 119 20.09 -17.87 -26.99
CA GLU B 119 19.18 -18.64 -27.86
C GLU B 119 17.76 -18.01 -27.91
N GLY B 120 17.55 -16.96 -27.11
CA GLY B 120 16.29 -16.22 -27.11
C GLY B 120 15.41 -16.21 -25.87
N ARG B 121 14.76 -15.06 -25.66
CA ARG B 121 13.78 -14.82 -24.58
C ARG B 121 12.53 -14.22 -25.20
N ASP B 122 11.36 -14.49 -24.59
CA ASP B 122 10.09 -13.95 -25.08
C ASP B 122 9.50 -12.82 -24.25
N ILE B 123 8.88 -11.84 -24.94
CA ILE B 123 8.12 -10.71 -24.41
C ILE B 123 6.85 -10.54 -25.24
N ILE B 124 5.89 -9.77 -24.70
CA ILE B 124 4.65 -9.34 -25.35
C ILE B 124 4.76 -7.82 -25.44
N LEU B 125 4.56 -7.28 -26.65
CA LEU B 125 4.66 -5.85 -26.91
C LEU B 125 3.31 -5.28 -27.29
N ILE B 126 2.73 -4.42 -26.43
CA ILE B 126 1.43 -3.77 -26.70
C ILE B 126 1.67 -2.27 -26.78
N SER B 127 1.04 -1.62 -27.76
CA SER B 127 1.20 -0.20 -27.98
C SER B 127 -0.02 0.46 -28.58
N ASN B 128 -0.23 1.72 -28.21
CA ASN B 128 -1.33 2.48 -28.77
C ASN B 128 -0.86 2.98 -30.15
N ASP B 129 -1.82 3.31 -31.03
CA ASP B 129 -1.52 3.89 -32.34
C ASP B 129 -2.10 5.32 -32.40
N ILE B 130 -1.30 6.31 -31.92
CA ILE B 130 -1.69 7.74 -31.86
C ILE B 130 -2.30 8.35 -33.14
N THR B 131 -2.16 7.68 -34.30
CA THR B 131 -2.70 8.14 -35.59
C THR B 131 -4.07 7.55 -35.92
N PHE B 132 -4.54 6.57 -35.11
CA PHE B 132 -5.82 5.89 -35.27
C PHE B 132 -6.76 6.40 -34.18
N ARG B 133 -7.71 7.30 -34.56
CA ARG B 133 -8.70 7.96 -33.69
C ARG B 133 -7.97 8.54 -32.47
N ILE B 134 -6.83 9.22 -32.72
CA ILE B 134 -5.92 9.82 -31.74
C ILE B 134 -5.57 8.89 -30.53
N GLY B 135 -5.35 7.61 -30.80
CA GLY B 135 -5.00 6.64 -29.76
C GLY B 135 -6.03 6.45 -28.64
N SER B 136 -7.29 6.93 -28.85
CA SER B 136 -8.41 6.78 -27.91
C SER B 136 -8.75 5.32 -27.73
N PHE B 137 -9.20 4.95 -26.54
CA PHE B 137 -9.55 3.57 -26.22
C PHE B 137 -11.04 3.29 -26.51
N GLY B 138 -11.28 2.47 -27.52
CA GLY B 138 -12.61 2.04 -27.92
C GLY B 138 -12.82 0.58 -27.59
N PRO B 139 -13.89 -0.07 -28.13
CA PRO B 139 -14.11 -1.50 -27.84
C PRO B 139 -12.95 -2.46 -28.15
N GLY B 140 -12.50 -2.44 -29.40
CA GLY B 140 -11.43 -3.31 -29.89
C GLY B 140 -10.07 -3.06 -29.29
N GLU B 141 -9.75 -1.78 -28.99
CA GLU B 141 -8.48 -1.34 -28.42
C GLU B 141 -8.34 -1.98 -27.06
N ASP B 142 -9.44 -1.99 -26.30
CA ASP B 142 -9.52 -2.59 -24.97
C ASP B 142 -9.41 -4.14 -25.00
N LEU B 143 -10.05 -4.80 -26.02
CA LEU B 143 -10.01 -6.26 -26.19
C LEU B 143 -8.65 -6.77 -26.66
N LEU B 144 -7.99 -6.04 -27.54
CA LEU B 144 -6.65 -6.41 -27.99
C LEU B 144 -5.55 -6.20 -26.89
N TYR B 145 -5.79 -5.33 -25.90
CA TYR B 145 -4.83 -5.11 -24.81
C TYR B 145 -5.03 -6.26 -23.80
N LEU B 146 -6.29 -6.64 -23.58
CA LEU B 146 -6.70 -7.68 -22.66
C LEU B 146 -6.25 -9.04 -23.13
N ARG B 147 -6.31 -9.28 -24.44
CA ARG B 147 -5.97 -10.57 -25.05
C ARG B 147 -4.49 -10.82 -25.20
N ALA B 148 -3.70 -9.76 -25.46
CA ALA B 148 -2.25 -9.87 -25.54
C ALA B 148 -1.68 -9.97 -24.13
N SER B 149 -2.39 -9.39 -23.11
CA SER B 149 -2.01 -9.43 -21.69
C SER B 149 -2.21 -10.82 -21.11
N GLU B 150 -3.38 -11.41 -21.38
CA GLU B 150 -3.72 -12.76 -20.96
C GLU B 150 -2.72 -13.75 -21.54
N LEU B 151 -2.25 -13.55 -22.78
CA LEU B 151 -1.25 -14.39 -23.45
C LEU B 151 0.11 -14.30 -22.75
N ALA B 152 0.49 -13.11 -22.29
CA ALA B 152 1.70 -12.87 -21.51
C ALA B 152 1.54 -13.52 -20.12
N ARG B 153 0.29 -13.48 -19.56
CA ARG B 153 -0.03 -14.11 -18.27
C ARG B 153 0.09 -15.62 -18.44
N ALA B 154 -0.73 -16.22 -19.37
CA ALA B 154 -0.74 -17.66 -19.68
C ALA B 154 0.67 -18.20 -20.01
N GLU B 155 1.51 -17.45 -20.75
CA GLU B 155 2.89 -17.82 -21.07
C GLU B 155 3.90 -17.45 -19.95
N GLY B 156 3.46 -16.66 -18.96
CA GLY B 156 4.25 -16.22 -17.81
C GLY B 156 5.49 -15.40 -18.14
N ILE B 157 5.45 -14.70 -19.26
CA ILE B 157 6.56 -13.89 -19.80
C ILE B 157 6.38 -12.36 -19.59
N PRO B 158 7.40 -11.50 -19.83
CA PRO B 158 7.18 -10.06 -19.65
C PRO B 158 6.16 -9.46 -20.60
N ARG B 159 5.42 -8.46 -20.10
CA ARG B 159 4.43 -7.73 -20.90
C ARG B 159 4.89 -6.28 -20.96
N VAL B 160 5.24 -5.81 -22.17
CA VAL B 160 5.76 -4.45 -22.40
C VAL B 160 4.67 -3.60 -23.07
N TYR B 161 4.32 -2.46 -22.44
CA TYR B 161 3.29 -1.58 -22.96
C TYR B 161 3.81 -0.18 -23.25
N LEU B 162 3.66 0.27 -24.52
CA LEU B 162 4.08 1.61 -24.95
C LEU B 162 2.84 2.54 -25.01
N ALA B 163 2.80 3.57 -24.12
CA ALA B 163 1.69 4.54 -24.00
C ALA B 163 1.86 5.82 -24.80
N ALA B 164 0.95 6.02 -25.75
CA ALA B 164 0.82 7.20 -26.63
C ALA B 164 -0.67 7.22 -27.00
N ASN B 165 -1.52 7.57 -26.01
CA ASN B 165 -2.97 7.49 -26.09
C ASN B 165 -3.77 8.77 -25.75
N SER B 166 -5.11 8.64 -25.67
CA SER B 166 -6.02 9.73 -25.34
C SER B 166 -7.14 9.32 -24.36
N GLY B 167 -6.96 8.21 -23.65
CA GLY B 167 -7.98 7.74 -22.72
C GLY B 167 -9.21 7.20 -23.43
N ALA B 168 -10.28 6.91 -22.67
CA ALA B 168 -11.54 6.33 -23.17
C ALA B 168 -12.24 7.16 -24.24
N ARG B 169 -12.65 6.48 -25.32
CA ARG B 169 -13.32 7.03 -26.49
C ARG B 169 -14.72 7.53 -26.17
N ILE B 170 -15.04 8.73 -26.65
CA ILE B 170 -16.33 9.36 -26.46
C ILE B 170 -16.99 9.56 -27.82
N GLY B 171 -18.32 9.59 -27.83
CA GLY B 171 -19.10 9.78 -29.04
C GLY B 171 -20.56 10.08 -28.77
N LEU B 172 -21.24 10.66 -29.78
CA LEU B 172 -22.67 11.02 -29.74
C LEU B 172 -23.43 10.34 -30.89
N ALA B 173 -24.73 10.11 -30.71
CA ALA B 173 -25.57 9.51 -31.75
C ALA B 173 -25.87 10.56 -32.84
N GLU B 174 -25.04 10.55 -33.90
CA GLU B 174 -25.04 11.45 -35.07
C GLU B 174 -26.30 11.38 -35.93
N GLU B 175 -26.95 10.21 -35.97
CA GLU B 175 -28.17 9.95 -36.72
C GLU B 175 -29.34 10.71 -36.09
N ILE B 176 -29.52 10.54 -34.75
CA ILE B 176 -30.57 11.19 -33.94
C ILE B 176 -30.34 12.72 -33.83
N LYS B 177 -29.07 13.16 -34.02
CA LYS B 177 -28.61 14.55 -33.93
C LYS B 177 -29.25 15.46 -34.99
N HIS B 178 -29.28 15.01 -36.25
CA HIS B 178 -29.81 15.72 -37.42
C HIS B 178 -31.32 15.45 -37.60
N MET B 179 -31.97 14.79 -36.63
CA MET B 179 -33.40 14.51 -36.76
C MET B 179 -34.26 14.91 -35.57
N PHE B 180 -33.69 14.93 -34.33
CA PHE B 180 -34.45 15.28 -33.12
C PHE B 180 -35.08 16.66 -33.13
N GLN B 181 -36.21 16.79 -32.41
CA GLN B 181 -36.98 18.03 -32.26
C GLN B 181 -36.90 18.50 -30.80
N VAL B 182 -37.08 19.81 -30.60
CA VAL B 182 -37.05 20.44 -29.29
C VAL B 182 -38.45 20.92 -28.91
N ALA B 183 -38.99 20.42 -27.78
CA ALA B 183 -40.24 20.97 -27.28
C ALA B 183 -39.88 22.01 -26.22
N TRP B 184 -39.99 23.28 -26.62
CA TRP B 184 -39.74 24.46 -25.79
C TRP B 184 -40.89 24.61 -24.82
N VAL B 185 -40.68 25.33 -23.70
CA VAL B 185 -41.78 25.59 -22.77
C VAL B 185 -42.60 26.75 -23.33
N ASP B 186 -41.90 27.70 -24.00
CA ASP B 186 -42.50 28.82 -24.72
C ASP B 186 -41.74 28.99 -26.05
N PRO B 187 -42.29 28.52 -27.20
CA PRO B 187 -41.50 28.55 -28.45
C PRO B 187 -41.29 29.90 -29.15
N GLU B 188 -41.84 30.99 -28.56
CA GLU B 188 -41.80 32.34 -29.15
C GLU B 188 -40.45 33.07 -29.30
N ASP B 189 -39.56 33.28 -28.26
CA ASP B 189 -39.43 32.91 -26.83
C ASP B 189 -38.62 31.59 -26.43
N PRO B 190 -37.76 30.97 -27.29
CA PRO B 190 -37.00 29.79 -26.82
C PRO B 190 -36.16 29.93 -25.54
N HIS B 191 -35.91 31.17 -25.07
CA HIS B 191 -35.15 31.43 -23.84
C HIS B 191 -35.78 30.90 -22.57
N LYS B 192 -37.09 30.59 -22.60
CA LYS B 192 -37.83 30.02 -21.46
C LYS B 192 -37.29 28.66 -21.01
N GLY B 193 -36.70 27.90 -21.92
CA GLY B 193 -36.16 26.58 -21.64
C GLY B 193 -36.75 25.45 -22.46
N ILE B 194 -36.34 24.22 -22.11
CA ILE B 194 -36.72 22.96 -22.75
C ILE B 194 -37.59 22.13 -21.81
N LYS B 195 -38.68 21.58 -22.35
CA LYS B 195 -39.56 20.66 -21.66
C LYS B 195 -38.95 19.28 -21.88
N TYR B 196 -38.80 18.89 -23.16
CA TYR B 196 -38.24 17.60 -23.56
C TYR B 196 -37.82 17.60 -25.04
N LEU B 197 -37.02 16.60 -25.43
CA LEU B 197 -36.62 16.42 -26.82
C LEU B 197 -37.51 15.31 -27.33
N TYR B 198 -37.92 15.34 -28.61
CA TYR B 198 -38.82 14.31 -29.16
C TYR B 198 -38.56 13.92 -30.62
N LEU B 199 -39.32 12.94 -31.13
CA LEU B 199 -39.33 12.49 -32.53
C LEU B 199 -40.74 12.69 -33.12
N THR B 200 -40.81 13.04 -34.41
CA THR B 200 -42.05 13.18 -35.18
C THR B 200 -42.51 11.74 -35.43
N PRO B 201 -43.84 11.45 -35.61
CA PRO B 201 -44.22 10.04 -35.91
C PRO B 201 -43.42 9.47 -37.09
N GLN B 202 -43.14 10.32 -38.12
CA GLN B 202 -42.34 10.06 -39.33
C GLN B 202 -40.97 9.48 -38.99
N ASP B 203 -40.21 10.19 -38.14
CA ASP B 203 -38.85 9.82 -37.72
C ASP B 203 -38.79 8.59 -36.81
N TYR B 204 -39.80 8.37 -35.94
CA TYR B 204 -39.83 7.20 -35.07
C TYR B 204 -39.94 5.90 -35.90
N THR B 205 -40.70 5.94 -37.03
CA THR B 205 -40.85 4.81 -37.96
C THR B 205 -39.53 4.58 -38.70
N ARG B 206 -38.98 5.66 -39.35
CA ARG B 206 -37.71 5.69 -40.09
C ARG B 206 -36.58 5.05 -39.27
N ILE B 207 -36.51 5.37 -37.95
CA ILE B 207 -35.53 4.86 -37.01
C ILE B 207 -35.75 3.38 -36.58
N SER B 208 -36.42 2.62 -37.49
CA SER B 208 -36.72 1.19 -37.42
C SER B 208 -37.27 0.74 -36.00
N SER B 209 -36.98 -0.44 -35.35
CA SER B 209 -36.17 -1.64 -35.61
C SER B 209 -34.66 -1.45 -35.75
N LEU B 210 -34.14 -0.42 -35.05
CA LEU B 210 -32.74 -0.04 -34.99
C LEU B 210 -32.29 0.07 -33.53
N ASN B 211 -33.27 0.26 -32.59
CA ASN B 211 -33.10 0.38 -31.13
C ASN B 211 -32.06 1.46 -30.70
N SER B 212 -32.00 2.59 -31.45
CA SER B 212 -31.05 3.69 -31.21
C SER B 212 -31.54 4.75 -30.21
N VAL B 213 -32.85 4.74 -29.91
CA VAL B 213 -33.53 5.61 -28.94
C VAL B 213 -34.62 4.80 -28.25
N HIS B 214 -35.11 5.31 -27.12
CA HIS B 214 -36.21 4.78 -26.31
C HIS B 214 -37.14 5.96 -26.21
N CYS B 215 -38.45 5.76 -26.43
CA CYS B 215 -39.43 6.86 -26.42
C CYS B 215 -40.71 6.59 -25.65
N LYS B 216 -41.29 7.64 -25.05
CA LYS B 216 -42.62 7.58 -24.43
C LYS B 216 -43.58 8.40 -25.31
N HIS B 217 -44.62 7.74 -25.85
CA HIS B 217 -45.56 8.39 -26.76
C HIS B 217 -46.41 9.45 -26.10
N VAL B 218 -46.32 10.68 -26.62
CA VAL B 218 -47.03 11.85 -26.10
C VAL B 218 -47.95 12.52 -27.14
N GLU B 219 -49.06 13.09 -26.65
CA GLU B 219 -50.04 13.84 -27.40
C GLU B 219 -50.10 15.30 -26.86
N GLU B 220 -49.11 16.15 -27.25
CA GLU B 220 -49.06 17.57 -26.87
C GLU B 220 -49.73 18.43 -27.97
N ASP B 221 -50.68 19.31 -27.56
CA ASP B 221 -51.47 20.23 -28.40
C ASP B 221 -52.51 19.52 -29.29
N GLY B 222 -52.09 18.48 -30.01
CA GLY B 222 -52.95 17.72 -30.92
C GLY B 222 -52.21 16.74 -31.80
N GLU B 223 -50.91 16.99 -32.04
CA GLU B 223 -50.04 16.16 -32.89
C GLU B 223 -49.20 15.18 -32.05
N SER B 224 -48.97 13.96 -32.60
CA SER B 224 -48.19 12.89 -31.96
C SER B 224 -46.69 13.20 -31.88
N ARG B 225 -46.13 13.12 -30.65
CA ARG B 225 -44.72 13.37 -30.40
C ARG B 225 -44.13 12.22 -29.59
N TYR B 226 -43.02 11.63 -30.06
CA TYR B 226 -42.33 10.55 -29.34
C TYR B 226 -41.14 11.14 -28.56
N VAL B 227 -41.37 11.46 -27.27
CA VAL B 227 -40.39 12.04 -26.32
C VAL B 227 -39.13 11.15 -26.17
N ILE B 228 -37.94 11.72 -26.39
CA ILE B 228 -36.71 10.94 -26.19
C ILE B 228 -36.49 10.79 -24.68
N THR B 229 -36.45 9.55 -24.19
CA THR B 229 -36.22 9.23 -22.77
C THR B 229 -34.78 8.77 -22.56
N ASP B 230 -34.20 8.04 -23.54
CA ASP B 230 -32.85 7.50 -23.50
C ASP B 230 -32.27 7.43 -24.95
N ILE B 231 -31.07 7.96 -25.18
CA ILE B 231 -30.42 7.83 -26.48
C ILE B 231 -29.36 6.74 -26.30
N ILE B 232 -29.47 5.65 -27.06
CA ILE B 232 -28.54 4.52 -27.00
C ILE B 232 -27.47 4.68 -28.08
N GLY B 233 -27.91 4.84 -29.33
CA GLY B 233 -27.03 4.98 -30.50
C GLY B 233 -26.80 3.67 -31.23
N LYS B 234 -26.55 3.73 -32.56
CA LYS B 234 -26.29 2.57 -33.43
C LYS B 234 -24.88 2.03 -33.15
N GLU B 235 -23.86 2.91 -33.34
CA GLU B 235 -22.44 2.61 -33.16
C GLU B 235 -22.15 2.22 -31.70
N GLU B 236 -21.22 1.27 -31.52
CA GLU B 236 -20.80 0.76 -30.22
C GLU B 236 -19.57 1.51 -29.80
N GLY B 237 -19.43 1.76 -28.51
CA GLY B 237 -18.29 2.47 -27.95
C GLY B 237 -18.48 3.97 -27.86
N LEU B 238 -19.51 4.39 -27.11
CA LEU B 238 -19.85 5.79 -26.91
C LEU B 238 -19.73 6.15 -25.44
N GLY B 239 -20.61 5.59 -24.63
CA GLY B 239 -20.68 5.87 -23.20
C GLY B 239 -20.04 4.83 -22.32
N VAL B 240 -20.80 4.44 -21.30
CA VAL B 240 -20.45 3.53 -20.22
C VAL B 240 -19.84 2.14 -20.63
N GLU B 241 -20.03 1.69 -21.89
CA GLU B 241 -19.46 0.42 -22.36
C GLU B 241 -17.93 0.49 -22.45
N ASN B 242 -17.38 1.70 -22.74
CA ASN B 242 -15.93 2.00 -22.81
C ASN B 242 -15.29 1.94 -21.45
N LEU B 243 -16.09 2.25 -20.40
CA LEU B 243 -15.64 2.26 -19.00
C LEU B 243 -15.65 0.86 -18.40
N ARG B 244 -16.44 -0.04 -18.99
CA ARG B 244 -16.42 -1.42 -18.60
C ARG B 244 -15.18 -2.06 -19.30
N GLY B 245 -14.84 -1.59 -20.51
CA GLY B 245 -13.63 -1.99 -21.22
C GLY B 245 -12.36 -1.51 -20.51
N SER B 246 -12.43 -0.33 -19.86
CA SER B 246 -11.39 0.27 -19.02
C SER B 246 -11.19 -0.54 -17.70
N GLY B 247 -12.29 -0.87 -17.00
CA GLY B 247 -12.29 -1.70 -15.80
C GLY B 247 -11.70 -3.08 -16.02
N MET B 248 -11.99 -3.68 -17.21
CA MET B 248 -11.52 -4.98 -17.73
C MET B 248 -9.98 -5.03 -17.81
N ILE B 249 -9.38 -4.07 -18.51
CA ILE B 249 -7.94 -3.97 -18.68
C ILE B 249 -7.22 -3.54 -17.41
N ALA B 250 -7.92 -2.71 -16.56
CA ALA B 250 -7.36 -2.25 -15.28
C ALA B 250 -7.12 -3.41 -14.37
N GLY B 251 -8.14 -4.27 -14.21
CA GLY B 251 -8.11 -5.47 -13.37
C GLY B 251 -7.11 -6.51 -13.80
N GLU B 252 -6.86 -6.58 -15.12
CA GLU B 252 -5.92 -7.48 -15.78
C GLU B 252 -4.48 -7.02 -15.53
N THR B 253 -4.20 -5.71 -15.70
CA THR B 253 -2.86 -5.15 -15.43
C THR B 253 -2.50 -5.34 -13.94
N SER B 254 -3.49 -5.12 -13.06
CA SER B 254 -3.36 -5.29 -11.62
C SER B 254 -2.98 -6.74 -11.33
N GLN B 255 -3.53 -7.71 -12.10
CA GLN B 255 -3.20 -9.11 -11.92
C GLN B 255 -1.80 -9.39 -12.48
N ASP B 256 -1.51 -8.87 -13.70
CA ASP B 256 -0.21 -8.97 -14.39
C ASP B 256 1.00 -8.63 -13.49
N TYR B 257 1.02 -7.42 -12.91
CA TYR B 257 2.04 -6.92 -12.00
C TYR B 257 2.43 -7.94 -10.89
N ASP B 258 1.40 -8.56 -10.28
CA ASP B 258 1.49 -9.60 -9.25
C ASP B 258 2.00 -10.95 -9.73
N GLU B 259 1.85 -11.24 -11.00
CA GLU B 259 2.19 -12.55 -11.55
C GLU B 259 3.37 -12.51 -12.52
N ILE B 260 3.42 -11.49 -13.36
CA ILE B 260 4.44 -11.43 -14.39
C ILE B 260 5.24 -10.14 -14.33
N VAL B 261 6.31 -10.05 -15.16
CA VAL B 261 7.14 -8.86 -15.25
C VAL B 261 6.32 -7.83 -16.07
N THR B 262 6.08 -6.62 -15.48
CA THR B 262 5.38 -5.53 -16.16
C THR B 262 6.27 -4.30 -16.32
N ILE B 263 6.44 -3.85 -17.57
CA ILE B 263 7.17 -2.65 -17.92
C ILE B 263 6.26 -1.75 -18.81
N SER B 264 6.31 -0.44 -18.58
CA SER B 264 5.57 0.55 -19.39
C SER B 264 6.43 1.76 -19.63
N MET B 265 6.32 2.30 -20.86
CA MET B 265 6.99 3.50 -21.34
C MET B 265 5.94 4.55 -21.72
N VAL B 266 6.23 5.83 -21.49
CA VAL B 266 5.30 6.90 -21.87
C VAL B 266 5.88 7.82 -22.92
N SER B 267 5.29 7.79 -24.12
CA SER B 267 5.68 8.68 -25.19
C SER B 267 4.49 9.58 -25.54
N CYS B 268 4.72 10.88 -25.76
CA CYS B 268 3.67 11.89 -26.03
C CYS B 268 2.70 12.13 -24.82
N ARG B 269 1.80 11.19 -24.50
CA ARG B 269 0.80 11.32 -23.43
C ARG B 269 0.15 10.00 -23.02
N ALA B 270 -0.25 9.92 -21.74
CA ALA B 270 -0.99 8.84 -21.10
C ALA B 270 -2.15 9.48 -20.31
N LEU B 271 -3.36 9.45 -20.89
CA LEU B 271 -4.60 10.04 -20.40
C LEU B 271 -5.58 9.04 -19.76
N GLY B 272 -6.24 9.45 -18.69
CA GLY B 272 -7.24 8.68 -17.95
C GLY B 272 -6.89 7.23 -17.68
N ILE B 273 -7.52 6.29 -18.43
CA ILE B 273 -7.24 4.85 -18.29
C ILE B 273 -5.81 4.54 -18.66
N GLY B 274 -5.27 5.29 -19.62
CA GLY B 274 -3.88 5.19 -20.06
C GLY B 274 -2.89 5.51 -18.96
N ALA B 275 -3.22 6.44 -18.05
CA ALA B 275 -2.38 6.82 -16.92
C ALA B 275 -2.44 5.73 -15.91
N TYR B 276 -3.64 5.12 -15.75
CA TYR B 276 -3.85 4.02 -14.85
C TYR B 276 -3.14 2.76 -15.21
N LEU B 277 -2.99 2.50 -16.50
CA LEU B 277 -2.33 1.32 -17.04
C LEU B 277 -0.86 1.31 -16.73
N VAL B 278 -0.18 2.44 -16.92
CA VAL B 278 1.23 2.60 -16.63
C VAL B 278 1.49 2.42 -15.16
N ARG B 279 0.61 2.98 -14.31
CA ARG B 279 0.78 2.86 -12.86
C ARG B 279 0.50 1.43 -12.37
N LEU B 280 -0.55 0.78 -12.89
CA LEU B 280 -0.82 -0.59 -12.45
C LEU B 280 0.27 -1.60 -12.82
N GLY B 281 1.00 -1.31 -13.88
CA GLY B 281 2.17 -2.08 -14.29
C GLY B 281 3.39 -1.73 -13.47
N GLN B 282 3.28 -0.63 -12.68
CA GLN B 282 4.29 -0.08 -11.76
C GLN B 282 5.66 0.41 -12.31
N ARG B 283 6.30 -0.34 -13.24
CA ARG B 283 7.64 0.02 -13.72
C ARG B 283 7.53 0.90 -14.95
N VAL B 284 7.73 2.22 -14.75
CA VAL B 284 7.55 3.23 -15.78
C VAL B 284 8.81 4.00 -16.28
N ILE B 285 8.96 4.05 -17.61
CA ILE B 285 9.95 4.87 -18.31
C ILE B 285 9.13 6.06 -18.90
N GLN B 286 9.40 7.31 -18.46
CA GLN B 286 8.67 8.46 -19.04
C GLN B 286 9.62 9.19 -20.01
N VAL B 287 9.22 9.34 -21.26
CA VAL B 287 10.06 10.08 -22.23
C VAL B 287 9.91 11.59 -21.88
N GLU B 288 11.01 12.35 -21.94
CA GLU B 288 10.99 13.80 -21.71
C GLU B 288 9.94 14.47 -22.64
N ASN B 289 9.25 15.51 -22.16
CA ASN B 289 8.22 16.22 -22.95
C ASN B 289 6.86 15.48 -23.07
N SER B 290 6.73 14.31 -22.44
CA SER B 290 5.48 13.58 -22.45
C SER B 290 4.81 13.85 -21.12
N HIS B 291 3.48 13.58 -21.02
CA HIS B 291 2.70 13.78 -19.80
C HIS B 291 1.81 12.62 -19.45
N ILE B 292 1.78 12.24 -18.14
CA ILE B 292 0.92 11.16 -17.62
C ILE B 292 -0.13 11.93 -16.82
N ILE B 293 -1.34 12.10 -17.36
CA ILE B 293 -2.35 12.92 -16.68
C ILE B 293 -3.73 12.25 -16.57
N LEU B 294 -4.61 12.74 -15.63
CA LEU B 294 -6.00 12.23 -15.51
C LEU B 294 -6.99 13.12 -16.26
N THR B 295 -6.74 14.44 -16.24
CA THR B 295 -7.52 15.49 -16.91
C THR B 295 -6.58 16.62 -17.37
N GLY B 296 -6.75 17.06 -18.63
CA GLY B 296 -5.98 18.16 -19.24
C GLY B 296 -6.15 19.52 -18.55
N ALA B 297 -5.15 20.41 -18.73
CA ALA B 297 -5.13 21.76 -18.15
C ALA B 297 -6.32 22.61 -18.54
N THR B 298 -6.73 22.52 -19.82
CA THR B 298 -7.85 23.27 -20.38
C THR B 298 -9.15 22.96 -19.65
N ALA B 299 -9.46 21.65 -19.49
CA ALA B 299 -10.67 21.17 -18.83
C ALA B 299 -10.68 21.55 -17.33
N LEU B 300 -9.52 21.54 -16.67
CA LEU B 300 -9.36 21.88 -15.24
C LEU B 300 -9.53 23.36 -14.99
N ASN B 301 -9.02 24.18 -15.92
CA ASN B 301 -9.14 25.64 -15.86
C ASN B 301 -10.62 26.01 -16.04
N LYS B 302 -11.33 25.33 -16.97
CA LYS B 302 -12.77 25.51 -17.18
C LYS B 302 -13.56 25.13 -15.90
N VAL B 303 -13.17 23.99 -15.27
CA VAL B 303 -13.77 23.46 -14.03
C VAL B 303 -13.53 24.43 -12.86
N LEU B 304 -12.27 24.92 -12.70
CA LEU B 304 -11.90 25.85 -11.62
C LEU B 304 -12.51 27.24 -11.81
N GLY B 305 -12.70 27.63 -13.07
CA GLY B 305 -13.20 28.94 -13.47
C GLY B 305 -12.09 29.98 -13.41
N ARG B 306 -10.82 29.49 -13.36
CA ARG B 306 -9.60 30.28 -13.26
C ARG B 306 -8.54 29.69 -14.21
N ASP B 307 -7.76 30.55 -14.91
CA ASP B 307 -6.71 30.06 -15.80
C ASP B 307 -5.42 29.80 -15.04
N VAL B 308 -5.40 28.67 -14.31
CA VAL B 308 -4.36 28.16 -13.40
C VAL B 308 -3.22 27.42 -14.12
N TYR B 309 -3.57 26.48 -15.01
CA TYR B 309 -2.58 25.68 -15.70
C TYR B 309 -2.44 26.15 -17.13
N THR B 310 -1.19 26.21 -17.60
CA THR B 310 -0.83 26.69 -18.93
C THR B 310 -0.39 25.52 -19.82
N SER B 311 0.07 24.42 -19.20
CA SER B 311 0.60 23.21 -19.86
C SER B 311 0.11 21.92 -19.18
N ASN B 312 0.06 20.79 -19.93
CA ASN B 312 -0.26 19.47 -19.37
C ASN B 312 0.92 18.92 -18.62
N ASN B 313 2.11 19.43 -18.91
CA ASN B 313 3.39 19.15 -18.25
C ASN B 313 3.42 19.54 -16.75
N GLN B 314 2.71 20.61 -16.34
CA GLN B 314 2.62 21.05 -14.92
C GLN B 314 1.82 20.03 -14.10
N LEU B 315 0.96 19.29 -14.80
CA LEU B 315 0.11 18.28 -14.20
C LEU B 315 0.81 16.93 -14.05
N GLY B 316 1.31 16.38 -15.17
CA GLY B 316 1.92 15.06 -15.15
C GLY B 316 3.16 14.89 -15.99
N GLY B 317 3.99 15.94 -16.04
CA GLY B 317 5.28 15.92 -16.72
C GLY B 317 6.31 15.37 -15.75
N VAL B 318 7.52 15.06 -16.25
CA VAL B 318 8.63 14.53 -15.44
C VAL B 318 8.89 15.33 -14.14
N GLN B 319 8.54 16.66 -14.15
CA GLN B 319 8.69 17.59 -13.03
C GLN B 319 7.82 17.17 -11.83
N ILE B 320 6.81 16.34 -12.13
CA ILE B 320 5.83 15.82 -11.19
C ILE B 320 6.00 14.32 -11.01
N MET B 321 5.97 13.52 -12.14
CA MET B 321 6.05 12.07 -12.13
C MET B 321 7.41 11.48 -11.79
N HIS B 322 8.51 12.13 -12.17
CA HIS B 322 9.86 11.64 -11.86
C HIS B 322 10.25 12.07 -10.43
N HIS B 323 9.55 13.08 -9.89
CA HIS B 323 9.84 13.61 -8.56
C HIS B 323 8.97 13.01 -7.47
N ASN B 324 8.05 12.09 -7.85
CA ASN B 324 7.15 11.42 -6.89
C ASN B 324 7.13 9.86 -6.93
N GLY B 325 7.91 9.24 -7.81
CA GLY B 325 7.98 7.77 -7.90
C GLY B 325 7.13 7.04 -8.95
N VAL B 326 6.18 7.74 -9.61
CA VAL B 326 5.32 7.14 -10.65
C VAL B 326 6.20 6.78 -11.84
N SER B 327 7.17 7.67 -12.18
CA SER B 327 8.18 7.41 -13.21
C SER B 327 9.49 7.00 -12.52
N HIS B 328 9.96 5.76 -12.78
CA HIS B 328 11.21 5.18 -12.24
C HIS B 328 12.44 5.83 -12.85
N VAL B 329 12.36 6.16 -14.14
CA VAL B 329 13.45 6.77 -14.91
C VAL B 329 12.88 7.64 -16.00
N THR B 330 13.74 8.53 -16.53
CA THR B 330 13.44 9.40 -17.67
C THR B 330 14.55 9.18 -18.73
N VAL B 331 14.21 9.38 -20.03
CA VAL B 331 15.09 9.21 -21.22
C VAL B 331 14.74 10.29 -22.23
N PRO B 332 15.72 10.82 -23.01
CA PRO B 332 15.39 11.93 -23.93
C PRO B 332 14.48 11.57 -25.10
N ASP B 333 14.52 10.31 -25.56
CA ASP B 333 13.75 9.88 -26.73
C ASP B 333 13.21 8.44 -26.64
N ASP B 334 12.37 8.04 -27.64
CA ASP B 334 11.75 6.71 -27.73
C ASP B 334 12.76 5.59 -27.92
N PHE B 335 13.85 5.85 -28.68
CA PHE B 335 14.92 4.87 -28.86
C PHE B 335 15.68 4.63 -27.54
N GLU B 336 15.97 5.70 -26.75
CA GLU B 336 16.69 5.53 -25.46
C GLU B 336 15.89 4.77 -24.39
N GLY B 337 14.57 4.86 -24.43
CA GLY B 337 13.71 4.11 -23.53
C GLY B 337 13.57 2.65 -23.96
N VAL B 338 13.62 2.38 -25.29
CA VAL B 338 13.55 1.03 -25.88
C VAL B 338 14.77 0.22 -25.36
N CYS B 339 15.90 0.94 -25.19
CA CYS B 339 17.18 0.51 -24.64
C CYS B 339 17.05 0.27 -23.12
N THR B 340 16.23 1.08 -22.42
CA THR B 340 16.01 0.99 -20.97
C THR B 340 15.19 -0.24 -20.60
N ILE B 341 14.24 -0.63 -21.50
CA ILE B 341 13.42 -1.85 -21.33
C ILE B 341 14.33 -3.06 -21.33
N LEU B 342 15.10 -3.24 -22.42
CA LEU B 342 16.08 -4.32 -22.59
C LEU B 342 17.07 -4.31 -21.47
N GLU B 343 17.46 -3.10 -20.99
CA GLU B 343 18.42 -2.96 -19.87
C GLU B 343 17.82 -3.49 -18.57
N TRP B 344 16.53 -3.17 -18.29
CA TRP B 344 15.79 -3.64 -17.12
C TRP B 344 15.61 -5.14 -17.22
N LEU B 345 15.27 -5.64 -18.43
CA LEU B 345 15.08 -7.06 -18.68
C LEU B 345 16.37 -7.89 -18.44
N SER B 346 17.56 -7.32 -18.72
CA SER B 346 18.85 -8.01 -18.49
C SER B 346 19.09 -8.47 -17.06
N TYR B 347 18.27 -8.00 -16.08
CA TYR B 347 18.34 -8.41 -14.68
C TYR B 347 17.19 -9.38 -14.34
N MET B 348 16.23 -9.53 -15.25
CA MET B 348 15.03 -10.31 -15.02
C MET B 348 14.99 -11.62 -15.79
N PRO B 349 14.48 -12.72 -15.15
CA PRO B 349 14.35 -14.00 -15.88
C PRO B 349 13.41 -13.95 -17.08
N LYS B 350 13.64 -14.86 -18.05
CA LYS B 350 12.89 -14.97 -19.32
C LYS B 350 11.40 -15.26 -19.17
N ASP B 351 11.02 -15.82 -18.02
CA ASP B 351 9.64 -16.11 -17.61
C ASP B 351 9.57 -16.25 -16.08
N ASN B 352 8.35 -16.18 -15.52
CA ASN B 352 8.08 -16.28 -14.09
C ASN B 352 8.32 -17.66 -13.46
N ARG B 353 8.88 -18.62 -14.21
CA ARG B 353 9.23 -19.99 -13.79
C ARG B 353 10.75 -20.20 -13.67
N SER B 354 11.52 -19.42 -14.45
CA SER B 354 12.97 -19.51 -14.62
C SER B 354 13.84 -18.89 -13.51
N PRO B 355 15.14 -19.28 -13.37
CA PRO B 355 16.00 -18.63 -12.36
C PRO B 355 16.61 -17.33 -12.91
N VAL B 356 17.20 -16.52 -12.00
CA VAL B 356 17.82 -15.26 -12.38
C VAL B 356 18.93 -15.42 -13.43
N PRO B 357 18.94 -14.58 -14.50
CA PRO B 357 19.97 -14.72 -15.53
C PRO B 357 21.40 -14.41 -15.04
N VAL B 358 22.14 -15.47 -14.64
CA VAL B 358 23.51 -15.39 -14.12
C VAL B 358 24.54 -15.42 -15.27
N VAL B 359 25.24 -14.30 -15.48
CA VAL B 359 26.30 -14.16 -16.50
C VAL B 359 27.69 -14.29 -15.91
N THR B 360 28.64 -14.76 -16.72
CA THR B 360 30.03 -14.95 -16.35
C THR B 360 30.66 -13.59 -15.98
N PRO B 361 31.34 -13.44 -14.82
CA PRO B 361 31.87 -12.13 -14.47
C PRO B 361 33.17 -11.71 -15.16
N LYS B 362 33.20 -10.46 -15.64
CA LYS B 362 34.35 -9.79 -16.26
C LYS B 362 35.10 -9.11 -15.08
N ASP B 363 34.32 -8.63 -14.08
CA ASP B 363 34.81 -8.03 -12.84
C ASP B 363 34.90 -9.14 -11.78
N PRO B 364 36.15 -9.50 -11.36
CA PRO B 364 36.35 -10.63 -10.44
C PRO B 364 35.69 -10.62 -9.06
N ILE B 365 35.49 -11.84 -8.55
CA ILE B 365 34.94 -12.15 -7.23
C ILE B 365 36.06 -12.16 -6.18
N ASP B 366 37.25 -12.60 -6.60
CA ASP B 366 38.49 -12.70 -5.81
C ASP B 366 39.06 -11.35 -5.37
N ARG B 367 38.54 -10.21 -5.90
CA ARG B 367 39.01 -8.85 -5.58
C ARG B 367 38.47 -8.23 -4.27
N GLU B 368 39.19 -7.20 -3.78
CA GLU B 368 38.84 -6.37 -2.63
C GLU B 368 38.07 -5.13 -3.11
N ILE B 369 37.27 -4.51 -2.24
CA ILE B 369 36.56 -3.26 -2.56
C ILE B 369 37.57 -2.17 -2.22
N GLU B 370 37.80 -1.18 -3.12
CA GLU B 370 38.77 -0.06 -2.90
C GLU B 370 38.17 1.07 -2.13
N PHE B 371 36.95 1.51 -2.52
CA PHE B 371 36.28 2.61 -1.84
C PHE B 371 36.00 2.23 -0.40
N GLN B 372 36.38 3.15 0.50
CA GLN B 372 36.25 2.98 1.95
C GLN B 372 35.21 3.91 2.57
N PRO B 373 34.03 3.37 2.98
CA PRO B 373 33.03 4.21 3.66
C PRO B 373 33.65 5.07 4.75
N SER B 374 33.13 6.27 4.95
CA SER B 374 33.70 7.14 5.97
C SER B 374 32.89 7.18 7.27
N ARG B 375 33.46 7.81 8.29
CA ARG B 375 32.81 8.02 9.58
C ARG B 375 31.78 9.16 9.46
N GLY B 376 31.94 9.96 8.41
CA GLY B 376 31.07 11.07 8.04
C GLY B 376 30.26 10.71 6.81
N PRO B 377 29.26 11.53 6.40
CA PRO B 377 28.44 11.15 5.24
C PRO B 377 29.18 11.15 3.91
N TYR B 378 28.81 10.18 3.04
CA TYR B 378 29.30 9.99 1.67
C TYR B 378 28.11 9.61 0.79
N ASP B 379 28.28 9.70 -0.55
CA ASP B 379 27.21 9.27 -1.45
C ASP B 379 27.24 7.74 -1.40
N PRO B 380 26.13 7.07 -0.96
CA PRO B 380 26.16 5.60 -0.89
C PRO B 380 26.22 4.92 -2.26
N ARG B 381 26.18 5.68 -3.37
CA ARG B 381 26.30 5.14 -4.73
C ARG B 381 27.79 4.84 -4.99
N TRP B 382 28.68 5.36 -4.12
CA TRP B 382 30.14 5.13 -4.13
C TRP B 382 30.42 3.75 -3.51
N LEU B 383 29.58 3.36 -2.55
CA LEU B 383 29.64 2.09 -1.87
C LEU B 383 29.16 0.96 -2.82
N LEU B 384 28.22 1.29 -3.73
CA LEU B 384 27.60 0.37 -4.69
C LEU B 384 28.31 0.27 -6.04
N ALA B 385 28.45 1.41 -6.71
CA ALA B 385 29.02 1.55 -8.05
C ALA B 385 30.46 2.06 -8.10
N GLY B 386 30.99 2.48 -6.94
CA GLY B 386 32.32 3.08 -6.81
C GLY B 386 32.32 4.48 -7.37
N ARG B 387 33.51 5.01 -7.70
CA ARG B 387 33.69 6.30 -8.38
C ARG B 387 34.89 6.26 -9.34
N PRO B 388 34.82 6.83 -10.57
CA PRO B 388 35.96 6.75 -11.51
C PRO B 388 37.30 7.41 -11.08
N HIS B 389 37.71 7.14 -9.81
CA HIS B 389 38.92 7.52 -9.06
C HIS B 389 39.04 8.98 -8.54
N PRO B 390 39.28 9.21 -7.22
CA PRO B 390 39.40 10.60 -6.70
C PRO B 390 40.59 11.40 -7.26
N THR B 391 41.85 11.06 -6.88
CA THR B 391 43.05 11.76 -7.36
C THR B 391 43.29 11.56 -8.86
N LEU B 392 43.81 10.37 -9.27
CA LEU B 392 44.06 10.00 -10.67
C LEU B 392 42.74 9.81 -11.47
N LYS B 393 42.84 9.61 -12.80
CA LYS B 393 41.66 9.44 -13.66
C LYS B 393 41.92 8.46 -14.83
N GLY B 394 41.94 7.16 -14.57
CA GLY B 394 41.74 6.50 -13.28
C GLY B 394 40.90 5.24 -13.35
N SER B 395 39.95 5.24 -14.32
CA SER B 395 38.91 4.24 -14.59
C SER B 395 37.94 4.09 -13.44
N TRP B 396 38.41 3.62 -12.26
CA TRP B 396 37.56 3.47 -11.07
C TRP B 396 38.24 3.11 -9.77
N GLN B 397 37.64 3.57 -8.67
CA GLN B 397 38.01 3.19 -7.33
C GLN B 397 36.84 2.27 -7.02
N SER B 398 37.08 0.94 -7.03
CA SER B 398 36.07 -0.12 -6.89
C SER B 398 35.06 -0.02 -5.74
N GLY B 399 33.85 -0.47 -6.04
CA GLY B 399 32.74 -0.54 -5.10
C GLY B 399 32.30 -1.97 -4.87
N PHE B 400 31.18 -2.15 -4.14
CA PHE B 400 30.67 -3.46 -3.78
C PHE B 400 30.27 -4.34 -4.97
N PHE B 401 29.47 -3.78 -5.91
CA PHE B 401 28.95 -4.46 -7.09
C PHE B 401 29.89 -4.50 -8.31
N ASP B 402 29.50 -5.24 -9.37
CA ASP B 402 30.34 -5.33 -10.58
C ASP B 402 30.31 -4.00 -11.33
N GLN B 403 31.48 -3.54 -11.85
CA GLN B 403 31.68 -2.27 -12.58
C GLN B 403 30.65 -2.01 -13.69
N GLY B 404 29.88 -0.92 -13.54
CA GLY B 404 28.87 -0.48 -14.51
C GLY B 404 27.55 -1.22 -14.41
N SER B 405 27.41 -2.08 -13.38
CA SER B 405 26.19 -2.87 -13.23
C SER B 405 25.08 -2.17 -12.45
N PHE B 406 25.41 -1.17 -11.58
CA PHE B 406 24.37 -0.45 -10.81
C PHE B 406 23.61 0.52 -11.64
N LYS B 407 22.28 0.31 -11.65
CA LYS B 407 21.27 1.08 -12.38
C LYS B 407 20.14 1.42 -11.43
N GLU B 408 20.11 2.67 -11.05
CA GLU B 408 19.20 3.20 -10.08
C GLU B 408 17.85 3.60 -10.71
N ILE B 409 16.79 3.60 -9.89
CA ILE B 409 15.43 3.96 -10.24
C ILE B 409 14.97 4.94 -9.19
N MET B 410 14.03 5.79 -9.55
CA MET B 410 13.40 6.78 -8.66
C MET B 410 14.47 7.70 -8.04
N VAL B 411 15.38 8.22 -8.90
CA VAL B 411 16.48 9.10 -8.47
C VAL B 411 16.00 10.36 -7.74
N PRO B 412 15.02 11.14 -8.26
CA PRO B 412 14.62 12.37 -7.57
C PRO B 412 13.64 12.20 -6.40
N TRP B 413 13.06 11.03 -6.27
CA TRP B 413 12.07 10.77 -5.24
C TRP B 413 12.70 10.21 -3.96
N ALA B 414 12.24 10.74 -2.79
CA ALA B 414 12.61 10.33 -1.45
C ALA B 414 14.09 9.94 -1.41
N GLN B 415 14.97 10.96 -1.52
CA GLN B 415 16.41 10.82 -1.61
C GLN B 415 17.18 10.29 -0.40
N THR B 416 16.48 9.98 0.73
CA THR B 416 17.15 9.39 1.88
C THR B 416 17.34 7.89 1.70
N VAL B 417 16.73 7.34 0.65
CA VAL B 417 16.92 5.94 0.28
C VAL B 417 17.26 5.86 -1.23
N VAL B 418 18.23 5.00 -1.57
CA VAL B 418 18.72 4.70 -2.92
C VAL B 418 18.16 3.33 -3.32
N THR B 419 17.42 3.24 -4.44
CA THR B 419 16.88 1.97 -4.94
C THR B 419 17.36 1.73 -6.35
N GLY B 420 17.77 0.50 -6.64
CA GLY B 420 18.18 0.11 -7.98
C GLY B 420 18.46 -1.37 -8.18
N ARG B 421 19.06 -1.71 -9.30
CA ARG B 421 19.44 -3.06 -9.69
C ARG B 421 20.94 -3.04 -9.94
N ALA B 422 21.58 -4.22 -9.78
CA ALA B 422 23.03 -4.42 -9.94
C ALA B 422 23.36 -5.90 -10.05
N ARG B 423 24.58 -6.22 -10.46
CA ARG B 423 25.06 -7.61 -10.53
C ARG B 423 26.24 -7.88 -9.56
N LEU B 424 26.17 -8.98 -8.79
CA LEU B 424 27.26 -9.36 -7.86
C LEU B 424 27.90 -10.63 -8.41
N GLY B 425 29.04 -10.47 -9.09
CA GLY B 425 29.69 -11.59 -9.76
C GLY B 425 28.76 -12.22 -10.78
N GLY B 426 28.02 -11.36 -11.50
CA GLY B 426 27.09 -11.74 -12.56
C GLY B 426 25.70 -12.13 -12.12
N ILE B 427 25.44 -12.08 -10.80
CA ILE B 427 24.12 -12.39 -10.24
C ILE B 427 23.27 -11.11 -10.18
N PRO B 428 22.12 -11.00 -10.86
CA PRO B 428 21.31 -9.78 -10.70
C PRO B 428 20.59 -9.74 -9.35
N VAL B 429 20.52 -8.55 -8.71
CA VAL B 429 19.84 -8.31 -7.42
C VAL B 429 19.15 -6.94 -7.41
N GLY B 430 18.21 -6.81 -6.48
CA GLY B 430 17.52 -5.57 -6.16
C GLY B 430 18.38 -4.94 -5.09
N VAL B 431 18.61 -3.63 -5.17
CA VAL B 431 19.48 -2.90 -4.24
C VAL B 431 18.71 -1.74 -3.58
N ILE B 432 18.86 -1.64 -2.24
CA ILE B 432 18.30 -0.61 -1.36
C ILE B 432 19.44 -0.20 -0.39
N ALA B 433 19.88 1.08 -0.44
CA ALA B 433 20.94 1.57 0.47
C ALA B 433 20.49 2.85 1.13
N ALA B 434 20.72 2.98 2.47
CA ALA B 434 20.39 4.19 3.23
C ALA B 434 21.30 5.30 2.78
N GLU B 435 20.76 6.51 2.66
CA GLU B 435 21.57 7.67 2.30
C GLU B 435 21.91 8.39 3.61
N THR B 436 23.19 8.80 3.80
CA THR B 436 23.65 9.52 5.01
C THR B 436 23.73 11.00 4.81
N ARG B 437 23.91 11.48 3.58
CA ARG B 437 24.00 12.92 3.36
C ARG B 437 22.66 13.58 3.63
N THR B 438 22.69 14.80 4.19
CA THR B 438 21.46 15.55 4.43
C THR B 438 20.95 15.93 3.04
N VAL B 439 19.76 15.39 2.66
CA VAL B 439 19.17 15.68 1.35
C VAL B 439 18.36 17.01 1.38
N GLU B 440 18.48 17.80 0.31
CA GLU B 440 17.81 19.07 0.09
C GLU B 440 16.62 18.85 -0.86
N LEU B 441 15.41 18.72 -0.29
CA LEU B 441 14.18 18.46 -1.05
C LEU B 441 13.52 19.76 -1.45
N VAL B 442 13.25 19.92 -2.76
CA VAL B 442 12.54 21.11 -3.25
C VAL B 442 11.05 20.81 -3.53
N VAL B 443 10.17 21.26 -2.62
CA VAL B 443 8.72 21.17 -2.79
C VAL B 443 8.37 22.20 -3.88
N PRO B 444 7.87 21.77 -5.08
CA PRO B 444 7.60 22.75 -6.13
C PRO B 444 6.33 23.54 -5.87
N ALA B 445 6.27 24.78 -6.34
CA ALA B 445 5.13 25.68 -6.19
C ALA B 445 3.85 25.13 -6.83
N ASP B 446 2.72 25.29 -6.12
CA ASP B 446 1.36 24.91 -6.51
C ASP B 446 0.71 26.14 -7.22
N PRO B 447 0.58 26.15 -8.59
CA PRO B 447 -0.06 27.29 -9.30
C PRO B 447 -1.52 27.58 -8.89
N ALA B 448 -2.17 26.61 -8.23
CA ALA B 448 -3.52 26.78 -7.71
C ALA B 448 -3.50 27.67 -6.43
N ASN B 449 -2.47 27.50 -5.57
CA ASN B 449 -2.29 28.22 -4.31
C ASN B 449 -1.49 29.53 -4.53
N LEU B 450 -2.11 30.66 -4.17
CA LEU B 450 -1.53 32.00 -4.36
C LEU B 450 -0.30 32.38 -3.52
N ASP B 451 -0.14 31.80 -2.31
CA ASP B 451 1.02 32.08 -1.43
C ASP B 451 2.18 31.07 -1.56
N SER B 452 2.10 30.12 -2.54
CA SER B 452 3.12 29.08 -2.77
C SER B 452 4.42 29.52 -3.49
N GLU B 453 5.58 29.11 -2.94
CA GLU B 453 6.93 29.35 -3.48
C GLU B 453 7.65 27.97 -3.60
N ALA B 454 8.83 27.90 -4.29
CA ALA B 454 9.58 26.63 -4.36
C ALA B 454 10.33 26.47 -3.01
N LYS B 455 9.77 25.61 -2.14
CA LYS B 455 10.19 25.35 -0.76
C LYS B 455 11.25 24.25 -0.58
N ILE B 456 12.38 24.61 0.09
CA ILE B 456 13.49 23.72 0.42
C ILE B 456 13.30 23.11 1.81
N ILE B 457 13.11 21.78 1.89
CA ILE B 457 13.02 21.02 3.14
C ILE B 457 14.32 20.20 3.28
N GLN B 458 14.78 19.96 4.54
CA GLN B 458 15.98 19.19 4.85
C GLN B 458 15.59 17.81 5.35
N GLN B 459 16.13 16.79 4.69
CA GLN B 459 15.86 15.41 5.06
C GLN B 459 17.12 14.80 5.59
N ALA B 460 17.17 14.61 6.91
CA ALA B 460 18.30 14.02 7.62
C ALA B 460 18.61 12.61 7.09
N GLY B 461 19.88 12.37 6.79
CA GLY B 461 20.31 11.06 6.31
C GLY B 461 20.10 10.00 7.38
N GLN B 462 20.09 8.71 6.97
CA GLN B 462 19.90 7.56 7.87
C GLN B 462 18.53 7.50 8.53
N VAL B 463 17.56 8.25 8.02
CA VAL B 463 16.22 8.31 8.63
C VAL B 463 15.21 7.96 7.57
N TRP B 464 14.22 7.14 7.95
CA TRP B 464 13.09 6.76 7.11
C TRP B 464 11.98 7.79 7.36
N PHE B 465 11.60 8.55 6.35
CA PHE B 465 10.53 9.57 6.39
C PHE B 465 9.27 8.95 5.75
N PRO B 466 8.08 9.55 5.81
CA PRO B 466 6.93 8.92 5.15
C PRO B 466 7.17 8.54 3.66
N ASP B 467 7.95 9.34 2.94
CA ASP B 467 8.30 9.15 1.52
C ASP B 467 9.37 8.08 1.21
N SER B 468 10.45 7.97 2.04
CA SER B 468 11.54 6.99 1.84
C SER B 468 11.17 5.61 2.36
N ALA B 469 10.20 5.52 3.30
CA ALA B 469 9.68 4.24 3.83
C ALA B 469 8.83 3.61 2.70
N TYR B 470 8.01 4.46 2.04
CA TYR B 470 7.21 4.16 0.92
C TYR B 470 8.06 3.75 -0.27
N LYS B 471 9.14 4.47 -0.52
CA LYS B 471 10.08 4.16 -1.61
C LYS B 471 10.69 2.75 -1.42
N THR B 472 11.13 2.43 -0.15
CA THR B 472 11.70 1.16 0.29
C THR B 472 10.69 0.01 0.07
N ALA B 473 9.44 0.15 0.57
CA ALA B 473 8.40 -0.89 0.42
C ALA B 473 7.96 -1.08 -1.01
N GLN B 474 8.09 -0.01 -1.81
CA GLN B 474 7.80 -0.04 -3.24
C GLN B 474 8.83 -0.96 -3.92
N ALA B 475 10.12 -0.70 -3.70
CA ALA B 475 11.27 -1.46 -4.24
C ALA B 475 11.20 -2.91 -3.83
N ILE B 476 10.98 -3.20 -2.52
CA ILE B 476 10.86 -4.57 -1.97
C ILE B 476 9.78 -5.36 -2.73
N LYS B 477 8.55 -4.83 -2.80
CA LYS B 477 7.39 -5.43 -3.47
C LYS B 477 7.62 -5.65 -4.95
N ASP B 478 8.19 -4.62 -5.66
CA ASP B 478 8.44 -4.64 -7.12
C ASP B 478 9.53 -5.63 -7.47
N PHE B 479 10.71 -5.59 -6.75
CA PHE B 479 11.83 -6.53 -6.98
C PHE B 479 11.45 -7.96 -6.66
N ASN B 480 10.51 -8.16 -5.70
CA ASN B 480 10.02 -9.49 -5.35
C ASN B 480 9.26 -10.11 -6.55
N ARG B 481 8.55 -9.28 -7.32
CA ARG B 481 7.76 -9.68 -8.46
C ARG B 481 8.58 -9.87 -9.71
N GLU B 482 9.85 -9.44 -9.66
CA GLU B 482 10.82 -9.59 -10.74
C GLU B 482 11.48 -10.99 -10.53
N LYS B 483 11.24 -11.61 -9.32
CA LYS B 483 11.80 -12.84 -8.77
C LYS B 483 13.31 -12.61 -8.50
N LEU B 484 13.65 -11.43 -7.96
CA LEU B 484 15.04 -11.04 -7.70
C LEU B 484 15.48 -11.14 -6.23
N PRO B 485 16.73 -11.59 -5.94
CA PRO B 485 17.19 -11.52 -4.55
C PRO B 485 17.40 -10.05 -4.15
N LEU B 486 17.15 -9.74 -2.88
CA LEU B 486 17.33 -8.36 -2.41
C LEU B 486 18.58 -8.23 -1.51
N MET B 487 19.25 -7.08 -1.60
CA MET B 487 20.42 -6.74 -0.81
C MET B 487 20.24 -5.36 -0.23
N ILE B 488 20.14 -5.28 1.13
CA ILE B 488 19.97 -4.06 1.89
C ILE B 488 21.28 -3.67 2.59
N PHE B 489 21.79 -2.47 2.26
CA PHE B 489 22.98 -1.84 2.79
C PHE B 489 22.45 -0.83 3.79
N ALA B 490 22.21 -1.33 5.00
CA ALA B 490 21.53 -0.70 6.11
C ALA B 490 22.36 0.25 6.83
N ASN B 491 21.75 1.39 7.20
CA ASN B 491 22.36 2.49 7.96
C ASN B 491 21.24 3.43 8.35
N TRP B 492 20.39 2.98 9.23
CA TRP B 492 19.25 3.78 9.69
C TRP B 492 19.31 4.09 11.22
N ARG B 493 19.04 5.36 11.60
CA ARG B 493 18.98 5.76 13.01
C ARG B 493 17.58 5.44 13.55
N GLY B 494 16.64 5.20 12.63
CA GLY B 494 15.25 4.89 12.91
C GLY B 494 14.35 5.71 12.01
N PHE B 495 13.04 5.74 12.32
CA PHE B 495 12.05 6.49 11.55
C PHE B 495 11.93 7.92 12.12
N SER B 496 11.43 8.86 11.31
CA SER B 496 11.22 10.25 11.76
C SER B 496 10.05 10.29 12.75
N GLY B 497 10.28 10.88 13.91
CA GLY B 497 9.29 10.95 14.98
C GLY B 497 8.61 12.28 15.16
N GLY B 498 9.00 13.29 14.39
CA GLY B 498 8.41 14.64 14.44
C GLY B 498 6.92 14.67 14.15
N MET B 499 6.24 15.73 14.66
CA MET B 499 4.78 15.89 14.54
C MET B 499 4.25 15.88 13.10
N LYS B 500 4.92 16.62 12.18
CA LYS B 500 4.54 16.74 10.78
C LYS B 500 4.69 15.40 10.06
N ASP B 501 5.78 14.69 10.36
CA ASP B 501 6.12 13.38 9.80
C ASP B 501 5.18 12.31 10.27
N MET B 502 4.74 12.36 11.54
CA MET B 502 3.75 11.44 12.12
C MET B 502 2.40 11.69 11.46
N TYR B 503 2.06 12.99 11.20
CA TYR B 503 0.83 13.39 10.50
C TYR B 503 0.87 12.95 9.00
N ASP B 504 2.07 12.90 8.40
CA ASP B 504 2.25 12.52 7.00
C ASP B 504 2.30 11.02 6.75
N GLN B 505 2.02 10.22 7.83
CA GLN B 505 1.84 8.77 7.85
C GLN B 505 3.08 7.85 7.92
N VAL B 506 4.12 8.24 8.68
CA VAL B 506 5.34 7.42 8.83
C VAL B 506 5.11 5.95 9.42
N LEU B 507 4.00 5.75 10.17
CA LEU B 507 3.64 4.44 10.73
C LEU B 507 3.05 3.56 9.66
N LYS B 508 2.07 4.06 8.90
CA LYS B 508 1.45 3.33 7.77
C LYS B 508 2.52 2.83 6.83
N PHE B 509 3.38 3.74 6.30
CA PHE B 509 4.43 3.37 5.35
C PHE B 509 5.53 2.44 5.88
N GLY B 510 5.94 2.66 7.13
CA GLY B 510 6.93 1.83 7.82
C GLY B 510 6.47 0.39 8.01
N ALA B 511 5.16 0.22 8.24
CA ALA B 511 4.49 -1.07 8.36
C ALA B 511 4.51 -1.80 6.99
N TYR B 512 4.58 -1.07 5.88
CA TYR B 512 4.59 -1.64 4.52
C TYR B 512 5.88 -2.34 4.17
N ILE B 513 6.95 -2.10 4.98
CA ILE B 513 8.31 -2.69 4.89
C ILE B 513 8.24 -4.08 5.49
N VAL B 514 7.52 -4.19 6.64
CA VAL B 514 7.28 -5.44 7.36
C VAL B 514 6.50 -6.37 6.42
N ASP B 515 5.35 -5.92 5.91
CA ASP B 515 4.47 -6.68 5.02
C ASP B 515 5.13 -7.14 3.73
N GLY B 516 6.07 -6.35 3.22
CA GLY B 516 6.77 -6.65 1.97
C GLY B 516 7.88 -7.67 2.08
N LEU B 517 8.59 -7.69 3.23
CA LEU B 517 9.71 -8.59 3.54
C LEU B 517 9.22 -9.94 4.03
N ARG B 518 8.05 -9.94 4.72
CA ARG B 518 7.37 -11.15 5.22
C ARG B 518 6.96 -12.00 4.02
N LYS B 519 6.46 -11.34 2.96
CA LYS B 519 6.03 -11.95 1.70
C LYS B 519 7.19 -12.13 0.72
N TYR B 520 8.42 -11.78 1.12
CA TYR B 520 9.55 -11.92 0.20
C TYR B 520 9.85 -13.40 -0.06
N ARG B 521 10.11 -13.79 -1.35
CA ARG B 521 10.30 -15.18 -1.79
C ARG B 521 11.72 -15.59 -2.23
N GLN B 522 12.65 -14.64 -2.36
CA GLN B 522 14.02 -14.95 -2.77
C GLN B 522 14.96 -14.51 -1.63
N PRO B 523 16.23 -15.00 -1.54
CA PRO B 523 17.12 -14.56 -0.44
C PRO B 523 17.19 -13.06 -0.19
N VAL B 524 17.23 -12.67 1.10
CA VAL B 524 17.36 -11.27 1.52
C VAL B 524 18.67 -11.14 2.28
N LEU B 525 19.62 -10.38 1.73
CA LEU B 525 20.91 -10.18 2.36
C LEU B 525 21.01 -8.75 2.83
N ILE B 526 20.83 -8.57 4.14
CA ILE B 526 20.90 -7.32 4.87
C ILE B 526 22.30 -7.25 5.48
N TYR B 527 23.03 -6.14 5.25
CA TYR B 527 24.39 -5.91 5.72
C TYR B 527 24.55 -4.48 6.18
N ILE B 528 25.06 -4.29 7.40
CA ILE B 528 25.31 -2.98 7.99
C ILE B 528 26.81 -2.68 7.69
N PRO B 529 27.11 -1.75 6.75
CA PRO B 529 28.51 -1.50 6.37
C PRO B 529 29.43 -0.94 7.47
N PRO B 530 30.78 -0.78 7.26
CA PRO B 530 31.61 -0.22 8.35
C PRO B 530 31.23 1.23 8.68
N TYR B 531 31.23 1.55 10.00
CA TYR B 531 30.88 2.87 10.55
C TYR B 531 29.37 3.15 10.45
N ALA B 532 28.59 2.21 9.87
CA ALA B 532 27.13 2.30 9.76
C ALA B 532 26.47 1.82 11.07
N GLU B 533 25.17 2.12 11.24
CA GLU B 533 24.41 1.77 12.44
C GLU B 533 22.96 1.36 12.11
N VAL B 534 22.38 0.49 12.91
CA VAL B 534 20.96 0.14 12.74
C VAL B 534 20.35 0.31 14.12
N ARG B 535 19.43 1.27 14.27
CA ARG B 535 18.91 1.50 15.62
C ARG B 535 17.45 1.26 15.81
N GLY B 536 17.15 0.62 16.94
CA GLY B 536 15.82 0.32 17.44
C GLY B 536 14.76 -0.05 16.45
N GLY B 537 14.00 0.97 16.05
CA GLY B 537 12.85 0.91 15.16
C GLY B 537 13.16 0.41 13.76
N SER B 538 14.34 0.78 13.22
CA SER B 538 14.80 0.35 11.89
C SER B 538 15.14 -1.16 11.79
N TRP B 539 15.71 -1.78 12.87
CA TRP B 539 16.02 -3.23 12.92
C TRP B 539 14.70 -4.03 12.91
N ALA B 540 13.72 -3.60 13.75
CA ALA B 540 12.39 -4.18 13.93
C ALA B 540 11.66 -4.47 12.62
N VAL B 541 11.65 -3.51 11.66
CA VAL B 541 10.96 -3.69 10.39
C VAL B 541 11.61 -4.72 9.46
N MET B 542 12.94 -4.95 9.62
CA MET B 542 13.71 -5.84 8.74
C MET B 542 14.36 -7.09 9.35
N ASP B 543 14.09 -7.41 10.63
CA ASP B 543 14.66 -8.58 11.32
C ASP B 543 14.34 -9.89 10.63
N THR B 544 15.28 -10.84 10.70
CA THR B 544 15.21 -12.20 10.18
C THR B 544 13.94 -12.94 10.59
N SER B 545 13.40 -12.67 11.78
CA SER B 545 12.18 -13.31 12.26
C SER B 545 10.91 -13.04 11.41
N ILE B 546 10.96 -12.03 10.54
CA ILE B 546 9.86 -11.63 9.66
C ILE B 546 9.73 -12.64 8.53
N ASN B 547 10.88 -13.16 8.06
CA ASN B 547 10.99 -14.17 7.00
C ASN B 547 12.32 -14.95 7.18
N PRO B 548 12.41 -15.89 8.15
CA PRO B 548 13.70 -16.60 8.44
C PRO B 548 14.22 -17.53 7.36
N LEU B 549 13.30 -17.92 6.46
CA LEU B 549 13.56 -18.76 5.30
C LEU B 549 14.27 -17.88 4.26
N CYS B 550 13.93 -16.57 4.18
CA CYS B 550 14.57 -15.64 3.23
C CYS B 550 15.64 -14.69 3.78
N ILE B 551 15.38 -14.09 4.96
CA ILE B 551 16.26 -13.08 5.58
C ILE B 551 17.53 -13.56 6.27
N GLU B 552 18.70 -13.00 5.84
CA GLU B 552 20.05 -13.21 6.39
C GLU B 552 20.74 -11.87 6.83
N MET B 553 21.03 -11.74 8.13
CA MET B 553 21.64 -10.51 8.67
C MET B 553 23.16 -10.56 8.87
N TYR B 554 23.89 -9.63 8.24
CA TYR B 554 25.34 -9.54 8.36
C TYR B 554 25.74 -8.15 8.82
N ALA B 555 26.73 -8.07 9.71
CA ALA B 555 27.26 -6.82 10.27
C ALA B 555 28.74 -6.68 10.01
N ASP B 556 29.20 -5.45 9.80
CA ASP B 556 30.62 -5.24 9.62
C ASP B 556 31.24 -5.04 11.01
N ARG B 557 32.54 -5.34 11.14
CA ARG B 557 33.34 -5.18 12.36
C ARG B 557 33.30 -3.75 12.95
N GLU B 558 33.19 -2.73 12.07
CA GLU B 558 33.12 -1.32 12.46
C GLU B 558 31.66 -0.73 12.46
N SER B 559 30.65 -1.61 12.43
CA SER B 559 29.22 -1.23 12.46
C SER B 559 28.67 -1.27 13.87
N ARG B 560 27.46 -0.75 14.07
CA ARG B 560 26.82 -0.72 15.40
C ARG B 560 25.33 -1.01 15.33
N ALA B 561 24.72 -1.49 16.44
CA ALA B 561 23.27 -1.74 16.60
C ALA B 561 22.83 -1.92 18.06
N SER B 562 21.64 -1.36 18.41
CA SER B 562 21.04 -1.35 19.73
C SER B 562 19.72 -0.66 19.64
N VAL B 563 18.96 -0.63 20.75
CA VAL B 563 17.64 0.01 20.87
C VAL B 563 17.77 1.56 20.76
N LEU B 564 18.78 2.15 21.44
CA LEU B 564 19.01 3.60 21.44
C LEU B 564 20.46 3.90 21.09
N GLU B 565 20.73 5.14 20.68
CA GLU B 565 22.08 5.63 20.41
C GLU B 565 22.80 5.74 21.77
N PRO B 566 24.18 5.66 21.84
CA PRO B 566 24.86 5.74 23.15
C PRO B 566 24.29 6.79 24.11
N GLU B 567 24.15 8.02 23.58
CA GLU B 567 23.61 9.23 24.19
C GLU B 567 22.23 9.00 24.80
N GLY B 568 21.42 8.13 24.17
CA GLY B 568 20.10 7.76 24.65
C GLY B 568 20.19 6.80 25.80
N THR B 569 21.05 5.74 25.66
CA THR B 569 21.27 4.71 26.67
C THR B 569 21.85 5.32 27.96
N VAL B 570 22.76 6.29 27.80
CA VAL B 570 23.41 7.05 28.88
C VAL B 570 22.39 7.98 29.58
N GLU B 571 21.40 8.53 28.81
CA GLU B 571 20.37 9.44 29.33
C GLU B 571 19.40 8.80 30.31
N ILE B 572 19.04 7.53 30.09
CA ILE B 572 18.09 6.79 30.92
C ILE B 572 18.80 5.87 31.92
N LYS B 573 19.78 5.09 31.45
CA LYS B 573 20.46 4.07 32.22
C LYS B 573 21.80 4.39 32.88
N TYR B 574 22.51 5.48 32.46
CA TYR B 574 23.78 5.90 33.07
C TYR B 574 23.70 7.37 33.54
N GLN B 575 22.72 7.63 34.41
CA GLN B 575 22.43 8.95 34.98
C GLN B 575 23.60 9.52 35.84
N LYS B 576 23.46 10.80 36.28
CA LYS B 576 24.43 11.52 37.11
C LYS B 576 24.79 10.74 38.38
N LYS B 577 23.81 10.03 39.00
CA LYS B 577 24.01 9.21 40.20
C LYS B 577 25.09 8.14 39.99
N ASP B 578 25.02 7.41 38.85
CA ASP B 578 25.99 6.38 38.47
C ASP B 578 27.30 7.01 38.03
N LEU B 579 27.21 8.18 37.37
CA LEU B 579 28.33 8.98 36.87
C LEU B 579 29.17 9.50 38.04
N VAL B 580 28.48 9.96 39.13
CA VAL B 580 29.08 10.44 40.39
C VAL B 580 29.83 9.26 41.03
N LYS B 581 29.16 8.08 41.15
CA LYS B 581 29.74 6.86 41.72
C LYS B 581 31.10 6.47 41.09
N THR B 582 31.21 6.53 39.74
CA THR B 582 32.41 6.22 38.95
C THR B 582 33.56 7.19 39.30
N ILE B 583 33.22 8.49 39.46
CA ILE B 583 34.15 9.56 39.84
C ILE B 583 34.76 9.22 41.21
N ARG B 584 33.92 8.78 42.17
CA ARG B 584 34.38 8.38 43.51
C ARG B 584 35.31 7.15 43.48
N ARG B 585 35.04 6.19 42.57
CA ARG B 585 35.79 4.94 42.44
C ARG B 585 37.06 5.06 41.60
N LEU B 586 37.02 5.83 40.49
CA LEU B 586 38.19 5.94 39.61
C LEU B 586 39.06 7.19 39.78
N ASP B 587 38.61 8.15 40.59
CA ASP B 587 39.38 9.38 40.80
C ASP B 587 40.15 9.34 42.11
N PRO B 588 41.50 9.45 42.05
CA PRO B 588 42.30 9.42 43.29
C PRO B 588 41.93 10.56 44.24
N ILE B 589 41.91 11.82 43.73
CA ILE B 589 41.57 13.04 44.48
C ILE B 589 40.20 12.94 45.16
N SER B 590 39.20 12.36 44.45
CA SER B 590 37.83 12.17 44.97
C SER B 590 37.78 11.03 45.99
N LYS B 591 38.25 11.32 47.21
CA LYS B 591 38.31 10.38 48.34
C LYS B 591 38.24 11.13 49.66
N GLN B 613 36.09 20.92 48.31
CA GLN B 613 36.30 19.50 48.59
C GLN B 613 35.81 18.59 47.42
N LEU B 614 35.03 17.53 47.73
CA LEU B 614 34.46 16.54 46.81
C LEU B 614 33.64 17.14 45.65
N LYS B 615 32.48 17.78 45.98
CA LYS B 615 31.53 18.41 45.05
C LYS B 615 32.17 19.28 43.97
N ALA B 616 33.26 19.99 44.31
CA ALA B 616 33.98 20.86 43.40
C ALA B 616 34.82 20.04 42.38
N ARG B 617 35.44 18.92 42.83
CA ARG B 617 36.25 18.04 41.98
C ARG B 617 35.38 17.36 40.92
N GLU B 618 34.25 16.80 41.38
CA GLU B 618 33.30 16.08 40.53
C GLU B 618 32.57 16.94 39.50
N ASP B 619 32.32 18.22 39.81
CA ASP B 619 31.67 19.15 38.89
C ASP B 619 32.56 19.44 37.69
N LEU B 620 33.88 19.51 37.89
CA LEU B 620 34.85 19.73 36.81
C LEU B 620 35.23 18.39 36.13
N LEU B 621 34.72 17.26 36.66
CA LEU B 621 34.94 15.91 36.11
C LEU B 621 33.70 15.33 35.41
N LEU B 622 32.51 15.87 35.72
CA LEU B 622 31.23 15.44 35.12
C LEU B 622 31.16 15.52 33.59
N PRO B 623 31.64 16.60 32.89
CA PRO B 623 31.62 16.56 31.42
C PRO B 623 32.52 15.48 30.81
N MET B 624 33.56 15.01 31.54
CA MET B 624 34.47 13.96 31.06
C MET B 624 34.11 12.52 31.40
N TYR B 625 33.63 12.26 32.63
CA TYR B 625 33.17 10.93 33.04
C TYR B 625 31.86 10.62 32.33
N HIS B 626 31.22 11.65 31.73
CA HIS B 626 30.02 11.49 30.93
C HIS B 626 30.42 10.82 29.61
N GLN B 627 31.51 11.33 28.99
CA GLN B 627 32.05 10.81 27.72
C GLN B 627 32.52 9.34 27.87
N VAL B 628 32.90 8.99 29.11
CA VAL B 628 33.36 7.69 29.56
C VAL B 628 32.16 6.75 29.61
N ALA B 629 30.98 7.27 30.03
CA ALA B 629 29.73 6.53 30.06
C ALA B 629 29.26 6.22 28.62
N LEU B 630 29.56 7.13 27.66
CA LEU B 630 29.24 7.00 26.23
C LEU B 630 30.05 5.89 25.58
N HIS B 631 31.36 5.84 25.96
CA HIS B 631 32.32 4.83 25.55
C HIS B 631 31.81 3.46 26.03
N PHE B 632 31.29 3.40 27.26
CA PHE B 632 30.73 2.22 27.92
C PHE B 632 29.45 1.68 27.24
N ALA B 633 28.52 2.60 26.88
CA ALA B 633 27.27 2.24 26.18
C ALA B 633 27.55 1.80 24.75
N ASP B 634 28.59 2.37 24.10
CA ASP B 634 28.96 2.02 22.73
C ASP B 634 29.53 0.61 22.56
N LEU B 635 30.21 0.07 23.60
CA LEU B 635 30.79 -1.29 23.54
C LEU B 635 29.72 -2.40 23.64
N HIS B 636 28.46 -2.02 23.91
CA HIS B 636 27.29 -2.91 23.97
C HIS B 636 26.68 -2.97 22.56
N ASP B 637 27.06 -2.02 21.69
CA ASP B 637 26.49 -1.82 20.35
C ASP B 637 27.38 -2.37 19.23
N THR B 638 28.42 -3.13 19.60
CA THR B 638 29.38 -3.73 18.66
C THR B 638 28.76 -4.95 17.96
N ALA B 639 29.36 -5.37 16.81
CA ALA B 639 28.99 -6.59 16.10
C ALA B 639 29.24 -7.82 17.01
N GLY B 640 30.27 -7.76 17.86
CA GLY B 640 30.62 -8.81 18.83
C GLY B 640 29.43 -9.25 19.63
N ARG B 641 28.65 -8.28 20.17
CA ARG B 641 27.40 -8.53 20.91
C ARG B 641 26.33 -9.15 19.99
N MET B 642 26.15 -8.58 18.78
CA MET B 642 25.18 -9.04 17.78
C MET B 642 25.39 -10.53 17.46
N LEU B 643 26.66 -10.95 17.24
CA LEU B 643 27.00 -12.34 16.93
C LEU B 643 26.73 -13.25 18.12
N GLU B 644 27.08 -12.82 19.35
CA GLU B 644 26.87 -13.57 20.59
C GLU B 644 25.40 -13.86 20.88
N LYS B 645 24.52 -12.89 20.58
CA LYS B 645 23.07 -12.98 20.81
C LYS B 645 22.33 -13.73 19.72
N GLY B 646 23.05 -14.10 18.67
CA GLY B 646 22.58 -14.86 17.51
C GLY B 646 21.74 -14.05 16.55
N VAL B 647 21.85 -12.69 16.63
CA VAL B 647 21.04 -11.80 15.79
C VAL B 647 21.52 -11.63 14.35
N ILE B 648 22.81 -11.87 14.12
CA ILE B 648 23.45 -11.79 12.82
C ILE B 648 24.04 -13.18 12.45
N TYR B 649 24.16 -13.48 11.13
CA TYR B 649 24.73 -14.73 10.67
C TYR B 649 26.20 -14.76 10.94
N ASP B 650 26.91 -13.66 10.58
CA ASP B 650 28.34 -13.49 10.80
C ASP B 650 28.78 -12.01 10.71
N ILE B 651 29.98 -11.77 11.28
CA ILE B 651 30.69 -10.49 11.29
C ILE B 651 31.58 -10.53 10.04
N LEU B 652 31.43 -9.52 9.15
CA LEU B 652 32.16 -9.42 7.88
C LEU B 652 33.14 -8.28 7.94
N GLU B 653 34.03 -8.20 6.95
CA GLU B 653 35.03 -7.14 6.85
C GLU B 653 34.87 -6.53 5.49
N TRP B 654 34.70 -5.19 5.44
CA TRP B 654 34.49 -4.41 4.21
C TRP B 654 35.25 -4.92 2.98
N LYS B 655 36.59 -4.90 3.08
CA LYS B 655 37.53 -5.36 2.06
C LYS B 655 37.11 -6.67 1.37
N THR B 656 36.74 -7.70 2.19
CA THR B 656 36.38 -9.06 1.74
C THR B 656 34.87 -9.40 1.64
N ALA B 657 33.98 -8.43 1.96
CA ALA B 657 32.51 -8.56 1.94
C ALA B 657 31.94 -8.95 0.57
N ARG B 658 32.50 -8.38 -0.53
CA ARG B 658 32.06 -8.67 -1.91
C ARG B 658 32.27 -10.15 -2.24
N SER B 659 33.51 -10.69 -1.98
CA SER B 659 33.90 -12.09 -2.20
C SER B 659 32.96 -12.97 -1.38
N PHE B 660 32.90 -12.73 -0.02
CA PHE B 660 32.07 -13.42 0.95
C PHE B 660 30.61 -13.57 0.55
N LEU B 661 29.87 -12.42 0.47
CA LEU B 661 28.44 -12.37 0.11
C LEU B 661 28.11 -12.93 -1.28
N TYR B 662 29.10 -12.98 -2.22
CA TYR B 662 28.92 -13.58 -3.55
C TYR B 662 28.75 -15.10 -3.43
N TRP B 663 29.69 -15.79 -2.73
CA TRP B 663 29.64 -17.24 -2.54
C TRP B 663 28.42 -17.64 -1.71
N ARG B 664 28.02 -16.79 -0.73
CA ARG B 664 26.83 -17.05 0.08
C ARG B 664 25.55 -16.89 -0.75
N LEU B 665 25.50 -15.90 -1.67
CA LEU B 665 24.35 -15.71 -2.55
C LEU B 665 24.31 -16.79 -3.65
N ARG B 666 25.49 -17.20 -4.16
CA ARG B 666 25.60 -18.29 -5.14
C ARG B 666 25.06 -19.57 -4.47
N ARG B 667 25.43 -19.78 -3.17
CA ARG B 667 25.00 -20.91 -2.35
C ARG B 667 23.52 -20.93 -2.11
N LEU B 668 22.97 -19.80 -1.65
CA LEU B 668 21.54 -19.64 -1.35
C LEU B 668 20.70 -19.89 -2.56
N LEU B 669 21.13 -19.38 -3.73
CA LEU B 669 20.41 -19.59 -4.99
C LEU B 669 20.44 -21.01 -5.47
N LEU B 670 21.62 -21.64 -5.44
CA LEU B 670 21.78 -23.04 -5.84
C LEU B 670 20.93 -23.98 -4.99
N GLU B 671 20.98 -23.84 -3.63
CA GLU B 671 20.24 -24.63 -2.64
C GLU B 671 18.72 -24.49 -2.72
N SER B 672 18.22 -23.28 -3.08
CA SER B 672 16.79 -22.99 -3.17
C SER B 672 16.14 -23.77 -4.31
N GLN B 673 16.92 -23.98 -5.41
CA GLN B 673 16.54 -24.74 -6.59
C GLN B 673 16.50 -26.24 -6.26
N VAL B 674 17.46 -26.71 -5.44
CA VAL B 674 17.50 -28.08 -4.93
C VAL B 674 16.24 -28.30 -4.07
N LYS B 675 15.94 -27.35 -3.16
CA LYS B 675 14.79 -27.37 -2.24
C LYS B 675 13.46 -27.41 -2.98
N GLN B 676 13.39 -26.77 -4.15
CA GLN B 676 12.21 -26.69 -5.01
C GLN B 676 12.00 -28.03 -5.74
N GLU B 677 13.08 -28.62 -6.28
CA GLU B 677 13.04 -29.90 -6.98
C GLU B 677 12.56 -31.01 -6.00
N VAL B 678 13.10 -30.97 -4.75
CA VAL B 678 12.76 -31.87 -3.63
C VAL B 678 11.29 -31.70 -3.22
N LEU B 679 10.87 -30.49 -2.76
CA LEU B 679 9.48 -30.23 -2.36
C LEU B 679 8.47 -30.19 -3.53
N ARG B 680 8.80 -30.79 -4.70
CA ARG B 680 7.87 -30.87 -5.85
C ARG B 680 7.16 -32.21 -5.81
N ALA B 681 7.94 -33.25 -5.42
CA ALA B 681 7.53 -34.64 -5.27
C ALA B 681 6.96 -34.88 -3.88
N CYS B 682 7.61 -34.29 -2.86
CA CYS B 682 7.26 -34.46 -1.46
C CYS B 682 7.14 -33.09 -0.77
N PRO B 683 6.05 -32.32 -1.03
CA PRO B 683 5.92 -30.97 -0.43
C PRO B 683 5.67 -30.94 1.08
N GLU B 684 5.69 -32.12 1.72
CA GLU B 684 5.50 -32.27 3.15
C GLU B 684 6.82 -32.17 3.91
N LEU B 685 7.95 -32.48 3.22
CA LEU B 685 9.31 -32.32 3.78
C LEU B 685 9.55 -30.83 4.05
N SER B 686 10.41 -30.49 4.99
CA SER B 686 10.69 -29.09 5.31
C SER B 686 12.03 -28.62 4.69
N HIS B 687 12.45 -27.40 5.06
CA HIS B 687 13.71 -26.78 4.66
C HIS B 687 14.84 -27.58 5.31
N MET B 688 14.62 -28.09 6.55
CA MET B 688 15.64 -28.86 7.27
C MET B 688 15.90 -30.26 6.75
N HIS B 689 14.90 -30.92 6.15
CA HIS B 689 15.12 -32.24 5.52
C HIS B 689 16.08 -32.05 4.32
N VAL B 690 16.02 -30.85 3.65
CA VAL B 690 16.85 -30.44 2.50
C VAL B 690 18.25 -30.07 2.96
N GLN B 691 18.34 -29.34 4.09
CA GLN B 691 19.61 -28.92 4.68
C GLN B 691 20.51 -30.08 5.06
N SER B 692 20.00 -31.05 5.85
CA SER B 692 20.80 -32.19 6.30
C SER B 692 21.11 -33.20 5.22
N MET B 693 20.23 -33.34 4.21
CA MET B 693 20.42 -34.21 3.04
C MET B 693 21.68 -33.78 2.29
N LEU B 694 21.76 -32.50 1.82
CA LEU B 694 22.91 -31.94 1.11
C LEU B 694 24.14 -31.97 2.04
N ARG B 695 23.96 -31.63 3.34
CA ARG B 695 25.00 -31.67 4.37
C ARG B 695 25.59 -33.05 4.49
N ARG B 696 24.74 -34.10 4.67
CA ARG B 696 25.18 -35.49 4.76
C ARG B 696 25.68 -36.00 3.40
N TRP B 697 25.10 -35.50 2.28
CA TRP B 697 25.56 -35.85 0.94
C TRP B 697 27.00 -35.33 0.76
N PHE B 698 27.32 -34.19 1.35
CA PHE B 698 28.67 -33.62 1.30
C PHE B 698 29.64 -34.39 2.22
N VAL B 699 29.13 -34.95 3.35
CA VAL B 699 29.90 -35.65 4.39
C VAL B 699 31.09 -36.57 3.98
N GLU B 700 31.02 -37.78 3.34
CA GLU B 700 30.05 -38.68 2.68
C GLU B 700 30.15 -38.70 1.14
N THR B 701 31.10 -37.90 0.62
CA THR B 701 31.54 -37.71 -0.77
C THR B 701 32.95 -37.11 -0.71
N GLU B 702 33.10 -35.98 0.04
CA GLU B 702 34.35 -35.23 0.18
C GLU B 702 35.18 -35.65 1.40
N GLY B 703 34.53 -35.85 2.54
CA GLY B 703 35.20 -36.20 3.77
C GLY B 703 35.02 -37.65 4.20
N ALA B 704 34.65 -37.93 5.49
CA ALA B 704 34.27 -37.03 6.60
C ALA B 704 35.34 -36.12 7.24
N VAL B 705 36.54 -36.03 6.62
CA VAL B 705 37.63 -35.15 7.08
C VAL B 705 37.28 -33.68 6.75
N LYS B 706 36.63 -33.46 5.59
CA LYS B 706 36.22 -32.15 5.09
C LYS B 706 34.82 -31.71 5.59
N ALA B 707 34.31 -32.29 6.70
CA ALA B 707 32.99 -31.98 7.26
C ALA B 707 32.86 -30.53 7.73
N TYR B 708 33.95 -29.96 8.26
CA TYR B 708 34.03 -28.57 8.74
C TYR B 708 33.88 -27.53 7.59
N LEU B 709 34.15 -27.96 6.32
CA LEU B 709 34.07 -27.15 5.11
C LEU B 709 32.65 -27.00 4.55
N TRP B 710 31.64 -27.62 5.19
CA TRP B 710 30.23 -27.45 4.84
C TRP B 710 29.84 -26.01 5.26
N ASP B 711 30.62 -25.42 6.21
CA ASP B 711 30.52 -24.06 6.72
C ASP B 711 31.22 -23.02 5.81
N ASN B 712 32.06 -23.49 4.84
CA ASN B 712 32.80 -22.65 3.87
C ASN B 712 31.93 -22.54 2.60
N ASN B 713 31.51 -21.30 2.23
CA ASN B 713 30.61 -21.07 1.08
C ASN B 713 31.13 -21.38 -0.32
N GLN B 714 32.35 -20.95 -0.64
CA GLN B 714 33.01 -21.24 -1.92
C GLN B 714 33.04 -22.75 -2.19
N THR B 715 33.41 -23.55 -1.16
CA THR B 715 33.56 -25.00 -1.19
C THR B 715 32.26 -25.73 -1.50
N VAL B 716 31.19 -25.34 -0.84
CA VAL B 716 29.87 -25.93 -1.06
C VAL B 716 29.38 -25.60 -2.47
N VAL B 717 29.62 -24.36 -2.95
CA VAL B 717 29.24 -23.87 -4.30
C VAL B 717 29.99 -24.69 -5.38
N GLN B 718 31.30 -24.91 -5.16
CA GLN B 718 32.15 -25.68 -6.05
C GLN B 718 31.63 -27.12 -6.15
N TRP B 719 31.36 -27.77 -5.00
CA TRP B 719 30.75 -29.09 -4.88
C TRP B 719 29.36 -29.09 -5.57
N LEU B 720 28.56 -28.01 -5.42
CA LEU B 720 27.23 -27.90 -6.03
C LEU B 720 27.29 -27.79 -7.54
N GLU B 721 28.02 -26.78 -8.06
CA GLU B 721 28.22 -26.48 -9.49
C GLU B 721 28.72 -27.72 -10.22
N ALA B 722 29.67 -28.47 -9.60
CA ALA B 722 30.18 -29.73 -10.13
C ALA B 722 29.13 -30.86 -10.00
N HIS B 723 28.75 -31.28 -8.76
CA HIS B 723 27.75 -32.33 -8.49
C HIS B 723 26.37 -31.91 -9.02
#